data_5U7K
#
_entry.id   5U7K
#
_cell.length_a   55.866
_cell.length_b   73.508
_cell.length_c   91.494
_cell.angle_alpha   109.380
_cell.angle_beta   91.230
_cell.angle_gamma   90.670
#
_symmetry.space_group_name_H-M   'P 1'
#
loop_
_entity.id
_entity.type
_entity.pdbx_description
1 polymer "cGMP-dependent 3',5'-cyclic phosphodiesterase"
2 non-polymer 'ZINC ION'
3 non-polymer 'MAGNESIUM ION'
4 non-polymer 3-[5-(4-ethylphenyl)-1-methyl-1H-pyrazol-4-yl]-5-propoxy[1,2,4]triazolo[4,3-a]pyrazine
5 non-polymer 'CHLORIDE ION'
6 water water
#
_entity_poly.entity_id   1
_entity_poly.type   'polypeptide(L)'
_entity_poly.pdbx_seq_one_letter_code
;GSAMDDEYTKLLHDGIQPVAAIDSNFASFTYTPRSLPEDDTSMAILSMLQDMNFINNYKIDCPTLARFCLMVKKGYRDPP
YHNWMHAFSVSHFCYLLYKNLELTNYLEDIEIFALFISCMCHDLDHRGTNNSFQVASKSVLAALYSSEGSVMERHHFAQA
IAILNTHGCNIFDHFSRKDYQRMLDLMRDIILATDLAHHLRIFKDLQKMAEVGYDRNNKQHHRLLLCLLMTSCDLSDQTK
GWKTTRKIAELIYKEFFSQGDLEKAMGNRPMEMMDREKAYIPELQISFMEHIAMPIYKLLQDLFPKAAELYERVASNREH
WTKVSHKFTIRGLPSNNSLDFLDEE
;
_entity_poly.pdbx_strand_id   A,B,C,D
#
# COMPACT_ATOMS: atom_id res chain seq x y z
N ALA A 3 -14.66 -13.10 8.18
CA ALA A 3 -13.70 -13.83 7.28
C ALA A 3 -12.95 -12.86 6.33
N MET A 4 -12.76 -11.62 6.79
CA MET A 4 -12.21 -10.52 5.97
C MET A 4 -10.68 -10.46 5.96
N ASP A 5 -10.06 -10.47 7.14
CA ASP A 5 -8.60 -10.46 7.24
C ASP A 5 -8.04 -11.87 7.25
N ASP A 6 -8.77 -12.79 7.87
CA ASP A 6 -8.71 -14.20 7.48
C ASP A 6 -8.45 -14.27 5.97
N GLU A 7 -9.07 -13.34 5.23
CA GLU A 7 -9.12 -13.39 3.76
C GLU A 7 -7.80 -12.95 3.11
N TYR A 8 -7.33 -11.77 3.45
CA TYR A 8 -6.03 -11.37 2.96
C TYR A 8 -4.92 -12.44 3.23
N THR A 9 -4.94 -13.02 4.43
CA THR A 9 -3.89 -13.91 4.87
C THR A 9 -3.86 -15.18 4.05
N LYS A 10 -5.01 -15.82 3.91
CA LYS A 10 -5.07 -17.03 3.11
C LYS A 10 -4.63 -16.68 1.71
N LEU A 11 -5.31 -15.69 1.14
CA LEU A 11 -5.03 -15.23 -0.21
C LEU A 11 -3.54 -15.10 -0.48
N LEU A 12 -2.82 -14.48 0.45
CA LEU A 12 -1.39 -14.16 0.28
C LEU A 12 -0.38 -15.31 0.56
N HIS A 13 -0.62 -16.08 1.62
CA HIS A 13 0.39 -16.99 2.18
C HIS A 13 0.35 -18.48 1.74
N ASP A 14 -0.83 -18.92 1.28
CA ASP A 14 -0.96 -20.13 0.47
C ASP A 14 -0.36 -19.87 -0.92
N GLY A 15 -0.18 -20.93 -1.71
CA GLY A 15 -0.02 -20.72 -3.14
C GLY A 15 -1.19 -20.03 -3.85
N ILE A 16 -0.97 -19.69 -5.11
CA ILE A 16 -2.09 -19.51 -6.04
C ILE A 16 -2.41 -20.82 -6.79
N GLN A 17 -3.62 -21.33 -6.60
CA GLN A 17 -4.10 -22.57 -7.22
C GLN A 17 -3.91 -22.57 -8.75
N PRO A 18 -3.50 -23.72 -9.32
CA PRO A 18 -3.51 -23.78 -10.78
C PRO A 18 -4.96 -23.70 -11.29
N VAL A 19 -5.18 -22.93 -12.35
CA VAL A 19 -6.50 -22.71 -12.94
C VAL A 19 -7.25 -24.03 -13.17
N ALA A 20 -6.54 -25.08 -13.56
CA ALA A 20 -7.21 -26.33 -13.91
C ALA A 20 -7.76 -26.96 -12.66
N ALA A 21 -7.07 -26.74 -11.54
CA ALA A 21 -7.54 -27.27 -10.29
C ALA A 21 -8.84 -26.60 -9.83
N ILE A 22 -9.14 -25.40 -10.34
CA ILE A 22 -10.37 -24.69 -9.95
C ILE A 22 -11.58 -25.47 -10.46
N ASP A 23 -11.52 -25.82 -11.74
CA ASP A 23 -12.52 -26.63 -12.39
C ASP A 23 -11.89 -27.10 -13.70
N SER A 24 -12.17 -28.36 -14.07
CA SER A 24 -11.48 -28.95 -15.22
C SER A 24 -11.84 -28.23 -16.51
N ASN A 25 -13.02 -27.62 -16.51
CA ASN A 25 -13.44 -26.78 -17.62
C ASN A 25 -13.31 -25.23 -17.44
N PHE A 26 -12.45 -24.80 -16.52
CA PHE A 26 -12.36 -23.38 -16.10
C PHE A 26 -11.98 -22.50 -17.28
N ALA A 27 -11.20 -23.05 -18.20
CA ALA A 27 -10.73 -22.26 -19.31
C ALA A 27 -11.48 -22.46 -20.65
N SER A 28 -12.71 -22.94 -20.61
CA SER A 28 -13.53 -23.13 -21.82
C SER A 28 -14.70 -22.17 -21.83
N PHE A 29 -15.17 -21.85 -23.04
CA PHE A 29 -16.26 -20.94 -23.31
C PHE A 29 -17.61 -21.41 -22.77
N THR A 30 -17.69 -22.68 -22.34
CA THR A 30 -18.92 -23.20 -21.74
C THR A 30 -18.90 -23.13 -20.23
N TYR A 31 -17.76 -22.77 -19.64
CA TYR A 31 -17.71 -22.50 -18.19
C TYR A 31 -18.55 -21.28 -17.78
N THR A 32 -19.40 -21.43 -16.77
CA THR A 32 -20.11 -20.30 -16.15
C THR A 32 -19.46 -19.90 -14.85
N PRO A 33 -18.68 -18.81 -14.90
CA PRO A 33 -17.95 -18.22 -13.80
C PRO A 33 -18.80 -17.96 -12.56
N ARG A 34 -20.08 -17.67 -12.76
CA ARG A 34 -20.97 -17.36 -11.65
C ARG A 34 -21.36 -18.65 -10.93
N SER A 35 -20.85 -19.79 -11.39
CA SER A 35 -21.05 -21.01 -10.61
C SER A 35 -19.99 -21.24 -9.51
N LEU A 36 -18.81 -20.62 -9.65
CA LEU A 36 -17.88 -20.44 -8.53
C LEU A 36 -18.38 -19.62 -7.33
N PRO A 37 -18.28 -20.20 -6.11
CA PRO A 37 -18.65 -19.48 -4.88
C PRO A 37 -17.97 -18.13 -4.83
N GLU A 38 -18.66 -17.12 -4.32
CA GLU A 38 -18.08 -15.79 -4.27
C GLU A 38 -16.86 -15.79 -3.38
N ASP A 39 -16.81 -16.74 -2.46
CA ASP A 39 -15.68 -16.83 -1.53
C ASP A 39 -14.37 -17.21 -2.22
N ASP A 40 -14.46 -17.77 -3.41
CA ASP A 40 -13.31 -18.31 -4.13
C ASP A 40 -12.85 -17.41 -5.29
N THR A 41 -13.55 -16.32 -5.51
CA THR A 41 -13.35 -15.54 -6.73
C THR A 41 -12.05 -14.74 -6.73
N SER A 42 -11.67 -14.21 -5.57
CA SER A 42 -10.38 -13.52 -5.44
C SER A 42 -9.18 -14.40 -5.71
N MET A 43 -9.20 -15.61 -5.19
CA MET A 43 -8.22 -16.63 -5.51
C MET A 43 -8.20 -16.93 -6.98
N ALA A 44 -9.38 -17.14 -7.56
CA ALA A 44 -9.55 -17.30 -9.01
C ALA A 44 -8.97 -16.18 -9.88
N ILE A 45 -9.14 -14.93 -9.45
CA ILE A 45 -8.58 -13.80 -10.21
C ILE A 45 -7.09 -14.01 -10.28
N LEU A 46 -6.51 -14.46 -9.18
CA LEU A 46 -5.05 -14.56 -9.03
C LEU A 46 -4.49 -15.71 -9.83
N SER A 47 -5.25 -16.81 -9.86
CA SER A 47 -4.96 -17.98 -10.73
C SER A 47 -4.88 -17.59 -12.18
N MET A 48 -5.88 -16.84 -12.66
CA MET A 48 -5.87 -16.34 -14.04
C MET A 48 -4.69 -15.41 -14.31
N LEU A 49 -4.41 -14.49 -13.39
CA LEU A 49 -3.27 -13.58 -13.55
C LEU A 49 -1.95 -14.36 -13.69
N GLN A 50 -1.75 -15.31 -12.76
CA GLN A 50 -0.63 -16.25 -12.80
C GLN A 50 -0.63 -17.13 -14.05
N ASP A 51 -1.77 -17.67 -14.45
CA ASP A 51 -1.82 -18.40 -15.72
C ASP A 51 -1.44 -17.52 -16.93
N MET A 52 -1.90 -16.28 -16.92
CA MET A 52 -1.61 -15.41 -18.03
C MET A 52 -0.20 -14.85 -17.91
N ASN A 53 0.42 -15.08 -16.75
CA ASN A 53 1.88 -14.90 -16.57
C ASN A 53 2.26 -13.45 -16.26
N PHE A 54 1.26 -12.65 -15.86
CA PHE A 54 1.45 -11.23 -15.57
C PHE A 54 2.16 -10.99 -14.24
N ILE A 55 1.84 -11.81 -13.24
CA ILE A 55 2.50 -11.76 -11.92
C ILE A 55 4.03 -11.96 -12.05
N ASN A 56 4.46 -13.12 -12.54
CA ASN A 56 5.88 -13.41 -12.75
C ASN A 56 6.54 -12.70 -13.96
N ASN A 57 5.72 -12.19 -14.88
CA ASN A 57 6.23 -11.26 -15.89
C ASN A 57 6.70 -9.94 -15.25
N TYR A 58 5.76 -9.22 -14.61
CA TYR A 58 5.99 -7.85 -14.19
C TYR A 58 6.54 -7.74 -12.77
N LYS A 59 7.01 -8.87 -12.23
CA LYS A 59 7.44 -8.94 -10.83
C LYS A 59 6.53 -8.12 -9.93
N ILE A 60 5.24 -8.44 -9.98
CA ILE A 60 4.25 -7.75 -9.16
C ILE A 60 4.28 -8.28 -7.74
N ASP A 61 4.21 -7.37 -6.78
CA ASP A 61 4.22 -7.74 -5.38
C ASP A 61 2.95 -8.52 -5.06
N CYS A 62 3.11 -9.83 -4.89
CA CYS A 62 2.05 -10.70 -4.39
C CYS A 62 1.22 -10.13 -3.24
N PRO A 63 1.86 -9.53 -2.20
CA PRO A 63 1.10 -8.72 -1.21
C PRO A 63 0.27 -7.60 -1.85
N THR A 64 0.93 -6.78 -2.69
CA THR A 64 0.29 -5.70 -3.47
C THR A 64 -0.89 -6.22 -4.32
N LEU A 65 -0.62 -7.21 -5.17
CA LEU A 65 -1.62 -7.87 -5.99
C LEU A 65 -2.81 -8.48 -5.24
N ALA A 66 -2.54 -9.29 -4.23
CA ALA A 66 -3.64 -9.81 -3.43
C ALA A 66 -4.40 -8.67 -2.74
N ARG A 67 -3.69 -7.65 -2.26
CA ARG A 67 -4.35 -6.49 -1.64
C ARG A 67 -5.16 -5.68 -2.69
N PHE A 68 -4.64 -5.56 -3.91
CA PHE A 68 -5.38 -4.93 -5.03
C PHE A 68 -6.74 -5.59 -5.24
N CYS A 69 -6.68 -6.87 -5.60
CA CYS A 69 -7.83 -7.74 -5.68
C CYS A 69 -8.92 -7.58 -4.63
N LEU A 70 -8.57 -7.63 -3.35
CA LEU A 70 -9.58 -7.49 -2.29
C LEU A 70 -10.14 -6.08 -2.21
N MET A 71 -9.31 -5.11 -2.53
CA MET A 71 -9.76 -3.73 -2.53
CA MET A 71 -9.73 -3.72 -2.55
C MET A 71 -10.70 -3.46 -3.71
N VAL A 72 -10.42 -4.05 -4.88
CA VAL A 72 -11.34 -4.02 -6.01
C VAL A 72 -12.70 -4.65 -5.67
N LYS A 73 -12.70 -5.91 -5.21
CA LYS A 73 -13.89 -6.57 -4.72
CA LYS A 73 -13.92 -6.57 -4.74
C LYS A 73 -14.72 -5.72 -3.76
N LYS A 74 -14.04 -5.00 -2.87
CA LYS A 74 -14.69 -4.27 -1.79
C LYS A 74 -15.22 -2.96 -2.31
N GLY A 75 -14.76 -2.58 -3.49
CA GLY A 75 -15.18 -1.32 -4.10
C GLY A 75 -16.47 -1.43 -4.85
N TYR A 76 -17.04 -2.63 -4.86
CA TYR A 76 -18.36 -2.82 -5.43
C TYR A 76 -19.40 -2.76 -4.32
N ARG A 77 -20.55 -2.13 -4.61
CA ARG A 77 -21.73 -2.27 -3.77
C ARG A 77 -22.50 -3.54 -4.14
N ASP A 78 -23.73 -3.67 -3.66
CA ASP A 78 -24.48 -4.87 -3.98
C ASP A 78 -25.85 -4.62 -4.54
N PRO A 79 -25.94 -3.84 -5.66
CA PRO A 79 -27.19 -3.89 -6.40
C PRO A 79 -27.36 -5.28 -7.01
N PRO A 80 -28.56 -5.59 -7.51
CA PRO A 80 -28.81 -6.94 -8.02
C PRO A 80 -27.88 -7.37 -9.14
N TYR A 81 -27.59 -6.49 -10.10
CA TYR A 81 -26.76 -6.89 -11.23
C TYR A 81 -25.29 -6.40 -11.15
N HIS A 82 -25.08 -5.12 -10.85
CA HIS A 82 -23.79 -4.47 -11.04
C HIS A 82 -23.00 -4.55 -9.77
N ASN A 83 -22.57 -5.76 -9.49
CA ASN A 83 -21.86 -6.07 -8.27
C ASN A 83 -20.55 -6.80 -8.60
N TRP A 84 -19.84 -7.29 -7.60
CA TRP A 84 -18.57 -7.96 -7.81
C TRP A 84 -18.66 -9.21 -8.68
N MET A 85 -19.74 -9.98 -8.55
CA MET A 85 -19.84 -11.21 -9.35
C MET A 85 -20.01 -10.92 -10.83
N HIS A 86 -20.62 -9.79 -11.16
CA HIS A 86 -20.54 -9.24 -12.50
C HIS A 86 -19.11 -8.99 -12.99
N ALA A 87 -18.40 -8.12 -12.26
CA ALA A 87 -16.97 -7.86 -12.47
C ALA A 87 -16.15 -9.12 -12.59
N PHE A 88 -16.38 -10.07 -11.69
CA PHE A 88 -15.64 -11.32 -11.76
C PHE A 88 -15.85 -12.14 -13.01
N SER A 89 -17.09 -12.36 -13.40
CA SER A 89 -17.38 -13.09 -14.63
C SER A 89 -17.00 -12.34 -15.91
N VAL A 90 -17.07 -11.00 -15.88
CA VAL A 90 -16.49 -10.15 -16.94
C VAL A 90 -14.95 -10.31 -17.07
N SER A 91 -14.24 -10.35 -15.95
CA SER A 91 -12.78 -10.58 -15.91
C SER A 91 -12.44 -11.97 -16.40
N HIS A 92 -13.26 -12.93 -15.94
CA HIS A 92 -13.12 -14.32 -16.37
C HIS A 92 -13.26 -14.46 -17.88
N PHE A 93 -14.26 -13.81 -18.47
CA PHE A 93 -14.37 -13.85 -19.96
C PHE A 93 -13.14 -13.30 -20.68
N CYS A 94 -12.62 -12.20 -20.19
CA CYS A 94 -11.37 -11.68 -20.69
C CYS A 94 -10.28 -12.77 -20.69
N TYR A 95 -10.15 -13.47 -19.58
CA TYR A 95 -9.23 -14.58 -19.48
C TYR A 95 -9.51 -15.69 -20.53
N LEU A 96 -10.77 -16.08 -20.68
CA LEU A 96 -11.20 -16.92 -21.78
C LEU A 96 -10.77 -16.43 -23.17
N LEU A 97 -10.98 -15.15 -23.44
CA LEU A 97 -10.57 -14.58 -24.73
C LEU A 97 -9.07 -14.75 -24.95
N TYR A 98 -8.28 -14.45 -23.91
CA TYR A 98 -6.83 -14.55 -23.99
C TYR A 98 -6.41 -16.00 -24.23
N LYS A 99 -7.13 -16.94 -23.61
CA LYS A 99 -6.82 -18.38 -23.69
C LYS A 99 -7.26 -19.01 -24.99
N ASN A 100 -8.48 -18.70 -25.42
CA ASN A 100 -9.05 -19.40 -26.57
C ASN A 100 -8.77 -18.68 -27.89
N LEU A 101 -8.54 -17.38 -27.82
CA LEU A 101 -8.36 -16.60 -29.07
C LEU A 101 -6.89 -16.24 -29.33
N GLU A 102 -6.00 -16.52 -28.37
CA GLU A 102 -4.58 -16.22 -28.49
C GLU A 102 -4.28 -14.74 -28.68
N LEU A 103 -4.67 -13.94 -27.70
CA LEU A 103 -4.53 -12.50 -27.79
C LEU A 103 -3.10 -12.03 -28.00
N THR A 104 -2.12 -12.81 -27.54
CA THR A 104 -0.74 -12.33 -27.58
C THR A 104 -0.26 -12.16 -29.00
N ASN A 105 -0.97 -12.75 -29.95
CA ASN A 105 -0.70 -12.56 -31.38
C ASN A 105 -1.36 -11.32 -31.95
N TYR A 106 -2.06 -10.57 -31.10
CA TYR A 106 -2.94 -9.50 -31.60
C TYR A 106 -2.63 -8.22 -30.88
N LEU A 107 -2.24 -8.33 -29.62
CA LEU A 107 -2.09 -7.18 -28.76
C LEU A 107 -0.81 -7.31 -27.95
N GLU A 108 -0.30 -6.18 -27.46
CA GLU A 108 0.92 -6.16 -26.66
CA GLU A 108 0.91 -6.17 -26.67
C GLU A 108 0.58 -6.62 -25.24
N ASP A 109 1.55 -7.20 -24.54
CA ASP A 109 1.29 -7.73 -23.21
C ASP A 109 0.65 -6.69 -22.32
N ILE A 110 1.11 -5.45 -22.45
CA ILE A 110 0.59 -4.34 -21.66
C ILE A 110 -0.88 -4.03 -21.93
N GLU A 111 -1.32 -4.21 -23.18
CA GLU A 111 -2.70 -3.97 -23.54
C GLU A 111 -3.63 -5.00 -22.91
N ILE A 112 -3.23 -6.26 -22.98
CA ILE A 112 -3.95 -7.35 -22.39
C ILE A 112 -4.06 -7.18 -20.88
N PHE A 113 -2.98 -6.71 -20.24
CA PHE A 113 -2.94 -6.53 -18.79
C PHE A 113 -3.92 -5.44 -18.44
N ALA A 114 -3.87 -4.34 -19.19
CA ALA A 114 -4.82 -3.24 -19.03
C ALA A 114 -6.28 -3.65 -19.28
N LEU A 115 -6.52 -4.53 -20.25
CA LEU A 115 -7.86 -5.06 -20.48
C LEU A 115 -8.39 -5.84 -19.25
N PHE A 116 -7.60 -6.82 -18.80
CA PHE A 116 -8.02 -7.66 -17.69
C PHE A 116 -8.31 -6.86 -16.45
N ILE A 117 -7.40 -5.96 -16.16
CA ILE A 117 -7.54 -5.09 -15.03
C ILE A 117 -8.69 -4.10 -15.13
N SER A 118 -8.96 -3.59 -16.32
CA SER A 118 -10.11 -2.68 -16.56
C SER A 118 -11.44 -3.45 -16.35
N CYS A 119 -11.46 -4.70 -16.79
CA CYS A 119 -12.56 -5.63 -16.47
C CYS A 119 -12.87 -5.76 -15.00
N MET A 120 -11.85 -6.01 -14.17
CA MET A 120 -12.05 -6.00 -12.70
C MET A 120 -12.69 -4.71 -12.22
N CYS A 121 -12.25 -3.57 -12.77
CA CYS A 121 -12.59 -2.27 -12.22
C CYS A 121 -13.74 -1.53 -12.94
N HIS A 122 -14.31 -2.11 -13.97
CA HIS A 122 -15.05 -1.31 -14.97
C HIS A 122 -16.44 -0.81 -14.51
N ASP A 123 -16.90 -1.33 -13.35
CA ASP A 123 -18.19 -0.92 -12.79
C ASP A 123 -18.04 -0.61 -11.30
N LEU A 124 -16.85 -0.18 -10.86
CA LEU A 124 -16.57 -0.01 -9.42
C LEU A 124 -17.48 1.05 -8.81
N ASP A 125 -18.00 0.73 -7.62
CA ASP A 125 -18.85 1.65 -6.87
C ASP A 125 -20.15 1.97 -7.59
N HIS A 126 -20.54 1.11 -8.52
CA HIS A 126 -21.86 1.26 -9.14
C HIS A 126 -22.96 1.25 -8.07
N ARG A 127 -24.01 2.04 -8.29
CA ARG A 127 -25.10 2.20 -7.33
C ARG A 127 -26.44 1.63 -7.83
N GLY A 128 -26.44 0.93 -8.97
CA GLY A 128 -27.67 0.46 -9.57
C GLY A 128 -28.47 1.52 -10.34
N THR A 129 -27.90 2.69 -10.53
CA THR A 129 -28.52 3.69 -11.39
C THR A 129 -27.66 3.92 -12.64
N ASN A 130 -28.29 4.29 -13.75
CA ASN A 130 -27.54 4.58 -14.94
C ASN A 130 -27.10 6.02 -15.12
N ASN A 131 -26.60 6.32 -16.31
CA ASN A 131 -26.14 7.66 -16.62
C ASN A 131 -27.24 8.72 -16.63
N SER A 132 -28.35 8.45 -17.29
CA SER A 132 -29.38 9.47 -17.33
C SER A 132 -29.94 9.81 -15.96
N PHE A 133 -29.98 8.83 -15.05
CA PHE A 133 -30.27 9.10 -13.66
C PHE A 133 -29.32 10.09 -12.97
N GLN A 134 -28.01 9.92 -13.17
CA GLN A 134 -27.00 10.84 -12.66
C GLN A 134 -27.28 12.27 -13.09
N VAL A 135 -27.53 12.44 -14.39
CA VAL A 135 -27.83 13.75 -14.95
C VAL A 135 -29.17 14.33 -14.47
N ALA A 136 -30.27 13.65 -14.78
CA ALA A 136 -31.59 14.00 -14.26
C ALA A 136 -31.62 14.37 -12.78
N SER A 137 -30.93 13.61 -11.93
CA SER A 137 -31.02 13.84 -10.49
C SER A 137 -29.95 14.83 -9.97
N LYS A 138 -29.18 15.43 -10.88
CA LYS A 138 -28.01 16.23 -10.53
C LYS A 138 -27.18 15.60 -9.41
N SER A 139 -26.73 14.36 -9.64
CA SER A 139 -25.84 13.71 -8.72
C SER A 139 -24.49 14.41 -8.67
N VAL A 140 -23.76 14.23 -7.58
CA VAL A 140 -22.41 14.78 -7.47
C VAL A 140 -21.47 14.18 -8.52
N LEU A 141 -21.79 12.99 -9.01
CA LEU A 141 -20.99 12.45 -10.12
C LEU A 141 -21.23 13.21 -11.43
N ALA A 142 -22.49 13.56 -11.68
CA ALA A 142 -22.83 14.40 -12.83
C ALA A 142 -22.27 15.83 -12.64
N ALA A 143 -22.04 16.22 -11.38
CA ALA A 143 -21.53 17.56 -11.04
C ALA A 143 -20.06 17.69 -11.44
N LEU A 144 -19.31 16.62 -11.21
CA LEU A 144 -17.90 16.58 -11.51
C LEU A 144 -17.61 16.33 -12.99
N TYR A 145 -18.35 15.38 -13.57
CA TYR A 145 -18.14 14.95 -14.97
C TYR A 145 -19.31 15.49 -15.80
N SER A 146 -19.23 16.77 -16.15
CA SER A 146 -20.44 17.52 -16.44
C SER A 146 -20.55 17.87 -17.91
N SER A 147 -19.51 17.62 -18.70
CA SER A 147 -19.51 18.13 -20.06
C SER A 147 -19.54 17.12 -21.23
N GLU A 148 -19.29 15.84 -20.95
CA GLU A 148 -19.06 14.87 -22.02
C GLU A 148 -19.73 13.49 -21.92
N GLY A 149 -20.63 13.32 -20.96
CA GLY A 149 -21.26 12.02 -20.74
C GLY A 149 -20.29 10.99 -20.18
N SER A 150 -20.64 9.72 -20.33
CA SER A 150 -19.98 8.61 -19.62
C SER A 150 -19.73 8.94 -18.15
N VAL A 151 -20.76 9.45 -17.48
CA VAL A 151 -20.63 9.86 -16.10
C VAL A 151 -20.13 8.74 -15.15
N MET A 152 -20.90 7.66 -15.06
CA MET A 152 -20.54 6.46 -14.30
C MET A 152 -19.17 5.86 -14.71
N GLU A 153 -18.96 5.66 -16.00
CA GLU A 153 -17.67 5.17 -16.49
C GLU A 153 -16.46 6.05 -16.05
N ARG A 154 -16.59 7.37 -16.13
CA ARG A 154 -15.63 8.29 -15.51
C ARG A 154 -15.41 8.04 -14.00
N HIS A 155 -16.49 7.78 -13.26
CA HIS A 155 -16.37 7.43 -11.86
C HIS A 155 -15.71 6.05 -11.65
N HIS A 156 -16.10 5.03 -12.41
CA HIS A 156 -15.47 3.71 -12.31
C HIS A 156 -13.94 3.81 -12.52
N PHE A 157 -13.52 4.63 -13.46
CA PHE A 157 -12.09 4.85 -13.67
C PHE A 157 -11.47 5.61 -12.51
N ALA A 158 -12.14 6.67 -12.08
CA ALA A 158 -11.71 7.41 -10.90
C ALA A 158 -11.52 6.45 -9.71
N GLN A 159 -12.50 5.60 -9.43
CA GLN A 159 -12.35 4.65 -8.32
C GLN A 159 -11.18 3.70 -8.48
N ALA A 160 -10.88 3.28 -9.70
CA ALA A 160 -9.75 2.39 -10.00
C ALA A 160 -8.42 3.07 -9.72
N ILE A 161 -8.27 4.30 -10.25
CA ILE A 161 -7.20 5.25 -9.86
C ILE A 161 -6.97 5.40 -8.34
N ALA A 162 -8.02 5.65 -7.56
CA ALA A 162 -7.89 5.77 -6.12
C ALA A 162 -7.49 4.47 -5.41
N ILE A 163 -7.91 3.33 -5.92
CA ILE A 163 -7.35 2.07 -5.45
C ILE A 163 -5.85 1.89 -5.72
N LEU A 164 -5.40 2.09 -6.97
CA LEU A 164 -3.98 1.98 -7.28
C LEU A 164 -3.13 2.94 -6.43
N ASN A 165 -3.72 4.07 -6.06
CA ASN A 165 -3.04 5.06 -5.23
C ASN A 165 -3.29 4.88 -3.74
N THR A 166 -3.69 3.68 -3.34
CA THR A 166 -3.75 3.35 -1.94
C THR A 166 -2.50 2.55 -1.65
N HIS A 167 -1.82 2.93 -0.56
CA HIS A 167 -0.56 2.31 -0.14
C HIS A 167 -0.66 0.78 -0.09
N GLY A 168 0.25 0.12 -0.80
CA GLY A 168 0.24 -1.33 -0.87
C GLY A 168 -0.69 -1.92 -1.92
N CYS A 169 -1.37 -1.05 -2.70
CA CYS A 169 -2.27 -1.48 -3.80
C CYS A 169 -1.82 -1.17 -5.21
N ASN A 170 -0.71 -0.44 -5.35
CA ASN A 170 -0.24 -0.17 -6.70
C ASN A 170 0.50 -1.26 -7.44
N ILE A 171 -0.28 -2.09 -8.11
CA ILE A 171 0.27 -3.17 -8.88
C ILE A 171 1.00 -2.65 -10.15
N PHE A 172 1.02 -1.32 -10.31
CA PHE A 172 1.69 -0.70 -11.45
C PHE A 172 2.97 0.03 -11.07
N ASP A 173 3.32 0.02 -9.79
CA ASP A 173 4.40 0.86 -9.29
C ASP A 173 5.76 0.26 -9.69
N HIS A 174 5.73 -0.66 -10.64
CA HIS A 174 6.91 -1.30 -11.23
CA HIS A 174 6.97 -1.17 -11.19
C HIS A 174 7.17 -0.82 -12.65
N PHE A 175 6.16 -0.19 -13.28
CA PHE A 175 6.27 0.38 -14.62
C PHE A 175 7.19 1.61 -14.61
N SER A 176 7.84 1.88 -15.74
CA SER A 176 8.45 3.20 -15.92
C SER A 176 7.37 4.27 -15.84
N ARG A 177 7.74 5.51 -15.53
CA ARG A 177 6.76 6.59 -15.61
C ARG A 177 6.10 6.65 -16.99
N LYS A 178 6.85 6.36 -18.03
CA LYS A 178 6.24 6.24 -19.37
C LYS A 178 5.14 5.15 -19.47
N ASP A 179 5.44 3.96 -18.96
CA ASP A 179 4.52 2.83 -19.02
C ASP A 179 3.38 2.95 -18.02
N TYR A 180 3.67 3.57 -16.89
CA TYR A 180 2.64 3.90 -15.95
C TYR A 180 1.56 4.79 -16.56
N GLN A 181 1.95 5.88 -17.20
CA GLN A 181 1.01 6.72 -17.94
C GLN A 181 0.27 5.94 -19.01
N ARG A 182 1.01 5.19 -19.81
CA ARG A 182 0.38 4.44 -20.87
C ARG A 182 -0.73 3.54 -20.31
N MET A 183 -0.41 2.80 -19.26
CA MET A 183 -1.35 1.96 -18.56
C MET A 183 -2.61 2.71 -18.07
N LEU A 184 -2.45 3.86 -17.45
CA LEU A 184 -3.60 4.67 -17.04
C LEU A 184 -4.42 5.17 -18.22
N ASP A 185 -3.77 5.56 -19.29
CA ASP A 185 -4.55 6.02 -20.43
C ASP A 185 -5.30 4.84 -21.06
N LEU A 186 -4.67 3.68 -21.11
CA LEU A 186 -5.33 2.41 -21.48
C LEU A 186 -6.61 2.09 -20.68
N MET A 187 -6.51 2.05 -19.36
CA MET A 187 -7.67 1.87 -18.50
C MET A 187 -8.77 2.87 -18.74
N ARG A 188 -8.42 4.15 -18.91
CA ARG A 188 -9.46 5.13 -19.11
C ARG A 188 -10.19 4.80 -20.39
N ASP A 189 -9.45 4.50 -21.44
CA ASP A 189 -10.07 4.24 -22.73
C ASP A 189 -10.97 2.99 -22.76
N ILE A 190 -10.47 1.91 -22.16
CA ILE A 190 -11.17 0.62 -22.05
C ILE A 190 -12.41 0.76 -21.16
N ILE A 191 -12.25 1.36 -19.98
CA ILE A 191 -13.40 1.58 -19.11
C ILE A 191 -14.47 2.45 -19.78
N LEU A 192 -14.03 3.52 -20.44
CA LEU A 192 -14.93 4.46 -21.11
C LEU A 192 -15.70 3.77 -22.21
N ALA A 193 -15.12 2.69 -22.74
CA ALA A 193 -15.68 2.00 -23.88
C ALA A 193 -16.85 1.21 -23.40
N THR A 194 -17.06 1.15 -22.08
CA THR A 194 -18.13 0.29 -21.55
C THR A 194 -19.44 1.10 -21.53
N ASP A 195 -19.36 2.39 -21.86
CA ASP A 195 -20.56 3.16 -22.09
C ASP A 195 -21.18 2.80 -23.42
N LEU A 196 -22.42 2.31 -23.35
CA LEU A 196 -23.12 1.87 -24.55
C LEU A 196 -23.17 3.00 -25.59
N ALA A 197 -23.26 4.25 -25.13
CA ALA A 197 -23.22 5.37 -26.07
C ALA A 197 -21.90 5.39 -26.85
N HIS A 198 -20.78 5.14 -26.16
CA HIS A 198 -19.50 4.97 -26.82
C HIS A 198 -19.58 3.90 -27.90
N HIS A 199 -20.07 2.73 -27.56
CA HIS A 199 -20.11 1.63 -28.50
C HIS A 199 -20.87 2.03 -29.77
N LEU A 200 -22.04 2.65 -29.60
CA LEU A 200 -22.86 3.03 -30.74
C LEU A 200 -22.11 4.01 -31.62
N ARG A 201 -21.28 4.85 -31.02
CA ARG A 201 -20.48 5.81 -31.80
C ARG A 201 -19.45 5.15 -32.71
N ILE A 202 -18.80 4.07 -32.25
CA ILE A 202 -17.65 3.50 -32.96
C ILE A 202 -18.02 2.27 -33.74
N PHE A 203 -19.31 1.89 -33.68
CA PHE A 203 -19.83 0.68 -34.30
C PHE A 203 -19.44 0.57 -35.77
N LYS A 204 -19.67 1.64 -36.53
CA LYS A 204 -19.30 1.70 -37.95
C LYS A 204 -17.81 1.41 -38.18
N ASP A 205 -16.94 2.11 -37.45
CA ASP A 205 -15.49 1.82 -37.41
C ASP A 205 -15.10 0.39 -37.04
N LEU A 206 -15.86 -0.24 -36.14
CA LEU A 206 -15.65 -1.63 -35.84
C LEU A 206 -15.97 -2.49 -37.06
N GLN A 207 -17.13 -2.30 -37.67
CA GLN A 207 -17.49 -3.02 -38.93
C GLN A 207 -16.40 -2.94 -39.98
N LYS A 208 -15.87 -1.73 -40.17
CA LYS A 208 -14.84 -1.48 -41.17
C LYS A 208 -13.58 -2.32 -40.93
N MET A 209 -13.10 -2.28 -39.70
CA MET A 209 -11.91 -3.04 -39.27
C MET A 209 -12.08 -4.54 -39.52
N ALA A 210 -13.28 -5.03 -39.21
CA ALA A 210 -13.69 -6.42 -39.42
C ALA A 210 -13.79 -6.78 -40.90
N GLU A 211 -14.29 -5.83 -41.70
CA GLU A 211 -14.31 -5.94 -43.17
C GLU A 211 -12.92 -5.97 -43.83
N VAL A 212 -12.07 -5.00 -43.51
CA VAL A 212 -10.70 -5.00 -44.04
C VAL A 212 -9.75 -5.97 -43.33
N GLY A 213 -10.00 -6.24 -42.04
CA GLY A 213 -9.23 -7.20 -41.27
C GLY A 213 -8.28 -6.51 -40.32
N TYR A 214 -8.18 -7.02 -39.10
CA TYR A 214 -7.28 -6.45 -38.07
C TYR A 214 -5.85 -6.36 -38.56
N ASP A 215 -5.26 -5.18 -38.45
CA ASP A 215 -3.87 -4.98 -38.80
C ASP A 215 -3.14 -4.64 -37.51
N ARG A 216 -2.20 -5.49 -37.11
CA ARG A 216 -1.52 -5.31 -35.83
C ARG A 216 -0.59 -4.11 -35.81
N ASN A 217 -0.23 -3.61 -36.99
CA ASN A 217 0.59 -2.41 -37.10
C ASN A 217 -0.21 -1.15 -37.20
N ASN A 218 -1.53 -1.31 -37.32
CA ASN A 218 -2.42 -0.17 -37.22
C ASN A 218 -2.70 0.14 -35.75
N LYS A 219 -2.50 1.39 -35.34
CA LYS A 219 -2.62 1.74 -33.92
C LYS A 219 -4.08 1.94 -33.57
N GLN A 220 -4.84 2.44 -34.54
CA GLN A 220 -6.26 2.59 -34.35
CA GLN A 220 -6.29 2.61 -34.41
C GLN A 220 -7.03 1.27 -34.28
N HIS A 221 -6.51 0.24 -34.94
CA HIS A 221 -7.02 -1.10 -34.75
C HIS A 221 -6.83 -1.61 -33.33
N HIS A 222 -5.67 -1.37 -32.74
CA HIS A 222 -5.46 -1.77 -31.37
C HIS A 222 -6.58 -1.22 -30.49
N ARG A 223 -6.77 0.09 -30.53
CA ARG A 223 -7.88 0.81 -29.87
C ARG A 223 -9.25 0.21 -30.14
N LEU A 224 -9.56 -0.12 -31.38
CA LEU A 224 -10.92 -0.61 -31.64
C LEU A 224 -11.04 -2.05 -31.09
N LEU A 225 -9.98 -2.84 -31.27
CA LEU A 225 -10.00 -4.22 -30.79
C LEU A 225 -10.29 -4.23 -29.31
N LEU A 226 -9.55 -3.44 -28.55
CA LEU A 226 -9.66 -3.41 -27.09
C LEU A 226 -11.05 -2.97 -26.69
N CYS A 227 -11.67 -2.17 -27.56
CA CYS A 227 -12.99 -1.64 -27.30
C CYS A 227 -14.00 -2.73 -27.49
N LEU A 228 -13.89 -3.44 -28.61
CA LEU A 228 -14.77 -4.54 -28.91
C LEU A 228 -14.63 -5.69 -27.89
N LEU A 229 -13.40 -6.01 -27.49
CA LEU A 229 -13.12 -7.08 -26.54
C LEU A 229 -13.69 -6.81 -25.17
N MET A 230 -13.63 -5.53 -24.75
CA MET A 230 -14.17 -5.12 -23.47
C MET A 230 -15.69 -5.19 -23.43
N THR A 231 -16.36 -4.73 -24.50
CA THR A 231 -17.81 -4.83 -24.60
C THR A 231 -18.24 -6.29 -24.74
N SER A 232 -17.45 -7.13 -25.38
CA SER A 232 -17.69 -8.59 -25.37
C SER A 232 -17.61 -9.16 -23.97
N CYS A 233 -16.72 -8.62 -23.15
CA CYS A 233 -16.63 -9.04 -21.76
C CYS A 233 -17.82 -8.58 -20.93
N ASP A 234 -18.22 -7.31 -21.05
CA ASP A 234 -19.33 -6.75 -20.28
C ASP A 234 -20.65 -7.55 -20.52
N LEU A 235 -20.83 -8.07 -21.75
CA LEU A 235 -22.05 -8.84 -22.16
C LEU A 235 -21.95 -10.39 -22.16
N SER A 236 -20.86 -10.93 -21.64
CA SER A 236 -20.53 -12.34 -21.81
C SER A 236 -21.54 -13.31 -21.17
N ASP A 237 -22.41 -12.82 -20.28
CA ASP A 237 -23.44 -13.66 -19.68
C ASP A 237 -24.42 -14.20 -20.72
N GLN A 238 -24.36 -13.58 -21.89
CA GLN A 238 -25.31 -13.85 -22.92
C GLN A 238 -24.76 -14.96 -23.78
N THR A 239 -23.52 -15.38 -23.50
CA THR A 239 -22.83 -16.43 -24.28
C THR A 239 -22.90 -17.81 -23.63
N LYS A 240 -23.47 -17.85 -22.44
CA LYS A 240 -23.56 -19.09 -21.66
C LYS A 240 -24.85 -19.88 -21.98
N GLY A 241 -25.55 -20.36 -20.95
CA GLY A 241 -26.78 -21.14 -21.15
C GLY A 241 -28.03 -20.29 -21.16
N TRP A 242 -29.19 -20.90 -21.41
CA TRP A 242 -30.44 -20.13 -21.30
C TRP A 242 -30.61 -19.74 -19.86
N LYS A 243 -30.31 -20.64 -18.93
CA LYS A 243 -30.51 -20.36 -17.52
C LYS A 243 -29.80 -19.09 -17.09
N THR A 244 -28.63 -18.84 -17.66
CA THR A 244 -27.83 -17.68 -17.34
C THR A 244 -28.47 -16.37 -17.84
N THR A 245 -28.90 -16.31 -19.11
CA THR A 245 -29.62 -15.14 -19.65
C THR A 245 -30.89 -14.88 -18.87
N ARG A 246 -31.63 -15.94 -18.60
CA ARG A 246 -32.83 -15.86 -17.77
C ARG A 246 -32.50 -15.22 -16.44
N LYS A 247 -31.52 -15.78 -15.74
CA LYS A 247 -31.21 -15.24 -14.41
C LYS A 247 -30.62 -13.83 -14.43
N ILE A 248 -29.85 -13.52 -15.46
CA ILE A 248 -29.29 -12.17 -15.63
C ILE A 248 -30.37 -11.13 -15.96
N ALA A 249 -31.41 -11.54 -16.70
CA ALA A 249 -32.60 -10.73 -16.87
C ALA A 249 -33.34 -10.39 -15.54
N GLU A 250 -33.49 -11.40 -14.67
CA GLU A 250 -34.00 -11.16 -13.30
C GLU A 250 -33.28 -10.00 -12.58
N LEU A 251 -31.95 -10.06 -12.51
CA LEU A 251 -31.19 -9.09 -11.77
C LEU A 251 -31.21 -7.73 -12.49
N ILE A 252 -31.00 -7.75 -13.80
CA ILE A 252 -31.05 -6.49 -14.57
C ILE A 252 -32.32 -5.74 -14.25
N TYR A 253 -33.45 -6.44 -14.46
CA TYR A 253 -34.75 -5.83 -14.31
C TYR A 253 -35.09 -5.46 -12.93
N LYS A 254 -34.72 -6.29 -11.96
CA LYS A 254 -34.77 -5.88 -10.59
C LYS A 254 -34.07 -4.55 -10.29
N GLU A 255 -32.87 -4.38 -10.84
CA GLU A 255 -32.11 -3.12 -10.67
C GLU A 255 -32.81 -1.95 -11.36
N PHE A 256 -33.13 -2.15 -12.63
CA PHE A 256 -33.74 -1.08 -13.44
C PHE A 256 -35.03 -0.63 -12.81
N PHE A 257 -35.86 -1.58 -12.38
CA PHE A 257 -37.16 -1.22 -11.84
C PHE A 257 -37.01 -0.39 -10.57
N SER A 258 -35.94 -0.62 -9.81
CA SER A 258 -35.74 0.17 -8.59
C SER A 258 -35.41 1.61 -8.87
N GLN A 259 -34.60 1.83 -9.92
CA GLN A 259 -34.31 3.16 -10.38
C GLN A 259 -35.62 3.80 -10.84
N GLY A 260 -36.48 3.06 -11.54
CA GLY A 260 -37.72 3.63 -12.02
C GLY A 260 -38.67 4.03 -10.90
N ASP A 261 -38.78 3.19 -9.88
CA ASP A 261 -39.60 3.47 -8.71
C ASP A 261 -39.13 4.75 -8.04
N LEU A 262 -37.82 4.95 -8.03
CA LEU A 262 -37.22 6.14 -7.42
C LEU A 262 -37.47 7.40 -8.25
N GLU A 263 -37.15 7.37 -9.53
CA GLU A 263 -37.58 8.40 -10.45
C GLU A 263 -39.05 8.80 -10.33
N LYS A 264 -39.98 7.84 -10.38
CA LYS A 264 -41.40 8.17 -10.13
C LYS A 264 -41.62 8.97 -8.84
N ALA A 265 -41.00 8.51 -7.76
CA ALA A 265 -41.07 9.19 -6.48
C ALA A 265 -40.51 10.62 -6.52
N MET A 266 -39.53 10.88 -7.39
CA MET A 266 -38.95 12.22 -7.49
C MET A 266 -39.78 13.04 -8.46
N GLY A 267 -40.64 12.38 -9.22
CA GLY A 267 -41.52 13.06 -10.13
C GLY A 267 -40.96 13.13 -11.53
N ASN A 268 -39.94 12.31 -11.79
CA ASN A 268 -39.45 12.14 -13.13
C ASN A 268 -40.25 11.03 -13.78
N ARG A 269 -40.14 10.93 -15.09
CA ARG A 269 -40.80 9.87 -15.83
C ARG A 269 -39.72 8.88 -16.25
N PRO A 270 -39.80 7.64 -15.76
CA PRO A 270 -38.78 6.69 -16.14
C PRO A 270 -38.91 6.20 -17.59
N MET A 271 -37.78 5.92 -18.24
CA MET A 271 -37.75 5.01 -19.38
C MET A 271 -38.67 3.83 -19.13
N GLU A 272 -39.32 3.36 -20.18
CA GLU A 272 -40.16 2.16 -20.12
C GLU A 272 -39.50 0.91 -19.51
N MET A 273 -38.31 0.52 -20.00
CA MET A 273 -37.59 -0.67 -19.50
C MET A 273 -37.26 -0.61 -18.00
N MET A 274 -37.48 0.56 -17.41
CA MET A 274 -37.25 0.77 -15.98
C MET A 274 -38.56 0.95 -15.22
N ASP A 275 -39.65 0.96 -15.97
CA ASP A 275 -40.98 1.13 -15.42
C ASP A 275 -41.61 -0.25 -15.28
N ARG A 276 -41.74 -0.71 -14.04
CA ARG A 276 -42.17 -2.07 -13.81
C ARG A 276 -43.64 -2.23 -14.21
N GLU A 277 -44.34 -1.12 -14.37
CA GLU A 277 -45.76 -1.13 -14.77
C GLU A 277 -45.92 -1.29 -16.28
N LYS A 278 -44.88 -0.93 -17.03
CA LYS A 278 -44.98 -0.80 -18.50
C LYS A 278 -44.06 -1.80 -19.20
N ALA A 279 -43.05 -2.29 -18.51
CA ALA A 279 -41.99 -3.11 -19.12
C ALA A 279 -42.45 -4.52 -19.46
N TYR A 280 -42.25 -4.91 -20.71
CA TYR A 280 -42.50 -6.25 -21.17
C TYR A 280 -41.19 -6.96 -21.44
N ILE A 281 -40.73 -7.70 -20.43
CA ILE A 281 -39.36 -8.19 -20.36
C ILE A 281 -38.93 -8.99 -21.60
N PRO A 282 -39.77 -9.93 -22.08
CA PRO A 282 -39.39 -10.73 -23.26
C PRO A 282 -39.02 -9.95 -24.55
N GLU A 283 -39.72 -8.86 -24.85
CA GLU A 283 -39.40 -8.10 -26.05
C GLU A 283 -38.18 -7.20 -25.82
N LEU A 284 -38.05 -6.74 -24.58
CA LEU A 284 -36.88 -5.99 -24.20
C LEU A 284 -35.60 -6.80 -24.36
N GLN A 285 -35.64 -8.06 -23.93
CA GLN A 285 -34.53 -8.98 -24.12
C GLN A 285 -34.19 -9.26 -25.58
N ILE A 286 -35.22 -9.55 -26.39
CA ILE A 286 -34.99 -9.89 -27.80
C ILE A 286 -34.41 -8.71 -28.51
N SER A 287 -35.00 -7.55 -28.26
CA SER A 287 -34.47 -6.30 -28.82
C SER A 287 -33.00 -6.10 -28.39
N PHE A 288 -32.72 -6.33 -27.11
CA PHE A 288 -31.41 -6.09 -26.59
C PHE A 288 -30.47 -7.07 -27.28
N MET A 289 -30.86 -8.35 -27.30
CA MET A 289 -30.11 -9.40 -28.01
C MET A 289 -29.88 -9.10 -29.46
N GLU A 290 -30.94 -8.72 -30.16
CA GLU A 290 -30.88 -8.54 -31.59
C GLU A 290 -30.16 -7.27 -31.99
N HIS A 291 -30.30 -6.23 -31.19
CA HIS A 291 -29.73 -4.95 -31.54
C HIS A 291 -28.37 -4.61 -30.88
N ILE A 292 -28.05 -5.22 -29.75
CA ILE A 292 -26.80 -4.87 -29.05
C ILE A 292 -25.83 -6.03 -29.03
N ALA A 293 -26.24 -7.15 -28.42
CA ALA A 293 -25.29 -8.17 -28.05
C ALA A 293 -24.89 -9.00 -29.30
N MET A 294 -25.86 -9.36 -30.12
CA MET A 294 -25.59 -10.09 -31.35
C MET A 294 -24.57 -9.47 -32.29
N PRO A 295 -24.74 -8.18 -32.62
CA PRO A 295 -23.73 -7.51 -33.43
C PRO A 295 -22.31 -7.51 -32.82
N ILE A 296 -22.22 -7.38 -31.50
CA ILE A 296 -20.94 -7.53 -30.84
C ILE A 296 -20.28 -8.88 -31.08
N TYR A 297 -21.04 -9.97 -30.99
CA TYR A 297 -20.40 -11.28 -31.07
C TYR A 297 -20.20 -11.72 -32.53
N LYS A 298 -20.99 -11.12 -33.45
CA LYS A 298 -20.79 -11.22 -34.90
C LYS A 298 -19.50 -10.55 -35.38
N LEU A 299 -19.35 -9.26 -35.03
CA LEU A 299 -18.07 -8.59 -35.13
C LEU A 299 -16.94 -9.40 -34.56
N LEU A 300 -17.14 -10.03 -33.39
CA LEU A 300 -16.05 -10.85 -32.82
C LEU A 300 -15.78 -12.13 -33.63
N GLN A 301 -16.85 -12.78 -34.08
CA GLN A 301 -16.74 -13.90 -34.98
C GLN A 301 -16.04 -13.52 -36.27
N ASP A 302 -16.33 -12.34 -36.81
CA ASP A 302 -15.66 -11.90 -38.05
C ASP A 302 -14.15 -11.71 -37.90
N LEU A 303 -13.73 -11.06 -36.83
CA LEU A 303 -12.31 -10.96 -36.53
C LEU A 303 -11.70 -12.30 -36.08
N PHE A 304 -12.42 -13.04 -35.27
CA PHE A 304 -11.86 -14.25 -34.65
C PHE A 304 -12.71 -15.48 -34.97
N PRO A 305 -12.29 -16.26 -35.96
CA PRO A 305 -13.12 -17.42 -36.34
C PRO A 305 -13.43 -18.44 -35.21
N LYS A 306 -12.52 -18.58 -34.24
CA LYS A 306 -12.75 -19.42 -33.06
C LYS A 306 -13.79 -18.85 -32.13
N ALA A 307 -14.16 -17.57 -32.33
CA ALA A 307 -15.19 -16.94 -31.51
C ALA A 307 -16.63 -17.31 -31.97
N ALA A 308 -16.75 -18.01 -33.10
CA ALA A 308 -18.05 -18.34 -33.70
C ALA A 308 -19.07 -19.03 -32.78
N GLU A 309 -18.63 -20.00 -31.99
CA GLU A 309 -19.53 -20.61 -31.02
C GLU A 309 -20.23 -19.62 -30.09
N LEU A 310 -19.58 -18.50 -29.78
CA LEU A 310 -20.16 -17.48 -28.88
C LEU A 310 -21.36 -16.76 -29.48
N TYR A 311 -21.22 -16.31 -30.73
CA TYR A 311 -22.31 -15.71 -31.49
C TYR A 311 -23.51 -16.67 -31.62
N GLU A 312 -23.24 -17.90 -32.04
CA GLU A 312 -24.27 -18.92 -32.11
C GLU A 312 -24.96 -19.25 -30.76
N ARG A 313 -24.24 -19.12 -29.64
CA ARG A 313 -24.86 -19.17 -28.33
C ARG A 313 -25.80 -17.96 -28.13
N VAL A 314 -25.29 -16.78 -28.45
CA VAL A 314 -26.06 -15.59 -28.23
C VAL A 314 -27.32 -15.63 -29.12
N ALA A 315 -27.17 -16.06 -30.38
CA ALA A 315 -28.34 -16.20 -31.26
C ALA A 315 -29.36 -17.26 -30.78
N SER A 316 -28.85 -18.38 -30.28
CA SER A 316 -29.68 -19.39 -29.64
C SER A 316 -30.36 -18.91 -28.37
N ASN A 317 -29.71 -18.03 -27.61
CA ASN A 317 -30.38 -17.47 -26.45
C ASN A 317 -31.56 -16.57 -26.84
N ARG A 318 -31.40 -15.83 -27.93
CA ARG A 318 -32.48 -15.03 -28.46
C ARG A 318 -33.70 -15.84 -28.89
N GLU A 319 -33.51 -16.87 -29.71
CA GLU A 319 -34.62 -17.75 -30.07
C GLU A 319 -35.40 -18.20 -28.84
N HIS A 320 -34.70 -18.58 -27.78
CA HIS A 320 -35.32 -19.07 -26.56
C HIS A 320 -36.24 -18.03 -25.84
N TRP A 321 -35.90 -16.73 -25.91
CA TRP A 321 -36.75 -15.66 -25.37
C TRP A 321 -38.01 -15.55 -26.22
N THR A 322 -37.83 -15.83 -27.51
CA THR A 322 -38.91 -15.85 -28.48
C THR A 322 -39.89 -16.94 -28.10
N LYS A 323 -39.33 -18.10 -27.76
CA LYS A 323 -40.12 -19.24 -27.37
C LYS A 323 -40.89 -18.99 -26.08
N VAL A 324 -40.21 -18.62 -25.00
CA VAL A 324 -40.91 -18.56 -23.73
C VAL A 324 -41.66 -17.26 -23.58
N SER A 325 -41.74 -16.51 -24.66
CA SER A 325 -42.24 -15.16 -24.58
C SER A 325 -43.74 -15.14 -24.34
N HIS A 326 -44.40 -16.22 -24.74
CA HIS A 326 -45.85 -16.38 -24.62
C HIS A 326 -46.19 -16.61 -23.16
N LYS A 327 -45.21 -17.05 -22.35
CA LYS A 327 -45.47 -17.41 -20.95
C LYS A 327 -45.72 -16.19 -20.08
N PHE A 328 -45.45 -15.01 -20.64
CA PHE A 328 -45.70 -13.75 -19.96
C PHE A 328 -47.12 -13.24 -20.12
N THR A 329 -47.95 -13.97 -20.86
CA THR A 329 -49.39 -13.82 -20.69
C THR A 329 -49.93 -14.99 -19.90
N ILE A 330 -50.60 -14.70 -18.80
CA ILE A 330 -51.02 -15.77 -17.91
C ILE A 330 -52.15 -16.56 -18.59
N ARG A 331 -51.88 -17.84 -18.84
CA ARG A 331 -52.88 -18.73 -19.43
C ARG A 331 -53.25 -19.82 -18.45
N GLY A 332 -54.50 -20.25 -18.48
CA GLY A 332 -55.05 -20.97 -17.36
C GLY A 332 -55.15 -20.08 -16.14
N LEU A 333 -54.99 -20.72 -14.99
CA LEU A 333 -55.05 -20.06 -13.70
C LEU A 333 -53.61 -20.00 -13.22
N PRO A 334 -53.26 -18.98 -12.41
CA PRO A 334 -52.03 -19.00 -11.59
C PRO A 334 -51.79 -20.32 -10.86
N SER A 335 -50.59 -20.50 -10.32
CA SER A 335 -50.25 -21.74 -9.64
C SER A 335 -51.26 -22.12 -8.55
N ASN A 336 -51.73 -21.13 -7.79
CA ASN A 336 -52.58 -21.42 -6.64
C ASN A 336 -54.05 -21.72 -6.98
N ASN A 337 -54.38 -21.72 -8.28
CA ASN A 337 -55.78 -21.81 -8.73
C ASN A 337 -56.65 -20.66 -8.26
N SER A 338 -56.08 -19.45 -8.31
CA SER A 338 -56.75 -18.27 -7.77
C SER A 338 -56.66 -17.08 -8.70
N LEU A 339 -57.67 -16.21 -8.63
CA LEU A 339 -57.72 -15.00 -9.46
C LEU A 339 -57.66 -13.75 -8.57
N ASP A 340 -57.19 -13.98 -7.35
CA ASP A 340 -56.95 -12.93 -6.36
C ASP A 340 -56.06 -11.81 -6.88
N PHE A 341 -54.93 -12.21 -7.49
CA PHE A 341 -53.96 -11.26 -8.04
C PHE A 341 -54.65 -10.16 -8.88
N LEU A 342 -55.93 -10.37 -9.18
CA LEU A 342 -56.79 -9.36 -9.82
C LEU A 342 -57.40 -8.37 -8.83
N SER B 2 -6.12 12.61 16.55
CA SER B 2 -5.39 11.86 17.63
C SER B 2 -6.11 12.07 18.97
N ALA B 3 -6.20 13.33 19.37
CA ALA B 3 -7.43 13.86 19.95
C ALA B 3 -7.89 15.11 19.19
N MET B 4 -8.13 14.96 17.88
CA MET B 4 -9.31 15.57 17.28
C MET B 4 -10.50 15.22 18.17
N ASP B 5 -10.41 14.06 18.80
CA ASP B 5 -11.43 13.58 19.74
C ASP B 5 -11.65 14.45 20.95
N ASP B 6 -10.56 14.81 21.64
CA ASP B 6 -10.68 15.76 22.75
C ASP B 6 -11.13 17.15 22.30
N GLU B 7 -10.51 17.67 21.24
CA GLU B 7 -11.02 18.81 20.50
C GLU B 7 -12.52 18.72 20.27
N TYR B 8 -12.97 17.56 19.79
CA TYR B 8 -14.37 17.34 19.52
C TYR B 8 -15.24 17.31 20.78
N THR B 9 -14.79 16.58 21.81
CA THR B 9 -15.44 16.57 23.12
C THR B 9 -15.78 17.96 23.65
N LYS B 10 -14.79 18.85 23.65
CA LYS B 10 -14.97 20.20 24.17
C LYS B 10 -15.90 21.02 23.27
N LEU B 11 -15.66 20.96 21.96
CA LEU B 11 -16.48 21.69 20.99
C LEU B 11 -17.96 21.29 21.18
N LEU B 12 -18.18 20.03 21.51
CA LEU B 12 -19.55 19.51 21.61
C LEU B 12 -20.18 19.87 22.97
N HIS B 13 -19.44 19.63 24.05
CA HIS B 13 -20.01 19.61 25.40
C HIS B 13 -19.93 20.95 26.14
N ASP B 14 -18.97 21.79 25.75
CA ASP B 14 -18.60 23.04 26.45
C ASP B 14 -19.61 24.17 26.16
N GLY B 15 -20.36 24.06 25.07
CA GLY B 15 -21.20 25.18 24.60
C GLY B 15 -20.55 26.11 23.58
N ILE B 16 -21.35 26.61 22.64
CA ILE B 16 -20.89 27.62 21.62
C ILE B 16 -20.76 29.06 22.17
N GLN B 17 -19.55 29.60 22.19
CA GLN B 17 -19.31 30.94 22.72
C GLN B 17 -20.01 31.96 21.83
N PRO B 18 -20.58 33.01 22.43
CA PRO B 18 -21.19 34.13 21.65
C PRO B 18 -20.13 34.80 20.76
N VAL B 19 -20.52 35.31 19.60
CA VAL B 19 -19.58 35.93 18.63
C VAL B 19 -18.88 37.16 19.21
N ALA B 20 -19.62 37.93 19.98
CA ALA B 20 -19.10 39.15 20.60
C ALA B 20 -18.01 38.82 21.62
N ALA B 21 -17.97 37.58 22.11
CA ALA B 21 -16.90 37.16 23.03
C ALA B 21 -15.61 36.81 22.29
N ILE B 22 -15.67 36.64 20.97
CA ILE B 22 -14.45 36.40 20.18
C ILE B 22 -13.65 37.67 20.09
N ASP B 23 -14.35 38.76 19.85
CA ASP B 23 -13.72 40.04 19.72
C ASP B 23 -14.85 41.03 19.53
N SER B 24 -14.64 42.26 19.98
CA SER B 24 -15.71 43.27 19.98
C SER B 24 -15.92 43.79 18.57
N ASN B 25 -14.89 43.64 17.75
CA ASN B 25 -14.96 44.04 16.35
C ASN B 25 -15.13 42.84 15.39
N PHE B 26 -15.54 41.70 15.90
CA PHE B 26 -15.62 40.50 15.09
C PHE B 26 -16.47 40.69 13.83
N ALA B 27 -17.51 41.51 13.92
CA ALA B 27 -18.47 41.64 12.84
C ALA B 27 -18.23 42.88 11.98
N SER B 28 -17.02 43.42 12.00
CA SER B 28 -16.73 44.64 11.26
C SER B 28 -15.79 44.36 10.09
N PHE B 29 -16.05 44.98 8.94
CA PHE B 29 -15.08 44.93 7.85
C PHE B 29 -13.64 45.32 8.25
N THR B 30 -13.43 45.95 9.41
CA THR B 30 -12.05 46.27 9.81
C THR B 30 -11.39 45.17 10.64
N TYR B 31 -12.16 44.18 11.06
CA TYR B 31 -11.58 43.06 11.78
C TYR B 31 -10.79 42.17 10.78
N THR B 32 -9.57 41.83 11.17
CA THR B 32 -8.70 40.95 10.41
C THR B 32 -8.74 39.60 11.11
N PRO B 33 -9.46 38.65 10.52
CA PRO B 33 -9.65 37.35 11.14
C PRO B 33 -8.39 36.52 11.34
N ARG B 34 -7.34 36.78 10.56
CA ARG B 34 -6.10 36.06 10.78
C ARG B 34 -5.43 36.34 12.15
N SER B 35 -5.92 37.36 12.87
CA SER B 35 -5.52 37.66 14.27
C SER B 35 -5.98 36.60 15.29
N LEU B 36 -6.99 35.83 14.92
CA LEU B 36 -7.53 34.78 15.78
C LEU B 36 -6.60 33.57 15.82
N PRO B 37 -6.16 33.19 17.02
CA PRO B 37 -5.26 32.03 17.10
C PRO B 37 -5.95 30.84 16.46
N GLU B 38 -5.18 29.99 15.83
CA GLU B 38 -5.73 28.94 15.03
C GLU B 38 -6.52 27.93 15.85
N ASP B 39 -6.04 27.61 17.05
CA ASP B 39 -6.81 26.78 18.02
C ASP B 39 -8.24 27.31 18.32
N ASP B 40 -8.51 28.57 17.96
CA ASP B 40 -9.78 29.21 18.32
C ASP B 40 -10.81 29.18 17.20
N THR B 41 -10.38 28.75 16.02
CA THR B 41 -11.13 28.98 14.78
C THR B 41 -12.29 27.99 14.56
N SER B 42 -12.19 26.76 15.06
CA SER B 42 -13.34 25.85 14.97
C SER B 42 -14.53 26.36 15.81
N MET B 43 -14.25 26.84 17.01
CA MET B 43 -15.29 27.44 17.83
C MET B 43 -15.90 28.70 17.16
N ALA B 44 -15.06 29.59 16.63
CA ALA B 44 -15.55 30.80 15.93
C ALA B 44 -16.45 30.49 14.73
N ILE B 45 -16.14 29.38 14.06
CA ILE B 45 -16.99 28.85 12.97
C ILE B 45 -18.41 28.49 13.48
N LEU B 46 -18.48 27.70 14.55
CA LEU B 46 -19.76 27.35 15.18
C LEU B 46 -20.50 28.59 15.62
N SER B 47 -19.73 29.50 16.24
CA SER B 47 -20.26 30.77 16.72
CA SER B 47 -20.22 30.79 16.70
C SER B 47 -20.88 31.59 15.59
N MET B 48 -20.22 31.67 14.44
CA MET B 48 -20.80 32.29 13.24
C MET B 48 -22.01 31.55 12.66
N LEU B 49 -21.97 30.22 12.59
CA LEU B 49 -23.16 29.44 12.23
C LEU B 49 -24.36 29.70 13.14
N GLN B 50 -24.15 29.61 14.45
CA GLN B 50 -25.17 29.98 15.43
C GLN B 50 -25.71 31.40 15.21
N ASP B 51 -24.81 32.38 15.08
CA ASP B 51 -25.22 33.77 14.93
C ASP B 51 -25.94 34.08 13.60
N MET B 52 -25.67 33.33 12.54
CA MET B 52 -26.48 33.50 11.34
C MET B 52 -27.73 32.63 11.39
N ASN B 53 -27.99 32.02 12.54
CA ASN B 53 -29.20 31.19 12.71
C ASN B 53 -29.28 29.85 11.95
N PHE B 54 -28.18 29.45 11.34
CA PHE B 54 -28.18 28.28 10.51
C PHE B 54 -28.40 26.98 11.28
N ILE B 55 -27.76 26.85 12.43
CA ILE B 55 -27.87 25.66 13.29
C ILE B 55 -29.33 25.34 13.66
N ASN B 56 -30.08 26.35 14.12
CA ASN B 56 -31.49 26.18 14.47
C ASN B 56 -32.41 26.09 13.24
N ASN B 57 -32.27 27.01 12.29
CA ASN B 57 -33.14 27.03 11.13
C ASN B 57 -33.11 25.69 10.41
N TYR B 58 -31.95 25.07 10.34
CA TYR B 58 -31.81 23.85 9.58
C TYR B 58 -31.70 22.65 10.50
N LYS B 59 -31.98 22.91 11.78
CA LYS B 59 -31.92 21.88 12.82
C LYS B 59 -30.72 20.95 12.60
N ILE B 60 -29.53 21.56 12.61
CA ILE B 60 -28.30 20.81 12.43
C ILE B 60 -28.06 20.05 13.71
N ASP B 61 -27.76 18.77 13.55
CA ASP B 61 -27.30 17.97 14.65
C ASP B 61 -25.90 18.40 15.11
N CYS B 62 -25.76 18.55 16.43
CA CYS B 62 -24.60 19.18 17.06
C CYS B 62 -23.36 18.30 17.08
N PRO B 63 -23.51 17.02 17.48
CA PRO B 63 -22.40 16.10 17.21
C PRO B 63 -21.96 16.16 15.72
N THR B 64 -22.93 16.14 14.80
CA THR B 64 -22.60 16.03 13.37
C THR B 64 -21.83 17.28 12.97
N LEU B 65 -22.37 18.44 13.36
CA LEU B 65 -21.82 19.74 13.00
C LEU B 65 -20.40 19.98 13.52
N ALA B 66 -20.15 19.54 14.74
CA ALA B 66 -18.85 19.68 15.34
C ALA B 66 -17.86 18.77 14.65
N ARG B 67 -18.30 17.55 14.36
CA ARG B 67 -17.49 16.61 13.61
C ARG B 67 -17.18 17.15 12.23
N PHE B 68 -18.21 17.61 11.52
CA PHE B 68 -18.04 18.24 10.21
C PHE B 68 -16.99 19.35 10.22
N CYS B 69 -17.13 20.31 11.12
CA CYS B 69 -16.21 21.44 11.14
C CYS B 69 -14.73 21.03 11.30
N LEU B 70 -14.53 19.97 12.09
CA LEU B 70 -13.19 19.62 12.51
C LEU B 70 -12.59 18.86 11.38
N MET B 71 -13.45 18.11 10.73
CA MET B 71 -13.09 17.40 9.52
C MET B 71 -12.62 18.28 8.35
N VAL B 72 -13.34 19.37 8.12
CA VAL B 72 -12.97 20.38 7.10
C VAL B 72 -11.64 21.04 7.48
N LYS B 73 -11.52 21.53 8.71
CA LYS B 73 -10.23 21.98 9.23
C LYS B 73 -9.07 20.99 8.95
N LYS B 74 -9.30 19.72 9.29
CA LYS B 74 -8.24 18.70 9.18
C LYS B 74 -8.02 18.34 7.70
N GLY B 75 -8.89 18.85 6.84
CA GLY B 75 -8.84 18.50 5.41
C GLY B 75 -7.98 19.48 4.64
N TYR B 76 -7.41 20.42 5.37
CA TYR B 76 -6.44 21.33 4.79
C TYR B 76 -5.00 20.97 5.14
N ARG B 77 -4.16 21.01 4.11
CA ARG B 77 -2.76 20.94 4.36
C ARG B 77 -2.18 22.28 4.80
N ASP B 78 -0.86 22.36 4.74
CA ASP B 78 -0.18 23.46 5.34
C ASP B 78 0.73 24.28 4.41
N PRO B 79 0.29 24.52 3.16
CA PRO B 79 1.20 25.27 2.30
C PRO B 79 1.18 26.73 2.73
N PRO B 80 2.12 27.53 2.24
CA PRO B 80 2.12 28.88 2.82
C PRO B 80 0.77 29.62 2.83
N TYR B 81 0.04 29.59 1.72
CA TYR B 81 -1.15 30.44 1.62
C TYR B 81 -2.45 29.63 1.68
N HIS B 82 -2.51 28.53 0.94
CA HIS B 82 -3.77 27.78 0.82
C HIS B 82 -3.94 26.73 1.93
N ASN B 83 -4.11 27.23 3.16
CA ASN B 83 -4.18 26.41 4.37
C ASN B 83 -5.52 26.67 5.08
N TRP B 84 -5.77 26.06 6.23
CA TRP B 84 -7.06 26.27 6.89
C TRP B 84 -7.29 27.74 7.27
N MET B 85 -6.24 28.47 7.64
CA MET B 85 -6.43 29.89 7.98
C MET B 85 -6.89 30.73 6.79
N HIS B 86 -6.53 30.37 5.56
CA HIS B 86 -7.15 31.04 4.40
C HIS B 86 -8.66 30.69 4.35
N ALA B 87 -9.02 29.42 4.57
CA ALA B 87 -10.43 29.01 4.47
C ALA B 87 -11.21 29.68 5.58
N PHE B 88 -10.60 29.74 6.76
CA PHE B 88 -11.25 30.35 7.89
C PHE B 88 -11.51 31.86 7.64
N SER B 89 -10.56 32.57 7.06
CA SER B 89 -10.70 34.02 6.89
C SER B 89 -11.64 34.35 5.73
N VAL B 90 -11.65 33.50 4.71
CA VAL B 90 -12.65 33.57 3.65
C VAL B 90 -14.08 33.35 4.18
N SER B 91 -14.29 32.31 4.99
CA SER B 91 -15.58 32.11 5.69
C SER B 91 -15.97 33.29 6.61
N HIS B 92 -14.99 33.79 7.35
CA HIS B 92 -15.21 35.03 8.14
C HIS B 92 -15.74 36.14 7.25
N PHE B 93 -15.13 36.39 6.11
CA PHE B 93 -15.65 37.46 5.27
C PHE B 93 -17.07 37.15 4.81
N CYS B 94 -17.34 35.92 4.44
CA CYS B 94 -18.70 35.62 4.07
C CYS B 94 -19.65 36.05 5.21
N TYR B 95 -19.25 35.77 6.44
CA TYR B 95 -20.03 36.14 7.56
C TYR B 95 -20.20 37.66 7.63
N LEU B 96 -19.20 38.41 7.17
CA LEU B 96 -19.23 39.87 7.26
C LEU B 96 -20.21 40.40 6.22
N LEU B 97 -20.30 39.73 5.09
CA LEU B 97 -21.19 40.19 4.04
C LEU B 97 -22.63 40.04 4.51
N TYR B 98 -22.90 38.92 5.19
CA TYR B 98 -24.18 38.65 5.83
C TYR B 98 -24.56 39.66 6.92
N LYS B 99 -23.61 39.97 7.81
CA LYS B 99 -23.83 40.88 8.92
C LYS B 99 -24.02 42.29 8.43
N ASN B 100 -23.38 42.66 7.32
CA ASN B 100 -23.25 44.08 6.94
C ASN B 100 -24.04 44.48 5.71
N LEU B 101 -24.39 43.52 4.87
CA LEU B 101 -24.84 43.86 3.52
C LEU B 101 -26.28 43.43 3.19
N GLU B 102 -26.93 42.71 4.11
CA GLU B 102 -28.37 42.45 3.96
C GLU B 102 -28.70 41.49 2.82
N LEU B 103 -28.10 40.29 2.89
CA LEU B 103 -28.05 39.38 1.75
C LEU B 103 -29.42 38.75 1.52
N THR B 104 -30.23 38.83 2.58
CA THR B 104 -31.50 38.17 2.63
C THR B 104 -32.48 38.96 1.79
N ASN B 105 -32.11 40.19 1.43
CA ASN B 105 -32.91 40.91 0.43
C ASN B 105 -32.64 40.42 -0.99
N TYR B 106 -31.57 39.65 -1.16
CA TYR B 106 -31.03 39.32 -2.47
C TYR B 106 -31.15 37.84 -2.75
N LEU B 107 -31.03 37.02 -1.69
CA LEU B 107 -30.76 35.59 -1.85
C LEU B 107 -31.55 34.72 -0.88
N GLU B 108 -31.89 33.52 -1.31
CA GLU B 108 -32.52 32.55 -0.44
C GLU B 108 -31.64 32.18 0.76
N ASP B 109 -32.27 31.85 1.87
CA ASP B 109 -31.59 31.24 3.01
C ASP B 109 -30.59 30.17 2.65
N ILE B 110 -30.99 29.27 1.77
CA ILE B 110 -30.23 28.06 1.49
C ILE B 110 -29.01 28.36 0.60
N GLU B 111 -29.12 29.42 -0.20
CA GLU B 111 -28.00 29.95 -0.98
C GLU B 111 -26.92 30.57 -0.07
N ILE B 112 -27.35 31.36 0.92
CA ILE B 112 -26.44 32.01 1.85
C ILE B 112 -25.72 30.99 2.74
N PHE B 113 -26.48 30.02 3.28
CA PHE B 113 -25.93 28.84 3.92
C PHE B 113 -24.94 28.07 3.06
N ALA B 114 -25.29 27.85 1.79
CA ALA B 114 -24.39 27.18 0.86
C ALA B 114 -23.11 27.95 0.55
N LEU B 115 -23.23 29.25 0.29
CA LEU B 115 -22.09 30.15 0.20
C LEU B 115 -21.11 29.91 1.32
N PHE B 116 -21.60 29.93 2.55
CA PHE B 116 -20.76 29.86 3.74
C PHE B 116 -20.09 28.52 3.93
N ILE B 117 -20.83 27.45 3.66
CA ILE B 117 -20.29 26.11 3.80
C ILE B 117 -19.26 25.92 2.68
N SER B 118 -19.60 26.39 1.49
CA SER B 118 -18.65 26.38 0.36
C SER B 118 -17.36 27.11 0.73
N CYS B 119 -17.44 28.32 1.29
CA CYS B 119 -16.24 29.06 1.81
C CYS B 119 -15.29 28.23 2.68
N MET B 120 -15.84 27.48 3.64
CA MET B 120 -15.05 26.56 4.49
C MET B 120 -14.33 25.47 3.65
N CYS B 121 -14.95 25.10 2.55
CA CYS B 121 -14.61 23.88 1.85
C CYS B 121 -13.82 24.13 0.54
N HIS B 122 -13.77 25.38 0.12
CA HIS B 122 -13.49 25.68 -1.27
C HIS B 122 -12.04 25.44 -1.71
N ASP B 123 -11.11 25.24 -0.77
CA ASP B 123 -9.71 24.96 -1.13
C ASP B 123 -9.19 23.67 -0.47
N LEU B 124 -10.12 22.80 -0.08
CA LEU B 124 -9.79 21.57 0.67
C LEU B 124 -8.72 20.76 -0.04
N ASP B 125 -7.75 20.25 0.74
CA ASP B 125 -6.69 19.36 0.27
C ASP B 125 -5.81 19.96 -0.82
N HIS B 126 -5.73 21.30 -0.83
CA HIS B 126 -4.83 22.05 -1.69
C HIS B 126 -3.36 21.69 -1.44
N ARG B 127 -2.62 21.36 -2.51
CA ARG B 127 -1.21 21.02 -2.40
C ARG B 127 -0.25 22.18 -2.71
N GLY B 128 -0.74 23.42 -2.81
CA GLY B 128 0.15 24.54 -3.03
C GLY B 128 0.61 24.67 -4.47
N THR B 129 0.00 23.90 -5.38
CA THR B 129 0.21 24.11 -6.80
C THR B 129 -1.12 24.41 -7.56
N ASN B 130 -1.01 25.10 -8.70
CA ASN B 130 -2.22 25.53 -9.43
C ASN B 130 -2.68 24.49 -10.44
N ASN B 131 -3.64 24.83 -11.28
CA ASN B 131 -4.22 23.85 -12.18
C ASN B 131 -3.25 23.50 -13.27
N SER B 132 -2.53 24.51 -13.71
CA SER B 132 -1.58 24.33 -14.78
C SER B 132 -0.52 23.30 -14.40
N PHE B 133 -0.07 23.33 -13.14
CA PHE B 133 0.85 22.33 -12.60
C PHE B 133 0.34 20.88 -12.55
N GLN B 134 -0.94 20.68 -12.21
CA GLN B 134 -1.51 19.33 -12.17
C GLN B 134 -1.37 18.65 -13.54
N VAL B 135 -1.78 19.41 -14.55
CA VAL B 135 -1.72 19.01 -15.93
C VAL B 135 -0.30 18.78 -16.40
N ALA B 136 0.61 19.71 -16.11
CA ALA B 136 2.02 19.53 -16.49
C ALA B 136 2.67 18.37 -15.76
N SER B 137 2.30 18.11 -14.52
CA SER B 137 3.00 17.08 -13.79
C SER B 137 2.33 15.76 -13.99
N LYS B 138 1.25 15.77 -14.79
CA LYS B 138 0.39 14.61 -14.94
C LYS B 138 0.03 14.03 -13.56
N SER B 139 -0.57 14.84 -12.71
CA SER B 139 -0.94 14.37 -11.38
C SER B 139 -2.22 13.51 -11.45
N VAL B 140 -2.54 12.83 -10.35
CA VAL B 140 -3.74 11.99 -10.22
CA VAL B 140 -3.73 11.99 -10.31
C VAL B 140 -5.03 12.82 -10.43
N LEU B 141 -4.99 14.04 -9.92
CA LEU B 141 -6.11 14.95 -10.01
C LEU B 141 -6.35 15.43 -11.44
N ALA B 142 -5.29 15.69 -12.19
CA ALA B 142 -5.43 15.95 -13.64
C ALA B 142 -5.96 14.73 -14.40
N ALA B 143 -5.54 13.54 -14.02
CA ALA B 143 -6.05 12.30 -14.65
C ALA B 143 -7.55 12.17 -14.46
N LEU B 144 -8.05 12.61 -13.30
CA LEU B 144 -9.48 12.68 -13.03
C LEU B 144 -10.18 13.83 -13.78
N TYR B 145 -9.64 15.04 -13.72
CA TYR B 145 -10.47 16.22 -14.00
C TYR B 145 -10.00 17.11 -15.14
N SER B 146 -8.77 16.94 -15.60
CA SER B 146 -8.20 17.87 -16.63
C SER B 146 -9.09 18.06 -17.86
N SER B 147 -9.83 17.02 -18.25
CA SER B 147 -10.72 17.09 -19.41
C SER B 147 -11.96 17.91 -19.14
N GLU B 148 -12.28 18.15 -17.88
CA GLU B 148 -13.39 19.04 -17.53
C GLU B 148 -12.89 20.44 -17.22
N GLY B 149 -11.63 20.57 -16.82
CA GLY B 149 -11.07 21.90 -16.39
C GLY B 149 -11.31 22.15 -14.90
N SER B 150 -10.77 23.26 -14.37
CA SER B 150 -10.96 23.62 -12.98
C SER B 150 -10.57 22.39 -12.18
N VAL B 151 -9.38 21.88 -12.44
CA VAL B 151 -8.90 20.70 -11.76
C VAL B 151 -8.92 20.80 -10.27
N MET B 152 -8.23 21.80 -9.71
CA MET B 152 -8.13 21.81 -8.24
C MET B 152 -9.53 21.98 -7.70
N GLU B 153 -10.31 22.88 -8.29
CA GLU B 153 -11.70 23.19 -7.79
C GLU B 153 -12.72 22.04 -7.75
N ARG B 154 -12.70 21.21 -8.78
CA ARG B 154 -13.35 19.92 -8.81
C ARG B 154 -12.90 19.03 -7.64
N HIS B 155 -11.61 18.96 -7.40
CA HIS B 155 -11.09 18.17 -6.28
C HIS B 155 -11.59 18.75 -4.96
N HIS B 156 -11.60 20.07 -4.86
CA HIS B 156 -12.01 20.71 -3.61
C HIS B 156 -13.46 20.30 -3.32
N PHE B 157 -14.36 20.46 -4.30
CA PHE B 157 -15.76 20.00 -4.19
C PHE B 157 -15.86 18.50 -3.86
N ALA B 158 -15.02 17.69 -4.49
CA ALA B 158 -15.05 16.27 -4.31
C ALA B 158 -14.70 15.91 -2.88
N GLN B 159 -13.81 16.71 -2.26
CA GLN B 159 -13.37 16.50 -0.86
C GLN B 159 -14.41 16.89 0.17
N ALA B 160 -15.21 17.90 -0.17
CA ALA B 160 -16.27 18.38 0.70
C ALA B 160 -17.40 17.30 0.79
N ILE B 161 -17.81 16.82 -0.37
CA ILE B 161 -18.66 15.62 -0.47
C ILE B 161 -18.13 14.37 0.21
N ALA B 162 -16.85 14.03 0.00
CA ALA B 162 -16.24 12.95 0.75
C ALA B 162 -16.24 13.12 2.29
N ILE B 163 -16.35 14.35 2.77
CA ILE B 163 -16.52 14.58 4.21
C ILE B 163 -17.95 14.37 4.69
N LEU B 164 -18.90 14.88 3.93
CA LEU B 164 -20.33 14.59 4.14
C LEU B 164 -20.66 13.10 4.10
N ASN B 165 -19.99 12.35 3.23
CA ASN B 165 -20.13 10.89 3.15
C ASN B 165 -19.42 10.10 4.27
N THR B 166 -18.64 10.78 5.09
CA THR B 166 -17.95 10.08 6.14
C THR B 166 -18.96 9.91 7.25
N HIS B 167 -18.94 8.76 7.91
CA HIS B 167 -20.01 8.44 8.87
C HIS B 167 -20.01 9.45 10.01
N GLY B 168 -21.15 10.04 10.28
CA GLY B 168 -21.30 10.94 11.42
C GLY B 168 -21.04 12.40 11.07
N CYS B 169 -20.86 12.70 9.78
CA CYS B 169 -20.40 14.03 9.36
C CYS B 169 -21.34 14.77 8.40
N ASN B 170 -22.41 14.11 7.94
CA ASN B 170 -23.39 14.77 7.06
C ASN B 170 -24.37 15.75 7.72
N ILE B 171 -23.96 17.00 7.77
CA ILE B 171 -24.78 18.04 8.35
C ILE B 171 -26.13 18.25 7.66
N PHE B 172 -26.31 17.60 6.51
CA PHE B 172 -27.49 17.81 5.62
C PHE B 172 -28.38 16.56 5.54
N ASP B 173 -28.07 15.52 6.28
CA ASP B 173 -28.67 14.23 5.94
C ASP B 173 -30.14 14.09 6.41
N HIS B 174 -30.65 15.08 7.13
CA HIS B 174 -32.07 15.13 7.48
C HIS B 174 -32.85 16.02 6.48
N PHE B 175 -32.14 16.89 5.78
CA PHE B 175 -32.73 17.71 4.72
C PHE B 175 -33.67 16.92 3.81
N SER B 176 -34.73 17.56 3.33
CA SER B 176 -35.54 17.01 2.24
C SER B 176 -34.67 16.61 1.02
N ARG B 177 -35.17 15.66 0.24
CA ARG B 177 -34.51 15.20 -0.99
C ARG B 177 -34.24 16.34 -1.99
N LYS B 178 -35.18 17.27 -2.13
CA LYS B 178 -34.98 18.47 -2.93
C LYS B 178 -33.92 19.43 -2.38
N ASP B 179 -34.06 19.79 -1.09
CA ASP B 179 -33.14 20.70 -0.41
C ASP B 179 -31.71 20.17 -0.33
N TYR B 180 -31.57 18.85 -0.22
CA TYR B 180 -30.25 18.20 -0.17
C TYR B 180 -29.57 18.28 -1.52
N GLN B 181 -30.37 17.95 -2.54
CA GLN B 181 -29.94 18.01 -3.92
C GLN B 181 -29.55 19.46 -4.23
N ARG B 182 -30.37 20.40 -3.78
CA ARG B 182 -30.15 21.81 -4.05
C ARG B 182 -28.82 22.28 -3.42
N MET B 183 -28.62 21.89 -2.16
CA MET B 183 -27.42 22.22 -1.38
C MET B 183 -26.11 21.78 -2.07
N LEU B 184 -26.05 20.52 -2.50
CA LEU B 184 -24.85 20.05 -3.14
C LEU B 184 -24.67 20.68 -4.51
N ASP B 185 -25.75 21.02 -5.18
CA ASP B 185 -25.59 21.65 -6.46
C ASP B 185 -25.09 23.08 -6.30
N LEU B 186 -25.55 23.77 -5.25
CA LEU B 186 -25.07 25.10 -4.93
C LEU B 186 -23.58 25.08 -4.59
N MET B 187 -23.17 24.14 -3.74
CA MET B 187 -21.78 23.97 -3.42
C MET B 187 -20.91 23.71 -4.64
N ARG B 188 -21.30 22.78 -5.52
CA ARG B 188 -20.57 22.60 -6.77
C ARG B 188 -20.34 23.95 -7.51
N ASP B 189 -21.41 24.67 -7.78
CA ASP B 189 -21.33 25.92 -8.54
C ASP B 189 -20.47 27.03 -7.90
N ILE B 190 -20.67 27.24 -6.61
CA ILE B 190 -19.91 28.21 -5.83
C ILE B 190 -18.43 27.78 -5.75
N ILE B 191 -18.15 26.51 -5.46
CA ILE B 191 -16.74 26.16 -5.36
C ILE B 191 -16.02 26.26 -6.73
N LEU B 192 -16.70 25.83 -7.80
CA LEU B 192 -16.16 25.95 -9.15
C LEU B 192 -15.99 27.40 -9.57
N ALA B 193 -16.77 28.30 -8.97
CA ALA B 193 -16.67 29.74 -9.22
C ALA B 193 -15.35 30.36 -8.81
N THR B 194 -14.59 29.65 -7.97
CA THR B 194 -13.32 30.15 -7.42
C THR B 194 -12.15 29.93 -8.40
N ASP B 195 -12.38 29.16 -9.47
CA ASP B 195 -11.42 29.14 -10.61
C ASP B 195 -11.34 30.51 -11.27
N LEU B 196 -10.15 31.09 -11.27
CA LEU B 196 -9.97 32.40 -11.87
C LEU B 196 -10.47 32.42 -13.32
N ALA B 197 -10.28 31.31 -14.05
CA ALA B 197 -10.77 31.17 -15.43
C ALA B 197 -12.27 31.32 -15.52
N HIS B 198 -12.96 30.79 -14.51
CA HIS B 198 -14.43 30.84 -14.48
C HIS B 198 -14.84 32.29 -14.33
N HIS B 199 -14.28 32.96 -13.34
CA HIS B 199 -14.60 34.39 -13.13
C HIS B 199 -14.37 35.14 -14.43
N LEU B 200 -13.23 34.90 -15.05
CA LEU B 200 -12.86 35.63 -16.27
C LEU B 200 -13.85 35.42 -17.40
N ARG B 201 -14.40 34.21 -17.50
CA ARG B 201 -15.49 33.89 -18.43
C ARG B 201 -16.78 34.64 -18.16
N ILE B 202 -17.22 34.71 -16.90
CA ILE B 202 -18.50 35.32 -16.58
C ILE B 202 -18.43 36.81 -16.28
N PHE B 203 -17.25 37.41 -16.40
CA PHE B 203 -17.08 38.79 -15.95
C PHE B 203 -18.05 39.79 -16.64
N LYS B 204 -18.30 39.62 -17.94
CA LYS B 204 -19.22 40.50 -18.71
C LYS B 204 -20.63 40.37 -18.21
N ASP B 205 -21.04 39.12 -17.97
CA ASP B 205 -22.30 38.82 -17.33
C ASP B 205 -22.49 39.55 -16.01
N LEU B 206 -21.45 39.57 -15.18
CA LEU B 206 -21.49 40.28 -13.91
C LEU B 206 -21.64 41.77 -14.10
N GLN B 207 -20.80 42.34 -14.95
CA GLN B 207 -21.01 43.69 -15.48
C GLN B 207 -22.44 43.98 -15.98
N LYS B 208 -22.93 43.15 -16.88
CA LYS B 208 -24.27 43.33 -17.42
C LYS B 208 -25.30 43.27 -16.29
N MET B 209 -25.18 42.29 -15.39
CA MET B 209 -26.11 42.24 -14.28
C MET B 209 -26.07 43.55 -13.47
N ALA B 210 -24.89 44.12 -13.25
CA ALA B 210 -24.79 45.24 -12.35
C ALA B 210 -25.31 46.52 -13.04
N GLU B 211 -25.21 46.59 -14.37
CA GLU B 211 -25.64 47.82 -15.06
C GLU B 211 -27.16 47.89 -15.09
N VAL B 212 -27.79 46.79 -15.46
CA VAL B 212 -29.24 46.70 -15.53
C VAL B 212 -29.91 46.63 -14.16
N GLY B 213 -29.21 46.05 -13.17
CA GLY B 213 -29.70 46.06 -11.79
C GLY B 213 -30.23 44.70 -11.32
N TYR B 214 -29.97 44.37 -10.06
CA TYR B 214 -30.19 43.02 -9.57
C TYR B 214 -31.67 42.63 -9.60
N ASP B 215 -32.00 41.61 -10.39
CA ASP B 215 -33.35 41.09 -10.36
C ASP B 215 -33.58 39.89 -9.45
N ARG B 216 -34.00 40.20 -8.22
CA ARG B 216 -34.32 39.23 -7.18
C ARG B 216 -35.08 38.01 -7.67
N ASN B 217 -35.87 38.19 -8.75
CA ASN B 217 -36.64 37.10 -9.32
C ASN B 217 -35.94 36.38 -10.49
N ASN B 218 -34.82 36.95 -10.94
CA ASN B 218 -34.01 36.33 -11.96
C ASN B 218 -33.06 35.31 -11.33
N LYS B 219 -33.28 34.04 -11.66
CA LYS B 219 -32.51 32.94 -11.09
C LYS B 219 -31.07 32.95 -11.60
N GLN B 220 -30.84 33.46 -12.80
CA GLN B 220 -29.47 33.59 -13.27
C GLN B 220 -28.79 34.70 -12.50
N HIS B 221 -29.56 35.64 -11.96
CA HIS B 221 -28.92 36.69 -11.19
C HIS B 221 -28.47 36.17 -9.84
N HIS B 222 -29.22 35.23 -9.27
CA HIS B 222 -28.81 34.61 -8.01
C HIS B 222 -27.47 33.92 -8.26
N ARG B 223 -27.42 33.09 -9.29
CA ARG B 223 -26.22 32.38 -9.66
C ARG B 223 -25.00 33.30 -9.77
N LEU B 224 -25.09 34.34 -10.60
CA LEU B 224 -23.99 35.31 -10.80
C LEU B 224 -23.58 36.01 -9.51
N LEU B 225 -24.57 36.37 -8.70
CA LEU B 225 -24.31 37.05 -7.42
C LEU B 225 -23.50 36.15 -6.49
N LEU B 226 -23.94 34.90 -6.32
CA LEU B 226 -23.20 33.92 -5.53
C LEU B 226 -21.77 33.81 -6.01
N CYS B 227 -21.57 33.90 -7.32
CA CYS B 227 -20.25 33.66 -7.92
C CYS B 227 -19.35 34.80 -7.52
N LEU B 228 -19.85 36.01 -7.74
CA LEU B 228 -19.20 37.26 -7.30
C LEU B 228 -18.93 37.37 -5.78
N LEU B 229 -19.89 37.02 -4.93
CA LEU B 229 -19.63 37.03 -3.49
C LEU B 229 -18.52 36.05 -3.10
N MET B 230 -18.51 34.88 -3.70
CA MET B 230 -17.52 33.88 -3.42
C MET B 230 -16.17 34.42 -3.74
N THR B 231 -16.00 34.99 -4.91
CA THR B 231 -14.75 35.59 -5.27
C THR B 231 -14.34 36.76 -4.44
N SER B 232 -15.29 37.49 -3.90
CA SER B 232 -15.04 38.46 -2.89
C SER B 232 -14.48 37.90 -1.62
N CYS B 233 -15.06 36.85 -1.16
CA CYS B 233 -14.56 36.16 0.01
C CYS B 233 -13.13 35.68 -0.21
N ASP B 234 -12.90 35.04 -1.37
CA ASP B 234 -11.66 34.39 -1.68
C ASP B 234 -10.50 35.41 -1.63
N LEU B 235 -10.75 36.67 -1.97
CA LEU B 235 -9.73 37.69 -2.04
C LEU B 235 -9.93 38.77 -0.97
N SER B 236 -10.78 38.53 0.03
CA SER B 236 -11.00 39.45 1.15
C SER B 236 -9.77 39.93 1.98
N ASP B 237 -8.60 39.31 1.79
CA ASP B 237 -7.34 39.76 2.44
C ASP B 237 -6.90 41.14 1.95
N GLN B 238 -7.41 41.52 0.79
CA GLN B 238 -6.93 42.67 0.07
C GLN B 238 -7.69 43.90 0.57
N THR B 239 -8.66 43.67 1.46
CA THR B 239 -9.64 44.68 1.91
C THR B 239 -9.32 45.14 3.31
N LYS B 240 -8.24 44.63 3.90
CA LYS B 240 -7.82 44.98 5.27
C LYS B 240 -6.62 45.95 5.19
N GLY B 241 -5.77 45.96 6.20
CA GLY B 241 -4.65 46.92 6.18
C GLY B 241 -3.55 46.69 5.14
N TRP B 242 -2.65 47.67 5.00
CA TRP B 242 -1.39 47.41 4.30
C TRP B 242 -0.74 46.14 4.84
N LYS B 243 -0.72 45.99 6.14
CA LYS B 243 0.10 44.98 6.75
C LYS B 243 -0.39 43.60 6.28
N THR B 244 -1.70 43.46 6.12
CA THR B 244 -2.32 42.19 5.68
C THR B 244 -1.99 41.93 4.21
N THR B 245 -2.10 42.94 3.37
CA THR B 245 -1.72 42.79 1.97
C THR B 245 -0.26 42.33 1.82
N ARG B 246 0.63 43.02 2.54
CA ARG B 246 2.04 42.67 2.56
C ARG B 246 2.31 41.25 3.04
N LYS B 247 1.76 40.83 4.17
CA LYS B 247 1.86 39.45 4.63
C LYS B 247 1.37 38.42 3.60
N ILE B 248 0.20 38.67 3.00
CA ILE B 248 -0.41 37.69 2.11
C ILE B 248 0.46 37.55 0.85
N ALA B 249 0.92 38.67 0.29
CA ALA B 249 1.95 38.63 -0.77
C ALA B 249 3.07 37.62 -0.52
N GLU B 250 3.63 37.66 0.68
CA GLU B 250 4.78 36.85 1.04
C GLU B 250 4.45 35.35 1.07
N LEU B 251 3.28 35.04 1.62
CA LEU B 251 2.74 33.69 1.62
C LEU B 251 2.41 33.24 0.19
N ILE B 252 1.78 34.13 -0.57
CA ILE B 252 1.49 33.80 -1.98
C ILE B 252 2.76 33.48 -2.79
N TYR B 253 3.75 34.36 -2.72
CA TYR B 253 4.98 34.19 -3.50
C TYR B 253 5.81 33.04 -3.02
N LYS B 254 5.82 32.78 -1.73
CA LYS B 254 6.47 31.59 -1.22
C LYS B 254 5.85 30.34 -1.84
N GLU B 255 4.53 30.27 -1.79
CA GLU B 255 3.83 29.18 -2.44
C GLU B 255 4.19 29.05 -3.93
N PHE B 256 4.03 30.15 -4.68
CA PHE B 256 4.27 30.20 -6.14
C PHE B 256 5.72 29.88 -6.43
N PHE B 257 6.64 30.55 -5.75
CA PHE B 257 8.06 30.37 -6.08
C PHE B 257 8.46 28.91 -5.85
N SER B 258 7.85 28.25 -4.87
CA SER B 258 8.08 26.80 -4.71
C SER B 258 7.56 25.97 -5.86
N GLN B 259 6.37 26.30 -6.36
CA GLN B 259 5.90 25.66 -7.58
C GLN B 259 6.90 25.83 -8.71
N GLY B 260 7.32 27.07 -8.96
CA GLY B 260 8.29 27.35 -10.04
C GLY B 260 9.61 26.60 -9.90
N ASP B 261 10.04 26.37 -8.67
CA ASP B 261 11.22 25.57 -8.37
C ASP B 261 11.01 24.12 -8.76
N LEU B 262 9.80 23.59 -8.49
CA LEU B 262 9.43 22.24 -8.94
C LEU B 262 9.38 22.10 -10.47
N GLU B 263 8.88 23.13 -11.13
CA GLU B 263 8.80 23.18 -12.59
C GLU B 263 10.13 23.32 -13.31
N LYS B 264 11.02 24.17 -12.79
CA LYS B 264 12.39 24.19 -13.26
C LYS B 264 13.00 22.80 -13.16
N ALA B 265 12.88 22.18 -11.98
CA ALA B 265 13.38 20.82 -11.78
C ALA B 265 12.77 19.81 -12.76
N MET B 266 11.59 20.10 -13.31
CA MET B 266 10.98 19.29 -14.39
C MET B 266 11.44 19.71 -15.78
N GLY B 267 12.34 20.69 -15.86
CA GLY B 267 12.81 21.23 -17.12
C GLY B 267 11.80 22.06 -17.89
N ASN B 268 10.75 22.53 -17.21
CA ASN B 268 9.85 23.52 -17.80
C ASN B 268 10.17 24.93 -17.31
N ARG B 269 9.74 25.91 -18.10
CA ARG B 269 10.01 27.31 -17.82
C ARG B 269 8.81 27.94 -17.09
N PRO B 270 8.94 28.15 -15.76
CA PRO B 270 7.83 28.69 -14.95
C PRO B 270 7.30 30.02 -15.44
N MET B 271 6.01 30.23 -15.23
CA MET B 271 5.41 31.55 -15.33
C MET B 271 6.29 32.54 -14.58
N GLU B 272 6.37 33.76 -15.09
CA GLU B 272 7.23 34.75 -14.49
C GLU B 272 6.95 34.89 -13.00
N MET B 273 5.66 34.94 -12.62
CA MET B 273 5.20 35.22 -11.25
C MET B 273 5.48 34.02 -10.36
N MET B 274 5.89 32.90 -10.97
CA MET B 274 6.24 31.76 -10.18
C MET B 274 7.74 31.53 -10.20
N ASP B 275 8.44 32.45 -10.85
CA ASP B 275 9.91 32.37 -11.01
C ASP B 275 10.63 33.34 -10.06
N ARG B 276 11.29 32.80 -9.04
CA ARG B 276 11.95 33.67 -8.05
C ARG B 276 13.07 34.51 -8.66
N GLU B 277 13.56 34.09 -9.84
CA GLU B 277 14.56 34.84 -10.61
C GLU B 277 14.00 36.05 -11.36
N LYS B 278 12.79 35.93 -11.90
CA LYS B 278 12.23 36.97 -12.76
C LYS B 278 11.19 37.83 -12.05
N ALA B 279 10.60 37.30 -10.99
CA ALA B 279 9.43 37.90 -10.38
C ALA B 279 9.72 39.23 -9.69
N TYR B 280 9.10 40.27 -10.20
CA TYR B 280 9.14 41.57 -9.55
C TYR B 280 7.84 41.88 -8.83
N ILE B 281 7.84 41.56 -7.54
CA ILE B 281 6.63 41.48 -6.74
C ILE B 281 5.73 42.73 -6.68
N PRO B 282 6.30 43.91 -6.51
CA PRO B 282 5.45 45.11 -6.56
C PRO B 282 4.63 45.26 -7.85
N GLU B 283 5.23 44.98 -9.00
CA GLU B 283 4.54 45.16 -10.26
C GLU B 283 3.54 44.01 -10.45
N LEU B 284 3.83 42.86 -9.86
CA LEU B 284 2.93 41.72 -9.91
C LEU B 284 1.67 41.97 -9.12
N GLN B 285 1.85 42.48 -7.92
CA GLN B 285 0.75 42.84 -7.05
C GLN B 285 -0.11 43.94 -7.61
N ILE B 286 0.53 44.98 -8.11
CA ILE B 286 -0.16 46.08 -8.81
C ILE B 286 -1.08 45.52 -9.89
N SER B 287 -0.56 44.65 -10.76
CA SER B 287 -1.36 44.10 -11.87
C SER B 287 -2.55 43.30 -11.36
N PHE B 288 -2.30 42.47 -10.35
CA PHE B 288 -3.34 41.72 -9.66
C PHE B 288 -4.45 42.60 -9.09
N MET B 289 -4.10 43.67 -8.36
CA MET B 289 -5.10 44.64 -7.87
C MET B 289 -5.92 45.31 -8.96
N GLU B 290 -5.23 45.82 -9.96
CA GLU B 290 -5.84 46.59 -11.03
C GLU B 290 -6.73 45.69 -11.83
N HIS B 291 -6.23 44.50 -12.15
CA HIS B 291 -6.88 43.63 -13.14
C HIS B 291 -7.86 42.58 -12.64
N ILE B 292 -7.57 42.01 -11.46
CA ILE B 292 -8.47 41.05 -10.76
C ILE B 292 -9.21 41.64 -9.57
N ALA B 293 -8.49 42.07 -8.53
CA ALA B 293 -9.14 42.46 -7.27
C ALA B 293 -9.99 43.74 -7.32
N MET B 294 -9.47 44.82 -7.87
CA MET B 294 -10.27 46.05 -7.91
C MET B 294 -11.62 45.91 -8.63
N PRO B 295 -11.66 45.27 -9.81
CA PRO B 295 -12.96 45.12 -10.52
C PRO B 295 -14.00 44.30 -9.79
N ILE B 296 -13.57 43.22 -9.14
CA ILE B 296 -14.46 42.41 -8.27
C ILE B 296 -15.12 43.26 -7.19
N TYR B 297 -14.33 44.08 -6.50
CA TYR B 297 -14.85 44.95 -5.48
C TYR B 297 -15.56 46.22 -5.99
N LYS B 298 -15.20 46.70 -7.17
CA LYS B 298 -16.04 47.66 -7.89
C LYS B 298 -17.47 47.13 -8.19
N LEU B 299 -17.54 45.91 -8.71
CA LEU B 299 -18.81 45.29 -8.99
C LEU B 299 -19.60 45.12 -7.70
N LEU B 300 -18.93 44.71 -6.62
CA LEU B 300 -19.56 44.47 -5.34
C LEU B 300 -20.17 45.76 -4.86
N GLN B 301 -19.36 46.80 -4.79
CA GLN B 301 -19.81 48.16 -4.51
C GLN B 301 -21.00 48.60 -5.40
N ASP B 302 -20.91 48.36 -6.70
CA ASP B 302 -21.96 48.80 -7.61
C ASP B 302 -23.29 48.22 -7.16
N LEU B 303 -23.26 46.98 -6.70
CA LEU B 303 -24.46 46.25 -6.29
C LEU B 303 -24.91 46.54 -4.85
N PHE B 304 -23.94 46.79 -3.98
CA PHE B 304 -24.15 47.09 -2.58
C PHE B 304 -23.37 48.37 -2.30
N PRO B 305 -24.08 49.51 -2.22
CA PRO B 305 -23.47 50.78 -1.81
C PRO B 305 -22.75 50.75 -0.46
N LYS B 306 -23.19 49.90 0.47
CA LYS B 306 -22.48 49.73 1.75
C LYS B 306 -21.15 48.96 1.65
N ALA B 307 -20.86 48.45 0.45
CA ALA B 307 -19.57 47.83 0.15
C ALA B 307 -18.52 48.83 -0.37
N ALA B 308 -18.89 50.09 -0.63
CA ALA B 308 -17.90 51.11 -1.06
C ALA B 308 -16.61 51.14 -0.25
N GLU B 309 -16.71 51.05 1.07
CA GLU B 309 -15.53 51.02 1.91
C GLU B 309 -14.49 49.93 1.57
N LEU B 310 -14.95 48.80 1.03
CA LEU B 310 -14.04 47.69 0.68
C LEU B 310 -13.27 47.93 -0.60
N TYR B 311 -13.97 48.44 -1.60
CA TYR B 311 -13.33 48.92 -2.82
C TYR B 311 -12.25 49.99 -2.57
N GLU B 312 -12.55 50.93 -1.67
CA GLU B 312 -11.63 52.00 -1.31
C GLU B 312 -10.39 51.41 -0.71
N ARG B 313 -10.57 50.44 0.21
CA ARG B 313 -9.47 49.74 0.83
C ARG B 313 -8.60 49.04 -0.19
N VAL B 314 -9.23 48.32 -1.11
CA VAL B 314 -8.48 47.63 -2.16
C VAL B 314 -7.76 48.59 -3.12
N ALA B 315 -8.42 49.67 -3.51
CA ALA B 315 -7.76 50.66 -4.39
C ALA B 315 -6.54 51.25 -3.67
N SER B 316 -6.70 51.46 -2.37
CA SER B 316 -5.68 52.10 -1.55
C SER B 316 -4.50 51.16 -1.32
N ASN B 317 -4.78 49.88 -1.13
CA ASN B 317 -3.69 48.91 -1.13
C ASN B 317 -2.84 48.88 -2.42
N ARG B 318 -3.46 49.11 -3.57
CA ARG B 318 -2.74 49.17 -4.83
C ARG B 318 -1.76 50.32 -4.89
N GLU B 319 -2.11 51.44 -4.28
CA GLU B 319 -1.24 52.62 -4.34
C GLU B 319 -0.14 52.47 -3.31
N HIS B 320 -0.40 51.66 -2.30
CA HIS B 320 0.67 51.31 -1.38
C HIS B 320 1.80 50.48 -2.02
N TRP B 321 1.47 49.68 -3.03
CA TRP B 321 2.50 48.93 -3.76
C TRP B 321 3.33 49.87 -4.59
N THR B 322 2.70 50.90 -5.14
CA THR B 322 3.40 52.00 -5.81
C THR B 322 4.41 52.69 -4.90
N LYS B 323 4.00 52.92 -3.66
CA LYS B 323 4.75 53.69 -2.68
C LYS B 323 6.03 52.99 -2.22
N VAL B 324 5.95 51.71 -1.86
CA VAL B 324 7.10 51.00 -1.28
C VAL B 324 8.00 50.45 -2.37
N SER B 325 7.68 50.75 -3.61
CA SER B 325 8.14 49.93 -4.72
C SER B 325 9.60 50.26 -5.08
N HIS B 326 9.97 51.53 -4.88
CA HIS B 326 11.36 51.95 -4.97
C HIS B 326 12.24 51.23 -3.93
N LYS B 327 11.66 50.83 -2.81
CA LYS B 327 12.41 50.10 -1.76
C LYS B 327 12.92 48.71 -2.19
N PHE B 328 12.69 48.35 -3.46
CA PHE B 328 13.08 47.03 -4.00
C PHE B 328 14.39 47.13 -4.81
N THR B 329 14.83 48.36 -5.04
CA THR B 329 16.15 48.58 -5.61
C THR B 329 17.18 48.79 -4.48
N ILE B 330 18.37 48.22 -4.63
CA ILE B 330 19.41 48.33 -3.59
C ILE B 330 20.23 49.63 -3.77
N ARG B 331 20.08 50.52 -2.79
CA ARG B 331 20.77 51.81 -2.78
C ARG B 331 21.91 51.72 -1.75
N GLY B 332 23.04 52.34 -2.07
CA GLY B 332 24.26 52.07 -1.32
C GLY B 332 24.70 50.61 -1.37
N LEU B 333 25.25 50.15 -0.26
CA LEU B 333 25.64 48.75 -0.10
C LEU B 333 24.54 47.98 0.64
N PRO B 334 24.51 46.66 0.48
CA PRO B 334 23.96 45.77 1.51
C PRO B 334 24.43 46.13 2.90
N SER B 335 23.67 45.65 3.90
CA SER B 335 23.83 46.08 5.28
C SER B 335 25.15 45.66 5.85
N ASN B 336 25.74 44.61 5.27
CA ASN B 336 27.07 44.17 5.72
C ASN B 336 28.22 44.90 5.03
N ASN B 337 27.89 45.83 4.13
CA ASN B 337 28.93 46.52 3.34
C ASN B 337 29.59 45.61 2.31
N SER B 338 28.90 44.54 1.94
CA SER B 338 29.45 43.65 0.93
C SER B 338 28.72 43.71 -0.41
N LEU B 339 29.49 43.58 -1.48
CA LEU B 339 28.93 43.21 -2.75
C LEU B 339 29.27 41.74 -3.09
N ASP B 340 29.64 40.97 -2.07
CA ASP B 340 29.53 39.49 -2.09
C ASP B 340 28.47 38.98 -3.05
N PHE B 341 27.25 39.44 -2.80
CA PHE B 341 26.04 38.84 -3.36
C PHE B 341 26.01 38.83 -4.89
N LEU B 342 26.86 39.64 -5.54
CA LEU B 342 26.91 39.67 -7.01
C LEU B 342 27.69 38.51 -7.63
N ASP B 343 28.36 37.73 -6.78
CA ASP B 343 29.13 36.57 -7.23
C ASP B 343 28.37 35.27 -6.96
N GLU B 344 27.18 35.42 -6.38
CA GLU B 344 26.27 34.28 -6.16
C GLU B 344 24.79 34.70 -6.13
N ASP C 6 17.77 -8.71 39.84
CA ASP C 6 18.37 -7.90 40.94
C ASP C 6 18.16 -6.39 40.74
N GLU C 7 18.58 -5.87 39.58
CA GLU C 7 18.38 -4.46 39.24
C GLU C 7 16.89 -4.20 39.01
N TYR C 8 16.09 -5.28 39.01
CA TYR C 8 14.65 -5.20 38.73
C TYR C 8 13.81 -4.57 39.84
N THR C 9 13.66 -5.28 40.95
CA THR C 9 12.88 -4.80 42.09
C THR C 9 13.28 -3.39 42.49
N LYS C 10 14.58 -3.14 42.48
CA LYS C 10 15.16 -1.80 42.60
C LYS C 10 14.33 -0.73 41.88
N LEU C 11 13.68 -1.14 40.79
CA LEU C 11 13.17 -0.22 39.79
C LEU C 11 11.76 0.28 40.15
N LEU C 12 11.07 -0.46 40.99
CA LEU C 12 9.71 -0.09 41.35
C LEU C 12 9.52 0.23 42.84
N HIS C 13 10.55 0.01 43.66
CA HIS C 13 10.63 0.63 44.98
C HIS C 13 10.10 2.07 44.95
N ASP C 14 10.80 2.94 44.21
CA ASP C 14 10.42 4.35 44.10
C ASP C 14 9.08 4.51 43.36
N GLY C 15 8.60 5.74 43.29
CA GLY C 15 7.65 6.09 42.23
C GLY C 15 8.17 5.65 40.87
N ILE C 16 7.30 5.72 39.87
CA ILE C 16 7.71 6.23 38.57
C ILE C 16 7.82 7.76 38.69
N GLN C 17 9.06 8.24 38.88
CA GLN C 17 9.31 9.64 39.20
C GLN C 17 8.65 10.57 38.17
N PRO C 18 8.11 11.72 38.62
CA PRO C 18 7.80 12.75 37.63
C PRO C 18 9.05 13.18 36.85
N VAL C 19 8.85 13.66 35.63
CA VAL C 19 9.99 14.10 34.84
C VAL C 19 10.67 15.34 35.41
N ALA C 20 9.89 16.26 35.98
CA ALA C 20 10.49 17.47 36.56
C ALA C 20 11.33 17.12 37.78
N ALA C 21 11.10 15.96 38.37
CA ALA C 21 11.90 15.51 39.50
C ALA C 21 13.27 15.00 39.06
N ILE C 22 13.42 14.79 37.75
CA ILE C 22 14.66 14.27 37.18
C ILE C 22 15.53 15.46 36.85
N ASP C 23 14.98 16.35 36.04
CA ASP C 23 15.59 17.62 35.74
C ASP C 23 14.47 18.59 35.46
N SER C 24 14.64 19.84 35.89
CA SER C 24 13.69 20.89 35.56
C SER C 24 13.63 21.08 34.06
N ASN C 25 14.53 20.40 33.36
CA ASN C 25 14.79 20.71 31.95
C ASN C 25 14.60 19.51 31.04
N PHE C 26 14.13 18.41 31.63
CA PHE C 26 14.10 17.13 30.98
C PHE C 26 13.38 17.12 29.64
N ALA C 27 12.43 18.04 29.47
CA ALA C 27 11.56 18.01 28.29
C ALA C 27 11.98 19.05 27.28
N SER C 28 13.16 19.62 27.52
CA SER C 28 13.72 20.67 26.69
C SER C 28 14.71 20.15 25.63
N PHE C 29 14.57 20.65 24.41
CA PHE C 29 15.55 20.51 23.35
C PHE C 29 17.00 20.77 23.78
N THR C 30 17.20 21.48 24.90
CA THR C 30 18.54 21.89 25.33
C THR C 30 19.11 20.84 26.26
N TYR C 31 18.26 19.92 26.71
CA TYR C 31 18.67 18.87 27.62
C TYR C 31 19.50 17.80 26.92
N THR C 32 20.57 17.37 27.58
CA THR C 32 21.42 16.33 27.07
C THR C 32 21.35 15.07 27.93
N PRO C 33 20.55 14.10 27.46
CA PRO C 33 20.21 12.87 28.18
C PRO C 33 21.43 12.06 28.56
N ARG C 34 22.54 12.33 27.89
CA ARG C 34 23.76 11.57 28.07
C ARG C 34 24.36 11.98 29.39
N SER C 35 23.91 13.14 29.89
CA SER C 35 24.28 13.67 31.21
C SER C 35 23.71 12.84 32.34
N LEU C 36 22.74 11.99 32.07
CA LEU C 36 22.05 11.32 33.18
C LEU C 36 22.85 10.08 33.57
N PRO C 37 23.10 9.86 34.89
CA PRO C 37 23.77 8.62 35.30
C PRO C 37 23.13 7.40 34.65
N GLU C 38 23.91 6.39 34.29
CA GLU C 38 23.38 5.26 33.53
C GLU C 38 22.49 4.30 34.30
N ASP C 39 22.66 4.22 35.63
CA ASP C 39 21.75 3.41 36.44
CA ASP C 39 21.77 3.43 36.48
C ASP C 39 20.42 4.13 36.68
N ASP C 40 20.30 5.33 36.15
CA ASP C 40 19.04 6.05 36.27
C ASP C 40 18.23 6.09 34.98
N THR C 41 18.71 5.36 33.97
CA THR C 41 18.19 5.57 32.61
C THR C 41 16.92 4.79 32.41
N SER C 42 16.80 3.66 33.10
CA SER C 42 15.62 2.80 33.04
C SER C 42 14.37 3.44 33.64
N MET C 43 14.57 4.12 34.76
CA MET C 43 13.50 4.74 35.49
C MET C 43 13.00 5.90 34.63
N ALA C 44 13.92 6.59 33.98
CA ALA C 44 13.60 7.75 33.15
C ALA C 44 12.77 7.36 31.94
N ILE C 45 13.03 6.16 31.43
CA ILE C 45 12.27 5.58 30.36
C ILE C 45 10.83 5.46 30.85
N LEU C 46 10.63 4.70 31.93
CA LEU C 46 9.33 4.62 32.61
C LEU C 46 8.67 5.98 32.80
N SER C 47 9.45 6.94 33.26
CA SER C 47 8.95 8.25 33.59
C SER C 47 8.43 8.97 32.37
N MET C 48 9.09 8.76 31.23
CA MET C 48 8.70 9.39 29.97
C MET C 48 7.45 8.73 29.39
N LEU C 49 7.40 7.41 29.46
CA LEU C 49 6.20 6.67 29.15
C LEU C 49 5.00 7.15 29.98
N GLN C 50 5.24 7.39 31.27
CA GLN C 50 4.23 7.98 32.13
C GLN C 50 3.87 9.40 31.71
N ASP C 51 4.85 10.29 31.57
CA ASP C 51 4.59 11.66 31.11
C ASP C 51 3.80 11.81 29.80
N MET C 52 3.97 10.82 28.91
CA MET C 52 3.24 10.76 27.65
C MET C 52 1.89 10.10 27.85
N ASN C 53 1.78 9.35 28.95
CA ASN C 53 0.54 8.71 29.42
C ASN C 53 0.23 7.47 28.64
N PHE C 54 1.26 6.84 28.09
CA PHE C 54 1.07 5.59 27.35
C PHE C 54 0.77 4.41 28.26
N ILE C 55 1.18 4.50 29.52
CA ILE C 55 0.99 3.38 30.46
C ILE C 55 -0.50 3.31 30.79
N ASN C 56 -1.07 4.47 31.09
CA ASN C 56 -2.48 4.54 31.47
C ASN C 56 -3.43 4.32 30.32
N ASN C 57 -3.21 4.99 29.19
CA ASN C 57 -4.00 4.80 27.97
C ASN C 57 -3.98 3.39 27.35
N TYR C 58 -2.83 2.72 27.37
CA TYR C 58 -2.75 1.37 26.81
C TYR C 58 -2.85 0.29 27.88
N LYS C 59 -3.18 0.70 29.11
CA LYS C 59 -3.35 -0.22 30.24
C LYS C 59 -2.19 -1.20 30.32
N ILE C 60 -0.97 -0.64 30.28
CA ILE C 60 0.25 -1.44 30.27
C ILE C 60 0.55 -1.93 31.69
N ASP C 61 0.77 -3.22 31.85
CA ASP C 61 1.16 -3.78 33.13
C ASP C 61 2.52 -3.27 33.59
N CYS C 62 2.58 -2.61 34.74
CA CYS C 62 3.84 -2.08 35.27
C CYS C 62 5.00 -3.07 35.45
N PRO C 63 4.82 -4.14 36.25
CA PRO C 63 5.71 -5.30 36.25
C PRO C 63 6.26 -5.71 34.87
N THR C 64 5.38 -6.03 33.93
CA THR C 64 5.79 -6.34 32.55
C THR C 64 6.65 -5.23 31.93
N LEU C 65 6.23 -3.98 32.09
CA LEU C 65 6.90 -2.87 31.41
C LEU C 65 8.35 -2.72 31.88
N ALA C 66 8.56 -2.78 33.20
CA ALA C 66 9.90 -2.81 33.81
C ALA C 66 10.76 -4.05 33.54
N ARG C 67 10.16 -5.22 33.39
CA ARG C 67 10.97 -6.31 32.88
C ARG C 67 11.50 -6.06 31.46
N PHE C 68 10.59 -5.73 30.53
CA PHE C 68 10.92 -5.29 29.16
C PHE C 68 12.00 -4.21 29.17
N CYS C 69 11.83 -3.16 29.95
CA CYS C 69 12.81 -2.08 29.89
C CYS C 69 14.22 -2.54 30.21
N LEU C 70 14.32 -3.51 31.12
CA LEU C 70 15.61 -3.96 31.63
C LEU C 70 16.20 -5.00 30.70
N MET C 71 15.34 -5.77 30.05
CA MET C 71 15.79 -6.76 29.07
C MET C 71 16.39 -6.06 27.86
N VAL C 72 15.80 -4.91 27.49
CA VAL C 72 16.18 -4.16 26.29
C VAL C 72 17.53 -3.50 26.60
N LYS C 73 17.61 -2.74 27.69
CA LYS C 73 18.87 -2.24 28.21
C LYS C 73 19.96 -3.31 28.21
N LYS C 74 19.60 -4.51 28.66
CA LYS C 74 20.57 -5.58 28.79
C LYS C 74 20.94 -6.18 27.44
N GLY C 75 20.05 -6.02 26.45
CA GLY C 75 20.31 -6.51 25.08
C GLY C 75 21.30 -5.69 24.27
N TYR C 76 21.80 -4.61 24.86
CA TYR C 76 22.87 -3.85 24.23
C TYR C 76 24.26 -4.32 24.67
N ARG C 77 25.19 -4.41 23.72
CA ARG C 77 26.60 -4.58 24.06
C ARG C 77 27.27 -3.23 24.35
N ASP C 78 28.61 -3.21 24.39
CA ASP C 78 29.36 -2.00 24.79
C ASP C 78 30.38 -1.53 23.74
N PRO C 79 29.97 -1.52 22.43
CA PRO C 79 30.91 -0.88 21.51
C PRO C 79 31.03 0.55 21.99
N PRO C 80 32.02 1.27 21.49
CA PRO C 80 32.10 2.67 21.90
C PRO C 80 30.83 3.52 21.63
N TYR C 81 30.17 3.35 20.49
CA TYR C 81 29.00 4.21 20.23
C TYR C 81 27.65 3.51 20.37
N HIS C 82 27.53 2.31 19.81
CA HIS C 82 26.23 1.65 19.63
C HIS C 82 25.91 0.81 20.85
N ASN C 83 25.52 1.50 21.92
CA ASN C 83 25.29 0.87 23.23
C ASN C 83 24.05 1.48 23.89
N TRP C 84 23.72 1.03 25.09
CA TRP C 84 22.42 1.38 25.65
C TRP C 84 22.24 2.89 25.68
N MET C 85 23.29 3.60 26.13
CA MET C 85 23.19 5.06 26.22
C MET C 85 22.86 5.70 24.89
N HIS C 86 23.27 5.05 23.80
CA HIS C 86 22.81 5.50 22.49
C HIS C 86 21.28 5.33 22.39
N ALA C 87 20.81 4.13 22.67
CA ALA C 87 19.42 3.79 22.53
C ALA C 87 18.57 4.64 23.44
N PHE C 88 19.08 4.89 24.65
CA PHE C 88 18.41 5.75 25.63
C PHE C 88 18.27 7.18 25.17
N SER C 89 19.35 7.81 24.71
CA SER C 89 19.26 9.20 24.28
C SER C 89 18.47 9.36 22.98
N VAL C 90 18.38 8.29 22.21
CA VAL C 90 17.58 8.30 20.98
C VAL C 90 16.11 8.28 21.42
N SER C 91 15.80 7.51 22.47
CA SER C 91 14.45 7.46 23.03
C SER C 91 14.04 8.79 23.66
N HIS C 92 14.96 9.41 24.40
CA HIS C 92 14.71 10.68 24.99
C HIS C 92 14.32 11.66 23.91
N PHE C 93 15.05 11.65 22.79
CA PHE C 93 14.68 12.59 21.71
C PHE C 93 13.27 12.41 21.17
N CYS C 94 12.82 11.16 21.11
CA CYS C 94 11.42 10.86 20.73
C CYS C 94 10.42 11.56 21.66
N TYR C 95 10.58 11.30 22.95
CA TYR C 95 9.93 12.05 24.00
C TYR C 95 9.90 13.57 23.74
N LEU C 96 11.06 14.16 23.52
CA LEU C 96 11.19 15.57 23.16
C LEU C 96 10.34 16.09 21.98
N LEU C 97 10.28 15.32 20.90
CA LEU C 97 9.49 15.70 19.71
C LEU C 97 8.01 15.68 20.06
N TYR C 98 7.61 14.65 20.79
CA TYR C 98 6.25 14.58 21.33
C TYR C 98 5.92 15.78 22.21
N LYS C 99 6.73 15.99 23.25
CA LYS C 99 6.55 17.11 24.15
C LYS C 99 6.61 18.47 23.44
N ASN C 100 7.42 18.59 22.39
CA ASN C 100 7.65 19.90 21.79
C ASN C 100 6.91 20.22 20.47
N LEU C 101 6.46 19.22 19.72
CA LEU C 101 6.19 19.44 18.30
C LEU C 101 4.73 19.50 17.91
N GLU C 102 3.89 18.72 18.59
CA GLU C 102 2.48 18.49 18.14
C GLU C 102 2.38 17.41 17.10
N LEU C 103 2.87 16.24 17.48
CA LEU C 103 2.98 15.11 16.59
C LEU C 103 1.59 14.47 16.46
N THR C 104 0.72 14.74 17.43
CA THR C 104 -0.64 14.21 17.40
C THR C 104 -1.52 14.95 16.40
N ASN C 105 -1.15 16.16 16.00
CA ASN C 105 -1.74 16.76 14.82
C ASN C 105 -1.54 15.87 13.60
N TYR C 106 -0.48 15.06 13.59
CA TYR C 106 -0.02 14.38 12.35
C TYR C 106 -0.07 12.84 12.43
N LEU C 107 -0.02 12.28 13.64
CA LEU C 107 0.23 10.85 13.82
C LEU C 107 -0.75 10.26 14.83
N GLU C 108 -1.16 9.01 14.65
CA GLU C 108 -1.95 8.35 15.69
C GLU C 108 -1.08 8.04 16.90
N ASP C 109 -1.70 7.86 18.06
CA ASP C 109 -0.98 7.76 19.32
C ASP C 109 -0.18 6.46 19.38
N ILE C 110 -0.73 5.42 18.79
CA ILE C 110 -0.09 4.10 18.80
C ILE C 110 1.14 4.03 17.85
N GLU C 111 1.08 4.88 16.83
CA GLU C 111 2.18 5.23 15.98
C GLU C 111 3.33 5.90 16.73
N ILE C 112 2.99 6.86 17.60
CA ILE C 112 3.95 7.53 18.46
C ILE C 112 4.49 6.56 19.52
N PHE C 113 3.62 5.74 20.09
CA PHE C 113 4.05 4.67 21.01
C PHE C 113 5.04 3.69 20.39
N ALA C 114 4.72 3.17 19.19
CA ALA C 114 5.61 2.23 18.46
C ALA C 114 6.97 2.86 18.05
N LEU C 115 6.95 4.16 17.75
CA LEU C 115 8.16 4.94 17.54
C LEU C 115 9.04 4.96 18.78
N PHE C 116 8.43 5.23 19.93
CA PHE C 116 9.21 5.32 21.17
C PHE C 116 9.81 3.97 21.50
N ILE C 117 9.00 2.93 21.55
CA ILE C 117 9.51 1.55 21.71
C ILE C 117 10.59 1.12 20.70
N SER C 118 10.39 1.45 19.41
CA SER C 118 11.40 1.19 18.38
C SER C 118 12.69 1.86 18.72
N CYS C 119 12.61 3.11 19.14
CA CYS C 119 13.81 3.80 19.56
C CYS C 119 14.58 2.96 20.60
N MET C 120 13.86 2.35 21.54
CA MET C 120 14.54 1.69 22.66
C MET C 120 15.25 0.52 22.06
N CYS C 121 14.66 -0.02 21.01
CA CYS C 121 15.05 -1.36 20.50
C CYS C 121 15.91 -1.32 19.25
N HIS C 122 16.10 -0.15 18.67
CA HIS C 122 16.48 -0.14 17.25
C HIS C 122 17.90 -0.57 16.94
N ASP C 123 18.77 -0.72 17.95
CA ASP C 123 20.19 -1.11 17.70
C ASP C 123 20.59 -2.27 18.63
N LEU C 124 19.60 -3.01 19.10
CA LEU C 124 19.78 -4.13 20.01
C LEU C 124 20.87 -5.05 19.52
N ASP C 125 21.76 -5.40 20.44
CA ASP C 125 22.81 -6.41 20.15
C ASP C 125 23.79 -6.01 19.02
N HIS C 126 23.95 -4.71 18.77
CA HIS C 126 24.96 -4.19 17.86
C HIS C 126 26.36 -4.61 18.28
N ARG C 127 27.17 -4.97 17.28
CA ARG C 127 28.55 -5.43 17.48
C ARG C 127 29.64 -4.35 17.20
N GLY C 128 29.24 -3.12 16.89
CA GLY C 128 30.20 -2.09 16.55
C GLY C 128 30.71 -2.19 15.12
N THR C 129 30.09 -3.09 14.35
CA THR C 129 30.35 -3.25 12.92
C THR C 129 29.11 -2.95 12.05
N ASN C 130 29.35 -2.46 10.83
CA ASN C 130 28.25 -2.23 9.89
C ASN C 130 27.76 -3.43 9.06
N ASN C 131 26.85 -3.18 8.12
CA ASN C 131 26.27 -4.24 7.33
C ASN C 131 27.23 -4.90 6.36
N SER C 132 27.99 -4.09 5.67
CA SER C 132 28.90 -4.72 4.72
C SER C 132 30.00 -5.51 5.43
N PHE C 133 30.39 -5.09 6.62
CA PHE C 133 31.23 -5.95 7.45
C PHE C 133 30.68 -7.35 7.78
N GLN C 134 29.38 -7.41 8.11
CA GLN C 134 28.67 -8.67 8.29
C GLN C 134 28.82 -9.57 7.07
N VAL C 135 28.61 -8.98 5.89
CA VAL C 135 28.73 -9.68 4.62
C VAL C 135 30.17 -10.08 4.31
N ALA C 136 31.10 -9.13 4.37
CA ALA C 136 32.52 -9.38 4.17
C ALA C 136 33.04 -10.53 5.05
N SER C 137 32.67 -10.56 6.32
CA SER C 137 33.24 -11.52 7.25
C SER C 137 32.37 -12.73 7.37
N LYS C 138 31.35 -12.79 6.53
CA LYS C 138 30.46 -13.92 6.48
C LYS C 138 29.96 -14.30 7.88
N SER C 139 29.42 -13.33 8.62
CA SER C 139 28.93 -13.62 9.98
C SER C 139 27.61 -14.41 9.90
N VAL C 140 27.13 -14.89 11.03
CA VAL C 140 25.85 -15.57 11.01
C VAL C 140 24.73 -14.63 10.60
N LEU C 141 24.87 -13.35 10.92
CA LEU C 141 23.79 -12.40 10.63
C LEU C 141 23.63 -12.28 9.12
N ALA C 142 24.76 -12.32 8.41
CA ALA C 142 24.76 -12.19 6.95
C ALA C 142 24.16 -13.42 6.34
N ALA C 143 24.55 -14.58 6.88
CA ALA C 143 23.95 -15.86 6.54
C ALA C 143 22.42 -15.79 6.54
N LEU C 144 21.86 -15.17 7.58
CA LEU C 144 20.43 -15.13 7.77
C LEU C 144 19.76 -14.05 6.95
N TYR C 145 20.44 -12.92 6.75
CA TYR C 145 19.79 -11.68 6.29
C TYR C 145 20.32 -11.03 5.01
N SER C 146 21.51 -11.39 4.55
CA SER C 146 22.22 -10.56 3.55
C SER C 146 21.39 -10.41 2.27
N SER C 147 20.64 -11.46 1.93
CA SER C 147 19.91 -11.48 0.68
C SER C 147 18.69 -10.54 0.70
N GLU C 148 18.17 -10.23 1.88
CA GLU C 148 17.07 -9.27 1.98
C GLU C 148 17.53 -7.84 2.24
N GLY C 149 18.74 -7.66 2.73
CA GLY C 149 19.25 -6.33 3.00
C GLY C 149 19.12 -6.01 4.47
N SER C 150 19.64 -4.85 4.84
CA SER C 150 19.62 -4.32 6.18
C SER C 150 19.97 -5.39 7.22
N VAL C 151 21.09 -6.09 7.02
CA VAL C 151 21.44 -7.24 7.85
C VAL C 151 21.25 -6.98 9.33
N MET C 152 21.74 -5.85 9.81
CA MET C 152 21.83 -5.58 11.27
C MET C 152 20.48 -5.15 11.79
N GLU C 153 19.83 -4.27 11.04
CA GLU C 153 18.49 -3.80 11.39
C GLU C 153 17.49 -4.94 11.48
N ARG C 154 17.57 -5.89 10.56
CA ARG C 154 16.82 -7.14 10.67
C ARG C 154 17.16 -7.98 11.92
N HIS C 155 18.42 -7.93 12.34
CA HIS C 155 18.83 -8.54 13.61
C HIS C 155 18.25 -7.76 14.75
N HIS C 156 18.34 -6.43 14.73
CA HIS C 156 17.81 -5.61 15.81
C HIS C 156 16.31 -5.93 16.01
N PHE C 157 15.57 -6.05 14.90
CA PHE C 157 14.16 -6.34 14.99
C PHE C 157 13.88 -7.75 15.54
N ALA C 158 14.57 -8.78 15.05
CA ALA C 158 14.45 -10.14 15.62
C ALA C 158 14.80 -10.23 17.09
N GLN C 159 15.76 -9.41 17.50
CA GLN C 159 16.11 -9.33 18.92
C GLN C 159 14.98 -8.75 19.78
N ALA C 160 14.29 -7.74 19.26
CA ALA C 160 13.14 -7.13 19.98
C ALA C 160 12.00 -8.13 20.12
N ILE C 161 11.79 -8.94 19.08
CA ILE C 161 10.79 -10.01 19.04
C ILE C 161 11.12 -11.12 20.03
N ALA C 162 12.39 -11.50 20.09
CA ALA C 162 12.90 -12.42 21.12
C ALA C 162 12.62 -11.98 22.56
N ILE C 163 12.80 -10.69 22.82
CA ILE C 163 12.49 -10.09 24.10
C ILE C 163 11.00 -10.07 24.48
N LEU C 164 10.14 -9.63 23.57
CA LEU C 164 8.67 -9.66 23.75
C LEU C 164 8.17 -11.09 23.94
N ASN C 165 8.86 -12.01 23.27
CA ASN C 165 8.65 -13.43 23.43
C ASN C 165 9.22 -14.09 24.71
N THR C 166 9.87 -13.34 25.58
CA THR C 166 10.38 -13.95 26.79
C THR C 166 9.30 -13.83 27.83
N HIS C 167 9.15 -14.87 28.65
CA HIS C 167 8.06 -14.92 29.60
C HIS C 167 8.17 -13.74 30.52
N GLY C 168 7.06 -13.03 30.70
CA GLY C 168 7.03 -11.87 31.60
C GLY C 168 7.27 -10.53 30.94
N CYS C 169 7.56 -10.56 29.65
CA CYS C 169 8.18 -9.42 28.96
C CYS C 169 7.31 -8.84 27.86
N ASN C 170 6.23 -9.53 27.51
CA ASN C 170 5.37 -9.03 26.45
C ASN C 170 4.44 -7.90 26.85
N ILE C 171 4.93 -6.67 26.72
CA ILE C 171 4.15 -5.49 27.08
C ILE C 171 2.89 -5.25 26.24
N PHE C 172 2.69 -6.04 25.18
CA PHE C 172 1.55 -5.89 24.25
C PHE C 172 0.52 -7.00 24.31
N ASP C 173 0.67 -7.98 25.19
CA ASP C 173 -0.04 -9.24 24.96
C ASP C 173 -1.54 -9.15 25.26
N HIS C 174 -1.94 -8.08 25.96
CA HIS C 174 -3.34 -7.84 26.24
C HIS C 174 -3.99 -6.98 25.14
N PHE C 175 -3.20 -6.60 24.13
CA PHE C 175 -3.70 -5.76 23.02
C PHE C 175 -4.69 -6.60 22.24
N SER C 176 -5.66 -5.94 21.62
CA SER C 176 -6.46 -6.63 20.62
C SER C 176 -5.54 -7.25 19.53
N ARG C 177 -5.99 -8.34 18.93
CA ARG C 177 -5.31 -8.96 17.78
C ARG C 177 -4.85 -7.88 16.83
N LYS C 178 -5.75 -6.97 16.49
CA LYS C 178 -5.48 -5.93 15.54
C LYS C 178 -4.47 -4.90 16.04
N ASP C 179 -4.64 -4.42 17.27
CA ASP C 179 -3.67 -3.49 17.86
C ASP C 179 -2.27 -4.10 18.05
N TYR C 180 -2.24 -5.38 18.45
CA TYR C 180 -1.01 -6.13 18.63
C TYR C 180 -0.26 -6.18 17.32
N GLN C 181 -0.99 -6.46 16.24
CA GLN C 181 -0.39 -6.69 14.95
C GLN C 181 0.15 -5.39 14.39
N ARG C 182 -0.49 -4.30 14.75
CA ARG C 182 -0.08 -3.04 14.20
C ARG C 182 1.25 -2.62 14.83
N MET C 183 1.47 -2.98 16.10
CA MET C 183 2.70 -2.64 16.82
CA MET C 183 2.71 -2.69 16.86
C MET C 183 3.92 -3.40 16.27
N LEU C 184 3.73 -4.66 15.92
CA LEU C 184 4.76 -5.42 15.26
C LEU C 184 5.08 -4.84 13.90
N ASP C 185 4.05 -4.55 13.09
CA ASP C 185 4.26 -4.01 11.73
C ASP C 185 4.96 -2.69 11.87
N LEU C 186 4.48 -1.82 12.77
CA LEU C 186 5.14 -0.54 13.01
C LEU C 186 6.61 -0.64 13.46
N MET C 187 6.93 -1.43 14.49
CA MET C 187 8.33 -1.70 14.84
C MET C 187 9.20 -2.27 13.69
N ARG C 188 8.71 -3.19 12.88
CA ARG C 188 9.57 -3.70 11.84
C ARG C 188 9.89 -2.53 10.93
N ASP C 189 8.86 -1.78 10.54
CA ASP C 189 9.09 -0.76 9.53
C ASP C 189 10.03 0.30 10.05
N ILE C 190 9.75 0.78 11.25
CA ILE C 190 10.55 1.83 11.83
C ILE C 190 11.98 1.33 12.08
N ILE C 191 12.13 0.11 12.60
CA ILE C 191 13.48 -0.38 12.86
C ILE C 191 14.22 -0.54 11.56
N LEU C 192 13.56 -1.09 10.56
CA LEU C 192 14.19 -1.21 9.27
C LEU C 192 14.61 0.13 8.59
N ALA C 193 13.97 1.23 9.00
CA ALA C 193 14.15 2.57 8.42
C ALA C 193 15.41 3.23 8.94
N THR C 194 16.02 2.62 9.94
CA THR C 194 17.26 3.14 10.53
C THR C 194 18.49 2.73 9.74
N ASP C 195 18.32 1.86 8.76
CA ASP C 195 19.40 1.60 7.83
C ASP C 195 19.54 2.88 7.00
N LEU C 196 20.72 3.52 7.06
CA LEU C 196 21.04 4.65 6.19
C LEU C 196 20.80 4.33 4.70
N ALA C 197 21.11 3.11 4.25
CA ALA C 197 20.83 2.75 2.87
C ALA C 197 19.35 2.94 2.55
N HIS C 198 18.48 2.59 3.50
CA HIS C 198 17.04 2.79 3.34
C HIS C 198 16.73 4.27 3.28
N HIS C 199 17.16 4.99 4.29
CA HIS C 199 16.97 6.43 4.25
C HIS C 199 17.33 7.09 2.89
N LEU C 200 18.49 6.74 2.34
CA LEU C 200 18.95 7.39 1.13
C LEU C 200 18.10 6.99 -0.08
N ARG C 201 17.64 5.74 -0.08
CA ARG C 201 16.67 5.25 -1.06
C ARG C 201 15.35 6.04 -1.09
N ILE C 202 14.73 6.24 0.08
CA ILE C 202 13.43 6.89 0.16
C ILE C 202 13.53 8.39 0.30
N PHE C 203 14.71 8.97 0.16
CA PHE C 203 14.90 10.35 0.58
C PHE C 203 14.05 11.26 -0.30
N LYS C 204 13.97 10.91 -1.59
CA LYS C 204 13.17 11.68 -2.56
C LYS C 204 11.68 11.59 -2.28
N ASP C 205 11.23 10.50 -1.66
CA ASP C 205 9.81 10.41 -1.28
C ASP C 205 9.44 11.28 -0.09
N LEU C 206 10.35 11.43 0.86
CA LEU C 206 10.24 12.41 1.93
C LEU C 206 10.16 13.81 1.41
N GLN C 207 10.99 14.13 0.41
CA GLN C 207 11.00 15.45 -0.24
C GLN C 207 9.67 15.70 -0.92
N LYS C 208 9.25 14.76 -1.73
CA LYS C 208 7.93 14.85 -2.35
C LYS C 208 6.81 15.13 -1.34
N MET C 209 6.79 14.38 -0.24
CA MET C 209 5.79 14.54 0.80
C MET C 209 5.83 15.95 1.37
N ALA C 210 7.02 16.46 1.66
CA ALA C 210 7.17 17.83 2.13
C ALA C 210 6.82 18.85 1.05
N GLU C 211 7.02 18.50 -0.22
CA GLU C 211 6.63 19.39 -1.34
C GLU C 211 5.10 19.53 -1.49
N VAL C 212 4.39 18.41 -1.44
CA VAL C 212 2.95 18.43 -1.65
C VAL C 212 2.23 18.86 -0.36
N GLY C 213 2.96 18.87 0.74
CA GLY C 213 2.34 19.00 2.06
C GLY C 213 1.87 17.68 2.62
N TYR C 214 2.08 17.50 3.92
CA TYR C 214 1.71 16.24 4.56
C TYR C 214 0.18 16.08 4.59
N ASP C 215 -0.30 14.89 4.24
CA ASP C 215 -1.74 14.54 4.18
C ASP C 215 -2.07 13.52 5.31
N ARG C 216 -2.70 14.01 6.39
CA ARG C 216 -3.06 13.18 7.54
C ARG C 216 -3.92 11.99 7.12
N ASN C 217 -4.59 12.10 5.98
CA ASN C 217 -5.37 10.98 5.49
C ASN C 217 -4.64 10.01 4.58
N ASN C 218 -3.34 10.18 4.40
CA ASN C 218 -2.59 9.29 3.52
C ASN C 218 -1.73 8.42 4.44
N LYS C 219 -1.97 7.10 4.41
CA LYS C 219 -1.22 6.18 5.27
C LYS C 219 0.22 6.09 4.82
N GLN C 220 0.51 6.39 3.55
CA GLN C 220 1.91 6.36 3.10
C GLN C 220 2.72 7.52 3.71
N HIS C 221 2.05 8.67 3.87
CA HIS C 221 2.55 9.82 4.59
C HIS C 221 2.88 9.55 6.06
N HIS C 222 1.93 8.95 6.79
CA HIS C 222 2.23 8.41 8.13
C HIS C 222 3.52 7.60 8.19
N ARG C 223 3.63 6.61 7.31
CA ARG C 223 4.82 5.78 7.20
C ARG C 223 6.11 6.55 6.93
N LEU C 224 6.11 7.41 5.90
CA LEU C 224 7.24 8.29 5.63
C LEU C 224 7.61 9.18 6.84
N LEU C 225 6.60 9.79 7.41
CA LEU C 225 6.85 10.69 8.52
C LEU C 225 7.54 9.91 9.67
N LEU C 226 7.10 8.70 9.95
CA LEU C 226 7.72 7.88 11.00
C LEU C 226 9.15 7.49 10.63
N CYS C 227 9.42 7.23 9.35
CA CYS C 227 10.79 7.02 8.89
C CYS C 227 11.64 8.26 9.17
N LEU C 228 11.13 9.44 8.78
CA LEU C 228 11.81 10.72 9.07
C LEU C 228 12.07 10.99 10.55
N LEU C 229 11.07 10.72 11.37
CA LEU C 229 11.20 11.08 12.78
C LEU C 229 12.16 10.09 13.45
N MET C 230 12.22 8.88 12.94
CA MET C 230 13.07 7.82 13.52
C MET C 230 14.55 8.17 13.23
N THR C 231 14.82 8.58 11.99
CA THR C 231 16.16 9.08 11.66
C THR C 231 16.58 10.38 12.38
N SER C 232 15.65 11.30 12.57
CA SER C 232 15.81 12.45 13.49
C SER C 232 16.28 12.09 14.87
N CYS C 233 15.64 11.10 15.44
CA CYS C 233 15.95 10.58 16.75
C CYS C 233 17.35 9.91 16.75
N ASP C 234 17.66 9.11 15.72
CA ASP C 234 18.95 8.37 15.65
C ASP C 234 20.14 9.38 15.66
N LEU C 235 19.94 10.53 15.03
CA LEU C 235 21.02 11.49 14.83
CA LEU C 235 20.99 11.52 14.79
C LEU C 235 20.98 12.68 15.78
N SER C 236 20.13 12.58 16.82
CA SER C 236 19.90 13.68 17.78
C SER C 236 21.07 14.24 18.59
N ASP C 237 22.09 13.43 18.86
CA ASP C 237 23.35 13.94 19.44
C ASP C 237 23.83 15.22 18.72
N GLN C 238 23.45 15.35 17.46
CA GLN C 238 23.92 16.46 16.63
C GLN C 238 23.17 17.78 16.84
N THR C 239 22.11 17.75 17.63
CA THR C 239 21.26 18.94 17.89
C THR C 239 21.51 19.51 19.28
N LYS C 240 22.43 18.91 20.03
CA LYS C 240 22.91 19.51 21.27
C LYS C 240 24.08 20.49 20.99
N GLY C 241 25.04 20.57 21.89
CA GLY C 241 26.12 21.54 21.68
C GLY C 241 27.34 20.93 21.02
N TRP C 242 28.34 21.76 20.76
CA TRP C 242 29.64 21.33 20.28
C TRP C 242 30.24 20.19 21.13
N LYS C 243 30.09 20.30 22.43
CA LYS C 243 30.68 19.33 23.33
C LYS C 243 30.15 17.93 23.01
N THR C 244 28.83 17.85 22.79
CA THR C 244 28.17 16.60 22.38
C THR C 244 28.63 16.02 21.04
N THR C 245 28.57 16.83 19.98
CA THR C 245 29.03 16.43 18.65
C THR C 245 30.49 15.94 18.68
N ARG C 246 31.32 16.66 19.43
CA ARG C 246 32.73 16.32 19.55
C ARG C 246 32.93 14.97 20.19
N LYS C 247 32.26 14.75 21.32
CA LYS C 247 32.37 13.51 22.08
C LYS C 247 31.84 12.31 21.29
N ILE C 248 30.68 12.50 20.66
CA ILE C 248 30.13 11.49 19.76
C ILE C 248 31.05 11.16 18.56
N ALA C 249 31.68 12.16 17.93
CA ALA C 249 32.74 11.86 16.93
C ALA C 249 33.83 10.90 17.49
N GLU C 250 34.34 11.20 18.68
CA GLU C 250 35.29 10.31 19.37
C GLU C 250 34.78 8.87 19.44
N LEU C 251 33.56 8.67 19.93
CA LEU C 251 32.96 7.31 20.04
C LEU C 251 32.75 6.63 18.71
N ILE C 252 32.25 7.38 17.73
CA ILE C 252 31.92 6.83 16.42
C ILE C 252 33.17 6.34 15.69
N TYR C 253 34.17 7.22 15.66
CA TYR C 253 35.44 6.93 15.02
C TYR C 253 36.24 5.88 15.75
N LYS C 254 36.23 5.93 17.07
CA LYS C 254 36.84 4.83 17.80
C LYS C 254 36.26 3.50 17.33
N GLU C 255 34.92 3.43 17.36
CA GLU C 255 34.16 2.31 16.79
C GLU C 255 34.47 1.99 15.34
N PHE C 256 34.37 2.97 14.44
CA PHE C 256 34.70 2.76 13.04
C PHE C 256 36.13 2.22 12.89
N PHE C 257 37.10 2.86 13.54
CA PHE C 257 38.52 2.51 13.29
C PHE C 257 38.84 1.09 13.72
N SER C 258 38.20 0.66 14.80
CA SER C 258 38.35 -0.75 15.10
CA SER C 258 38.20 -0.73 15.21
C SER C 258 37.70 -1.72 14.14
N GLN C 259 36.56 -1.45 13.49
CA GLN C 259 36.18 -2.27 12.35
C GLN C 259 37.17 -2.23 11.17
N GLY C 260 37.66 -1.02 10.85
CA GLY C 260 38.69 -0.87 9.81
C GLY C 260 39.94 -1.68 10.09
N ASP C 261 40.42 -1.69 11.34
CA ASP C 261 41.54 -2.53 11.74
C ASP C 261 41.23 -4.00 11.46
N LEU C 262 40.05 -4.48 11.87
CA LEU C 262 39.56 -5.82 11.50
C LEU C 262 39.65 -6.06 9.99
N GLU C 263 39.17 -5.10 9.20
CA GLU C 263 39.09 -5.32 7.78
C GLU C 263 40.49 -5.50 7.19
N LYS C 264 41.41 -4.63 7.57
CA LYS C 264 42.79 -4.74 7.10
C LYS C 264 43.36 -6.14 7.43
N ALA C 265 43.03 -6.63 8.62
CA ALA C 265 43.47 -7.96 9.07
C ALA C 265 42.83 -9.09 8.28
N MET C 266 41.80 -8.80 7.49
CA MET C 266 41.23 -9.78 6.55
C MET C 266 41.84 -9.60 5.15
N GLY C 267 42.86 -8.76 5.06
CA GLY C 267 43.36 -8.32 3.76
C GLY C 267 42.39 -7.43 2.99
N ASN C 268 41.54 -6.67 3.68
CA ASN C 268 40.57 -5.78 3.04
C ASN C 268 40.95 -4.31 3.12
N ARG C 269 40.56 -3.54 2.11
CA ARG C 269 40.71 -2.09 2.18
C ARG C 269 39.41 -1.51 2.73
N PRO C 270 39.41 -1.10 4.03
CA PRO C 270 38.25 -0.41 4.60
C PRO C 270 37.83 0.83 3.82
N MET C 271 36.58 1.21 3.94
CA MET C 271 36.22 2.54 3.54
C MET C 271 37.09 3.56 4.29
N GLU C 272 37.27 4.71 3.67
CA GLU C 272 38.16 5.74 4.19
C GLU C 272 37.77 6.18 5.59
N MET C 273 36.48 6.43 5.80
CA MET C 273 36.02 6.80 7.12
C MET C 273 36.26 5.74 8.21
N MET C 274 36.70 4.54 7.83
CA MET C 274 37.00 3.50 8.83
C MET C 274 38.49 3.17 8.92
N ASP C 275 39.31 3.90 8.18
CA ASP C 275 40.74 3.63 8.08
C ASP C 275 41.44 4.73 8.85
N ARG C 276 41.93 4.42 10.05
CA ARG C 276 42.55 5.44 10.90
C ARG C 276 43.78 6.11 10.26
N GLU C 277 44.32 5.50 9.18
CA GLU C 277 45.46 6.02 8.41
C GLU C 277 45.01 7.01 7.34
N LYS C 278 43.74 6.92 6.92
CA LYS C 278 43.26 7.75 5.81
C LYS C 278 42.22 8.77 6.24
N ALA C 279 41.61 8.57 7.42
CA ALA C 279 40.37 9.26 7.76
C ALA C 279 40.64 10.66 8.33
N TYR C 280 40.10 11.67 7.65
CA TYR C 280 40.30 13.04 8.07
C TYR C 280 39.03 13.56 8.78
N ILE C 281 38.99 13.32 10.08
CA ILE C 281 37.78 13.50 10.83
C ILE C 281 37.01 14.79 10.56
N PRO C 282 37.69 15.94 10.47
CA PRO C 282 36.80 17.12 10.42
C PRO C 282 36.03 17.25 9.10
N GLU C 283 36.65 16.84 8.02
CA GLU C 283 36.01 16.81 6.73
C GLU C 283 34.88 15.75 6.73
N LEU C 284 35.15 14.60 7.33
CA LEU C 284 34.17 13.54 7.37
C LEU C 284 32.96 14.02 8.13
N GLN C 285 33.18 14.73 9.24
CA GLN C 285 32.10 15.23 10.09
C GLN C 285 31.31 16.35 9.50
N ILE C 286 31.99 17.26 8.83
CA ILE C 286 31.35 18.31 8.04
C ILE C 286 30.51 17.80 6.88
N SER C 287 31.03 16.80 6.18
CA SER C 287 30.27 16.15 5.14
C SER C 287 29.03 15.45 5.68
N PHE C 288 29.20 14.70 6.76
CA PHE C 288 28.07 14.04 7.38
C PHE C 288 27.02 15.06 7.79
N MET C 289 27.46 16.17 8.36
CA MET C 289 26.54 17.17 8.92
C MET C 289 25.74 17.77 7.79
N GLU C 290 26.43 18.14 6.72
CA GLU C 290 25.83 18.92 5.64
C GLU C 290 24.97 18.05 4.70
N HIS C 291 25.40 16.81 4.47
CA HIS C 291 24.72 15.96 3.53
C HIS C 291 23.90 14.82 4.09
N ILE C 292 24.06 14.48 5.38
CA ILE C 292 23.18 13.52 6.04
C ILE C 292 22.22 14.12 7.08
N ALA C 293 22.75 14.79 8.11
CA ALA C 293 21.97 15.20 9.29
C ALA C 293 21.16 16.44 8.99
N MET C 294 21.79 17.40 8.32
CA MET C 294 21.13 18.66 7.99
C MET C 294 19.91 18.56 7.09
N PRO C 295 20.03 17.78 5.99
CA PRO C 295 18.87 17.49 5.13
C PRO C 295 17.67 16.83 5.85
N ILE C 296 17.96 16.03 6.89
CA ILE C 296 16.96 15.44 7.75
C ILE C 296 16.23 16.50 8.56
N TYR C 297 16.97 17.38 9.25
CA TYR C 297 16.38 18.37 10.14
C TYR C 297 15.73 19.56 9.42
N LYS C 298 16.18 19.78 8.19
CA LYS C 298 15.49 20.64 7.23
C LYS C 298 14.14 20.06 6.78
N LEU C 299 14.11 18.77 6.47
CA LEU C 299 12.82 18.10 6.27
C LEU C 299 11.95 18.18 7.52
N LEU C 300 12.48 17.84 8.67
CA LEU C 300 11.76 18.01 9.92
C LEU C 300 11.18 19.41 10.11
N GLN C 301 11.99 20.43 9.89
CA GLN C 301 11.56 21.81 10.13
C GLN C 301 10.49 22.21 9.11
N ASP C 302 10.65 21.77 7.86
CA ASP C 302 9.64 21.94 6.80
C ASP C 302 8.23 21.57 7.30
N LEU C 303 8.09 20.41 7.94
CA LEU C 303 6.79 19.86 8.35
C LEU C 303 6.34 20.29 9.73
N PHE C 304 7.32 20.64 10.57
CA PHE C 304 7.11 21.15 11.92
C PHE C 304 7.95 22.42 12.06
N PRO C 305 7.35 23.61 11.86
CA PRO C 305 8.00 24.93 12.05
C PRO C 305 8.66 25.13 13.41
N LYS C 306 8.14 24.44 14.43
CA LYS C 306 8.64 24.55 15.79
C LYS C 306 10.01 23.88 15.93
N ALA C 307 10.41 23.16 14.88
CA ALA C 307 11.65 22.39 14.85
C ALA C 307 12.78 23.14 14.12
N ALA C 308 12.50 24.36 13.67
CA ALA C 308 13.53 25.23 13.10
C ALA C 308 14.77 25.28 13.99
N GLU C 309 14.58 25.28 15.31
CA GLU C 309 15.73 25.41 16.22
C GLU C 309 16.71 24.23 16.23
N LEU C 310 16.22 23.02 16.02
CA LEU C 310 17.09 21.83 15.91
C LEU C 310 17.95 21.89 14.66
N TYR C 311 17.35 22.36 13.58
CA TYR C 311 18.06 22.54 12.31
C TYR C 311 19.15 23.62 12.40
N GLU C 312 18.86 24.69 13.14
CA GLU C 312 19.84 25.75 13.28
CA GLU C 312 19.80 25.80 13.36
C GLU C 312 20.96 25.31 14.21
N ARG C 313 20.66 24.55 15.27
CA ARG C 313 21.68 23.88 16.08
C ARG C 313 22.60 22.94 15.29
N VAL C 314 22.04 21.97 14.57
CA VAL C 314 22.84 21.15 13.67
C VAL C 314 23.70 21.97 12.70
N ALA C 315 23.11 22.98 12.05
CA ALA C 315 23.87 23.85 11.14
C ALA C 315 25.05 24.57 11.83
N SER C 316 24.81 24.95 13.08
CA SER C 316 25.82 25.56 13.90
C SER C 316 26.97 24.62 14.21
N ASN C 317 26.65 23.45 14.75
CA ASN C 317 27.66 22.38 14.95
C ASN C 317 28.50 22.05 13.76
N ARG C 318 27.97 22.22 12.57
CA ARG C 318 28.80 22.06 11.39
C ARG C 318 29.78 23.22 11.19
N GLU C 319 29.37 24.44 11.55
CA GLU C 319 30.30 25.58 11.55
C GLU C 319 31.42 25.48 12.58
N HIS C 320 31.12 25.00 13.79
CA HIS C 320 32.21 24.72 14.74
CA HIS C 320 32.15 24.67 14.78
C HIS C 320 33.19 23.70 14.19
N TRP C 321 32.72 22.67 13.48
CA TRP C 321 33.63 21.71 12.84
C TRP C 321 34.54 22.47 11.90
N THR C 322 33.97 23.40 11.15
CA THR C 322 34.74 24.21 10.21
C THR C 322 35.79 25.09 10.95
N LYS C 323 35.40 25.68 12.08
CA LYS C 323 36.28 26.56 12.84
C LYS C 323 37.44 25.84 13.53
N VAL C 324 37.32 24.54 13.75
CA VAL C 324 38.40 23.80 14.42
C VAL C 324 39.19 22.94 13.47
N SER C 325 38.81 22.93 12.19
CA SER C 325 39.50 22.10 11.20
C SER C 325 41.01 22.31 11.26
N HIS C 326 41.41 23.57 11.47
CA HIS C 326 42.78 23.99 11.29
C HIS C 326 43.68 23.38 12.38
N LYS C 327 43.09 23.06 13.53
CA LYS C 327 43.85 22.43 14.61
C LYS C 327 44.31 21.04 14.27
N PHE C 328 43.86 20.51 13.13
CA PHE C 328 44.17 19.13 12.75
C PHE C 328 45.46 19.09 11.91
N THR C 329 45.89 20.25 11.43
CA THR C 329 47.20 20.42 10.80
C THR C 329 48.19 20.76 11.93
N ILE C 330 49.23 19.92 12.10
CA ILE C 330 50.28 20.26 13.09
C ILE C 330 51.15 21.42 12.58
N ARG C 331 50.91 22.58 13.19
CA ARG C 331 51.78 23.75 13.05
C ARG C 331 52.76 23.81 14.20
N GLY C 332 54.06 23.92 13.90
CA GLY C 332 55.05 23.91 14.96
C GLY C 332 55.41 22.51 15.39
N LEU C 333 55.70 22.36 16.68
CA LEU C 333 55.99 21.04 17.25
C LEU C 333 54.76 20.51 17.96
N PRO C 334 54.57 19.16 17.95
CA PRO C 334 53.51 18.63 18.79
C PRO C 334 53.69 19.22 20.18
N SER C 335 52.65 19.29 20.99
CA SER C 335 52.78 19.95 22.27
C SER C 335 53.67 19.20 23.29
N ASN C 336 53.99 17.94 22.99
CA ASN C 336 55.11 17.28 23.65
C ASN C 336 56.50 17.71 23.14
N ASN C 337 56.53 18.56 22.11
CA ASN C 337 57.76 19.23 21.71
C ASN C 337 58.76 18.27 21.10
N SER C 338 58.25 17.23 20.44
CA SER C 338 59.07 16.12 19.98
C SER C 338 58.58 15.63 18.63
N LEU C 339 59.45 15.07 17.82
CA LEU C 339 59.00 14.54 16.54
C LEU C 339 58.98 13.03 16.56
N ASP C 340 59.28 12.45 17.73
CA ASP C 340 59.23 11.00 17.92
C ASP C 340 58.08 10.32 17.16
N PHE C 341 56.93 11.00 17.11
CA PHE C 341 55.74 10.49 16.41
C PHE C 341 55.90 10.17 14.89
N LEU C 342 56.93 10.72 14.24
CA LEU C 342 57.14 10.50 12.80
C LEU C 342 57.68 9.12 12.47
N ASP C 343 58.17 8.43 13.51
CA ASP C 343 58.77 7.11 13.35
C ASP C 343 57.77 5.98 13.61
N GLU C 344 56.88 6.18 14.60
CA GLU C 344 55.61 5.46 14.61
C GLU C 344 54.56 6.17 13.76
N ILE D 16 31.28 -46.57 7.86
CA ILE D 16 30.38 -46.12 6.76
C ILE D 16 30.21 -47.22 5.72
N GLN D 17 29.20 -48.06 5.89
CA GLN D 17 29.02 -49.20 5.01
C GLN D 17 28.50 -48.83 3.61
N PRO D 18 28.56 -49.77 2.65
CA PRO D 18 28.15 -49.44 1.30
C PRO D 18 26.64 -49.63 1.07
N VAL D 19 26.14 -49.09 -0.05
CA VAL D 19 24.71 -49.14 -0.38
C VAL D 19 24.27 -50.55 -0.78
N ALA D 20 25.22 -51.34 -1.27
CA ALA D 20 24.97 -52.74 -1.61
C ALA D 20 24.55 -53.53 -0.37
N ALA D 21 25.05 -53.14 0.79
CA ALA D 21 24.79 -53.86 2.02
C ALA D 21 23.72 -53.19 2.89
N ILE D 22 22.90 -52.35 2.27
CA ILE D 22 21.59 -51.96 2.82
C ILE D 22 20.44 -52.62 2.08
N ASP D 23 20.57 -52.71 0.75
CA ASP D 23 19.65 -53.44 -0.10
C ASP D 23 20.32 -53.50 -1.44
N SER D 24 20.30 -54.65 -2.08
CA SER D 24 20.78 -54.73 -3.45
C SER D 24 19.98 -53.76 -4.32
N ASN D 25 18.83 -53.34 -3.81
CA ASN D 25 17.89 -52.50 -4.57
C ASN D 25 18.07 -50.98 -4.30
N PHE D 26 18.83 -50.67 -3.26
CA PHE D 26 18.90 -49.32 -2.70
C PHE D 26 18.89 -48.17 -3.70
N ALA D 27 19.47 -48.36 -4.89
CA ALA D 27 19.73 -47.22 -5.77
C ALA D 27 18.76 -47.25 -6.92
N SER D 28 17.71 -48.04 -6.76
CA SER D 28 16.66 -48.19 -7.78
C SER D 28 15.41 -47.33 -7.49
N PHE D 29 14.82 -46.78 -8.56
CA PHE D 29 13.57 -46.04 -8.44
C PHE D 29 12.44 -46.81 -7.79
N THR D 30 12.51 -48.14 -7.76
CA THR D 30 11.43 -48.95 -7.25
C THR D 30 11.54 -49.12 -5.73
N TYR D 31 12.67 -48.72 -5.19
CA TYR D 31 12.95 -48.89 -3.78
C TYR D 31 12.17 -47.86 -2.95
N THR D 32 11.74 -48.26 -1.76
CA THR D 32 10.93 -47.42 -0.91
C THR D 32 11.70 -47.16 0.38
N PRO D 33 12.33 -45.96 0.47
CA PRO D 33 13.21 -45.63 1.61
C PRO D 33 12.50 -45.59 2.94
N ARG D 34 11.17 -45.48 2.93
CA ARG D 34 10.45 -45.55 4.20
C ARG D 34 10.46 -46.96 4.81
N SER D 35 10.88 -47.95 4.00
CA SER D 35 10.98 -49.35 4.42
C SER D 35 12.10 -49.54 5.44
N LEU D 36 13.00 -48.57 5.51
CA LEU D 36 14.20 -48.68 6.30
C LEU D 36 13.94 -48.15 7.72
N PRO D 37 14.38 -48.90 8.75
CA PRO D 37 13.98 -48.52 10.11
C PRO D 37 14.55 -47.15 10.40
N GLU D 38 13.78 -46.32 11.05
CA GLU D 38 14.26 -44.99 11.36
C GLU D 38 15.69 -45.02 11.93
N ASP D 39 16.06 -46.10 12.64
CA ASP D 39 17.36 -46.16 13.35
C ASP D 39 18.56 -46.32 12.42
N ASP D 40 18.31 -46.81 11.21
CA ASP D 40 19.37 -47.00 10.23
C ASP D 40 19.44 -45.89 9.20
N THR D 41 18.70 -44.80 9.43
CA THR D 41 18.65 -43.72 8.42
C THR D 41 19.87 -42.81 8.44
N SER D 42 20.39 -42.51 9.64
CA SER D 42 21.66 -41.81 9.75
C SER D 42 22.83 -42.52 9.08
N MET D 43 22.99 -43.82 9.33
CA MET D 43 23.97 -44.60 8.59
C MET D 43 23.73 -44.49 7.07
N ALA D 44 22.47 -44.57 6.64
CA ALA D 44 22.17 -44.55 5.20
C ALA D 44 22.42 -43.19 4.54
N ILE D 45 22.35 -42.12 5.34
CA ILE D 45 22.70 -40.78 4.85
C ILE D 45 24.19 -40.72 4.52
N LEU D 46 25.05 -41.03 5.51
CA LEU D 46 26.51 -41.21 5.29
C LEU D 46 26.84 -42.13 4.12
N SER D 47 26.07 -43.20 3.94
CA SER D 47 26.35 -44.16 2.86
C SER D 47 26.02 -43.68 1.46
N MET D 48 25.06 -42.75 1.32
CA MET D 48 24.71 -42.19 0.00
C MET D 48 25.72 -41.12 -0.37
N LEU D 49 26.20 -40.41 0.65
CA LEU D 49 27.24 -39.40 0.50
C LEU D 49 28.58 -39.99 0.13
N GLN D 50 29.01 -40.98 0.90
CA GLN D 50 30.07 -41.93 0.50
C GLN D 50 29.94 -42.28 -0.97
N ASP D 51 28.84 -42.93 -1.32
CA ASP D 51 28.58 -43.44 -2.66
C ASP D 51 28.62 -42.47 -3.85
N MET D 52 28.39 -41.19 -3.60
CA MET D 52 28.42 -40.17 -4.66
C MET D 52 29.84 -39.56 -4.68
N ASN D 53 30.67 -40.06 -3.76
CA ASN D 53 31.98 -39.49 -3.38
C ASN D 53 32.07 -37.99 -3.06
N PHE D 54 31.06 -37.47 -2.37
CA PHE D 54 31.13 -36.11 -1.84
C PHE D 54 32.02 -36.01 -0.63
N ILE D 55 32.08 -37.06 0.17
CA ILE D 55 32.93 -37.05 1.35
C ILE D 55 34.39 -36.85 0.93
N ASN D 56 34.82 -37.69 -0.01
CA ASN D 56 36.17 -37.58 -0.57
C ASN D 56 36.43 -36.41 -1.52
N ASN D 57 35.54 -36.17 -2.48
CA ASN D 57 35.73 -35.07 -3.41
C ASN D 57 35.81 -33.70 -2.75
N TYR D 58 35.16 -33.56 -1.60
CA TYR D 58 35.13 -32.28 -0.89
C TYR D 58 35.96 -32.30 0.37
N LYS D 59 36.58 -33.46 0.63
CA LYS D 59 37.51 -33.65 1.75
C LYS D 59 36.82 -33.35 3.07
N ILE D 60 35.59 -33.83 3.22
CA ILE D 60 34.75 -33.47 4.39
C ILE D 60 35.12 -34.33 5.58
N ASP D 61 35.30 -33.69 6.73
CA ASP D 61 35.58 -34.38 7.98
C ASP D 61 34.42 -35.26 8.40
N CYS D 62 34.72 -36.49 8.83
CA CYS D 62 33.71 -37.54 8.99
C CYS D 62 32.92 -37.51 10.31
N PRO D 63 33.59 -37.24 11.45
CA PRO D 63 32.74 -37.03 12.63
C PRO D 63 32.00 -35.67 12.72
N THR D 64 32.53 -34.61 12.09
CA THR D 64 31.74 -33.40 11.78
C THR D 64 30.52 -33.72 10.90
N LEU D 65 30.70 -34.54 9.89
CA LEU D 65 29.57 -34.99 9.12
C LEU D 65 28.62 -35.84 9.95
N ALA D 66 29.16 -36.69 10.81
CA ALA D 66 28.35 -37.53 11.66
C ALA D 66 27.51 -36.69 12.60
N ARG D 67 28.09 -35.67 13.21
CA ARG D 67 27.37 -34.90 14.20
C ARG D 67 26.25 -34.10 13.52
N PHE D 68 26.57 -33.53 12.34
CA PHE D 68 25.65 -32.68 11.60
C PHE D 68 24.42 -33.47 11.14
N CYS D 69 24.65 -34.64 10.57
CA CYS D 69 23.58 -35.55 10.25
C CYS D 69 22.66 -35.86 11.41
N LEU D 70 23.20 -36.22 12.57
CA LEU D 70 22.35 -36.52 13.72
C LEU D 70 21.62 -35.28 14.21
N MET D 71 22.31 -34.16 14.23
CA MET D 71 21.69 -32.91 14.62
C MET D 71 20.52 -32.53 13.71
N VAL D 72 20.65 -32.78 12.42
CA VAL D 72 19.57 -32.51 11.46
C VAL D 72 18.39 -33.42 11.77
N LYS D 73 18.64 -34.72 11.94
CA LYS D 73 17.60 -35.67 12.35
C LYS D 73 16.85 -35.18 13.59
N LYS D 74 17.63 -34.71 14.55
CA LYS D 74 17.11 -34.31 15.83
C LYS D 74 16.27 -33.03 15.69
N GLY D 75 16.47 -32.32 14.58
CA GLY D 75 15.90 -30.98 14.38
C GLY D 75 14.53 -31.04 13.78
N TYR D 76 14.06 -32.27 13.48
CA TYR D 76 12.66 -32.51 13.12
C TYR D 76 11.81 -32.84 14.32
N ARG D 77 10.60 -32.31 14.35
CA ARG D 77 9.57 -32.75 15.30
C ARG D 77 8.78 -33.96 14.76
N ASP D 78 7.66 -34.30 15.41
CA ASP D 78 6.92 -35.53 15.06
C ASP D 78 5.44 -35.36 14.68
N PRO D 79 5.15 -34.49 13.69
CA PRO D 79 3.82 -34.50 13.09
C PRO D 79 3.73 -35.69 12.17
N PRO D 80 2.51 -36.12 11.80
CA PRO D 80 2.36 -37.36 11.04
C PRO D 80 3.18 -37.37 9.76
N TYR D 81 3.27 -36.25 9.05
CA TYR D 81 3.96 -36.25 7.77
C TYR D 81 5.30 -35.47 7.75
N HIS D 82 5.34 -34.28 8.35
CA HIS D 82 6.54 -33.44 8.19
C HIS D 82 7.60 -33.72 9.21
N ASN D 83 8.12 -34.95 9.16
CA ASN D 83 9.02 -35.47 10.18
C ASN D 83 10.28 -35.98 9.53
N TRP D 84 11.22 -36.47 10.34
CA TRP D 84 12.54 -36.84 9.80
C TRP D 84 12.49 -37.89 8.70
N MET D 85 11.47 -38.77 8.73
CA MET D 85 11.40 -39.85 7.75
C MET D 85 11.00 -39.28 6.41
N HIS D 86 10.26 -38.18 6.43
CA HIS D 86 10.03 -37.36 5.22
C HIS D 86 11.35 -36.86 4.64
N ALA D 87 12.06 -36.09 5.44
CA ALA D 87 13.36 -35.57 5.08
C ALA D 87 14.32 -36.66 4.56
N PHE D 88 14.41 -37.77 5.29
CA PHE D 88 15.19 -38.91 4.84
C PHE D 88 14.80 -39.47 3.48
N SER D 89 13.50 -39.66 3.24
CA SER D 89 13.03 -40.19 1.97
C SER D 89 13.20 -39.21 0.80
N VAL D 90 13.04 -37.92 1.09
CA VAL D 90 13.34 -36.88 0.10
C VAL D 90 14.82 -36.90 -0.33
N SER D 91 15.70 -37.02 0.65
CA SER D 91 17.13 -36.98 0.43
C SER D 91 17.54 -38.21 -0.36
N HIS D 92 17.00 -39.37 0.01
CA HIS D 92 17.19 -40.60 -0.72
C HIS D 92 16.81 -40.46 -2.19
N PHE D 93 15.77 -39.70 -2.46
CA PHE D 93 15.35 -39.59 -3.82
C PHE D 93 16.28 -38.64 -4.54
N CYS D 94 16.92 -37.75 -3.81
CA CYS D 94 18.01 -36.99 -4.42
C CYS D 94 19.11 -37.92 -4.87
N TYR D 95 19.47 -38.87 -4.02
CA TYR D 95 20.43 -39.88 -4.38
C TYR D 95 19.95 -40.67 -5.62
N LEU D 96 18.70 -41.13 -5.62
CA LEU D 96 18.19 -41.81 -6.80
C LEU D 96 18.34 -40.97 -8.03
N LEU D 97 18.06 -39.67 -7.93
CA LEU D 97 18.23 -38.76 -9.06
C LEU D 97 19.68 -38.72 -9.55
N TYR D 98 20.65 -38.63 -8.63
CA TYR D 98 22.09 -38.63 -8.99
C TYR D 98 22.51 -39.92 -9.69
N LYS D 99 22.11 -41.06 -9.09
CA LYS D 99 22.47 -42.40 -9.55
C LYS D 99 21.86 -42.78 -10.89
N ASN D 100 20.58 -42.45 -11.09
CA ASN D 100 19.82 -42.96 -12.21
C ASN D 100 19.81 -42.05 -13.44
N LEU D 101 20.06 -40.76 -13.26
CA LEU D 101 19.86 -39.79 -14.35
C LEU D 101 21.19 -39.14 -14.72
N GLU D 102 22.18 -39.32 -13.83
CA GLU D 102 23.46 -38.60 -13.93
C GLU D 102 23.25 -37.11 -14.11
N LEU D 103 23.12 -36.41 -12.99
CA LEU D 103 22.90 -34.97 -12.99
C LEU D 103 24.17 -34.22 -13.37
N THR D 104 25.33 -34.84 -13.08
CA THR D 104 26.64 -34.22 -13.30
C THR D 104 26.96 -33.95 -14.76
N ASN D 105 26.01 -34.12 -15.66
CA ASN D 105 26.15 -33.59 -17.01
C ASN D 105 25.34 -32.30 -17.21
N TYR D 106 24.65 -31.87 -16.15
CA TYR D 106 23.70 -30.73 -16.17
C TYR D 106 24.06 -29.73 -15.06
N LEU D 107 24.71 -30.22 -14.00
CA LEU D 107 24.92 -29.43 -12.80
C LEU D 107 26.32 -29.67 -12.29
N GLU D 108 26.89 -28.67 -11.63
CA GLU D 108 28.21 -28.81 -10.99
C GLU D 108 28.10 -29.69 -9.77
N ASP D 109 29.18 -30.39 -9.45
CA ASP D 109 29.18 -31.35 -8.35
C ASP D 109 28.59 -30.66 -7.13
N ILE D 110 28.76 -29.35 -7.05
CA ILE D 110 28.50 -28.64 -5.81
C ILE D 110 27.03 -28.21 -5.72
N GLU D 111 26.41 -28.02 -6.87
CA GLU D 111 24.97 -27.89 -6.93
C GLU D 111 24.26 -29.18 -6.51
N ILE D 112 24.74 -30.32 -7.02
CA ILE D 112 24.24 -31.61 -6.56
C ILE D 112 24.47 -31.84 -5.08
N PHE D 113 25.58 -31.34 -4.55
CA PHE D 113 25.88 -31.52 -3.13
C PHE D 113 24.84 -30.75 -2.31
N ALA D 114 24.64 -29.48 -2.71
CA ALA D 114 23.84 -28.50 -1.97
C ALA D 114 22.40 -28.96 -1.96
N LEU D 115 22.00 -29.59 -3.06
CA LEU D 115 20.66 -30.10 -3.28
C LEU D 115 20.39 -31.20 -2.28
N PHE D 116 21.30 -32.16 -2.18
CA PHE D 116 21.23 -33.21 -1.15
C PHE D 116 21.20 -32.68 0.26
N ILE D 117 22.05 -31.75 0.57
CA ILE D 117 22.08 -31.27 1.94
C ILE D 117 20.80 -30.49 2.26
N SER D 118 20.28 -29.77 1.26
CA SER D 118 19.02 -29.02 1.40
C SER D 118 17.83 -29.95 1.64
N CYS D 119 17.85 -31.10 0.97
CA CYS D 119 16.80 -32.11 1.11
C CYS D 119 16.73 -32.60 2.55
N MET D 120 17.88 -32.83 3.16
CA MET D 120 17.97 -33.24 4.57
C MET D 120 17.36 -32.15 5.47
N CYS D 121 17.58 -30.90 5.08
CA CYS D 121 17.30 -29.76 5.95
C CYS D 121 16.00 -29.06 5.66
N HIS D 122 15.30 -29.47 4.61
CA HIS D 122 14.35 -28.56 3.98
C HIS D 122 13.07 -28.33 4.78
N ASP D 123 12.75 -29.23 5.73
CA ASP D 123 11.55 -29.07 6.55
C ASP D 123 11.89 -29.08 8.04
N LEU D 124 13.12 -28.64 8.38
CA LEU D 124 13.56 -28.64 9.77
C LEU D 124 12.63 -27.87 10.71
N ASP D 125 12.28 -28.54 11.83
CA ASP D 125 11.44 -27.92 12.86
C ASP D 125 10.03 -27.53 12.36
N HIS D 126 9.53 -28.26 11.39
CA HIS D 126 8.17 -28.10 10.90
C HIS D 126 7.19 -28.43 12.04
N ARG D 127 6.15 -27.61 12.15
CA ARG D 127 5.26 -27.68 13.30
C ARG D 127 3.91 -28.29 12.96
N GLY D 128 3.82 -28.91 11.79
CA GLY D 128 2.60 -29.59 11.38
C GLY D 128 1.56 -28.66 10.79
N THR D 129 1.92 -27.41 10.54
CA THR D 129 0.95 -26.44 10.00
C THR D 129 1.59 -25.70 8.84
N ASN D 130 0.79 -25.22 7.88
CA ASN D 130 1.30 -24.50 6.71
C ASN D 130 1.62 -23.03 7.06
N ASN D 131 1.83 -22.18 6.06
CA ASN D 131 2.27 -20.81 6.31
C ASN D 131 1.17 -19.88 6.72
N SER D 132 0.01 -19.96 6.07
CA SER D 132 -1.06 -19.05 6.46
C SER D 132 -1.50 -19.28 7.89
N PHE D 133 -1.51 -20.53 8.35
CA PHE D 133 -1.61 -20.78 9.81
C PHE D 133 -0.62 -20.04 10.75
N GLN D 134 0.66 -20.01 10.38
CA GLN D 134 1.60 -19.23 11.18
C GLN D 134 1.15 -17.79 11.30
N VAL D 135 0.73 -17.22 10.17
CA VAL D 135 0.33 -15.80 10.10
C VAL D 135 -0.98 -15.56 10.82
N ALA D 136 -2.00 -16.36 10.51
CA ALA D 136 -3.31 -16.29 11.18
C ALA D 136 -3.16 -16.39 12.68
N SER D 137 -2.31 -17.33 13.11
CA SER D 137 -2.09 -17.56 14.51
C SER D 137 -1.08 -16.62 15.18
N LYS D 138 -0.51 -15.68 14.42
CA LYS D 138 0.43 -14.72 14.98
C LYS D 138 1.56 -15.39 15.73
N SER D 139 2.11 -16.44 15.14
CA SER D 139 3.23 -17.12 15.76
C SER D 139 4.48 -16.24 15.75
N VAL D 140 5.51 -16.63 16.49
CA VAL D 140 6.81 -15.97 16.42
C VAL D 140 7.46 -16.14 15.07
N LEU D 141 7.24 -17.28 14.41
CA LEU D 141 7.69 -17.42 13.05
C LEU D 141 7.05 -16.37 12.10
N ALA D 142 5.77 -16.05 12.30
CA ALA D 142 5.12 -15.06 11.46
C ALA D 142 5.72 -13.67 11.74
N ALA D 143 6.02 -13.40 13.01
CA ALA D 143 6.54 -12.09 13.38
C ALA D 143 7.88 -11.90 12.68
N LEU D 144 8.68 -12.96 12.60
CA LEU D 144 10.04 -12.87 11.99
C LEU D 144 9.99 -12.82 10.47
N TYR D 145 9.02 -13.51 9.86
CA TYR D 145 9.11 -13.87 8.45
C TYR D 145 7.92 -13.49 7.60
N SER D 146 6.84 -12.98 8.19
CA SER D 146 5.61 -12.83 7.42
C SER D 146 5.71 -11.83 6.26
N SER D 147 6.33 -10.68 6.52
CA SER D 147 6.44 -9.62 5.50
C SER D 147 7.38 -9.98 4.36
N GLU D 148 8.16 -11.05 4.56
CA GLU D 148 9.00 -11.55 3.50
C GLU D 148 8.42 -12.78 2.76
N GLY D 149 7.41 -13.44 3.30
CA GLY D 149 6.84 -14.62 2.62
C GLY D 149 7.56 -15.92 2.96
N SER D 150 7.00 -17.04 2.53
CA SER D 150 7.59 -18.36 2.71
C SER D 150 7.96 -18.55 4.16
N VAL D 151 7.03 -18.30 5.05
CA VAL D 151 7.31 -18.25 6.44
C VAL D 151 8.03 -19.51 6.93
N MET D 152 7.51 -20.69 6.64
CA MET D 152 8.14 -21.91 7.19
C MET D 152 9.50 -22.19 6.54
N GLU D 153 9.60 -21.94 5.25
CA GLU D 153 10.83 -22.22 4.53
C GLU D 153 11.95 -21.27 4.98
N ARG D 154 11.61 -20.04 5.34
CA ARG D 154 12.60 -19.15 6.00
C ARG D 154 13.12 -19.64 7.34
N HIS D 155 12.22 -20.24 8.10
CA HIS D 155 12.60 -20.91 9.33
C HIS D 155 13.44 -22.18 9.08
N HIS D 156 13.01 -23.05 8.17
CA HIS D 156 13.83 -24.22 7.82
C HIS D 156 15.28 -23.80 7.50
N PHE D 157 15.46 -22.78 6.65
CA PHE D 157 16.81 -22.37 6.26
C PHE D 157 17.61 -21.92 7.49
N ALA D 158 16.95 -21.12 8.32
CA ALA D 158 17.55 -20.55 9.51
C ALA D 158 17.83 -21.58 10.59
N GLN D 159 17.12 -22.70 10.58
CA GLN D 159 17.45 -23.76 11.52
C GLN D 159 18.69 -24.45 11.02
N ALA D 160 18.80 -24.59 9.71
CA ALA D 160 19.96 -25.18 9.09
C ALA D 160 21.22 -24.33 9.35
N ILE D 161 21.11 -23.01 9.28
CA ILE D 161 22.22 -22.13 9.67
C ILE D 161 22.60 -22.32 11.15
N ALA D 162 21.62 -22.51 12.03
CA ALA D 162 21.90 -22.60 13.49
C ALA D 162 22.60 -23.92 13.80
N ILE D 163 22.25 -24.95 13.04
CA ILE D 163 22.94 -26.25 13.09
C ILE D 163 24.36 -26.11 12.56
N LEU D 164 24.54 -25.63 11.33
CA LEU D 164 25.89 -25.47 10.81
C LEU D 164 26.73 -24.71 11.80
N ASN D 165 26.09 -23.80 12.51
CA ASN D 165 26.78 -22.93 13.46
C ASN D 165 26.93 -23.54 14.87
N THR D 166 26.60 -24.82 15.01
CA THR D 166 26.84 -25.49 16.28
C THR D 166 28.28 -26.02 16.22
N HIS D 167 29.01 -25.86 17.34
CA HIS D 167 30.36 -26.40 17.44
C HIS D 167 30.34 -27.85 17.02
N GLY D 168 31.21 -28.20 16.07
CA GLY D 168 31.43 -29.60 15.69
C GLY D 168 30.55 -30.07 14.55
N CYS D 169 29.76 -29.16 13.97
CA CYS D 169 28.72 -29.52 12.98
C CYS D 169 28.87 -28.83 11.63
N ASN D 170 29.82 -27.90 11.50
CA ASN D 170 30.01 -27.23 10.20
C ASN D 170 30.82 -28.02 9.21
N ILE D 171 30.11 -28.76 8.38
CA ILE D 171 30.72 -29.62 7.40
C ILE D 171 31.39 -28.79 6.29
N PHE D 172 31.18 -27.48 6.30
CA PHE D 172 31.64 -26.58 5.25
C PHE D 172 32.77 -25.67 5.68
N ASP D 173 33.25 -25.81 6.92
CA ASP D 173 34.11 -24.79 7.49
C ASP D 173 35.53 -24.76 6.90
N HIS D 174 35.93 -25.84 6.23
CA HIS D 174 37.21 -25.89 5.54
C HIS D 174 37.12 -25.38 4.09
N PHE D 175 35.91 -25.21 3.58
CA PHE D 175 35.72 -24.76 2.21
C PHE D 175 36.37 -23.42 1.95
N SER D 176 36.70 -23.17 0.69
CA SER D 176 37.02 -21.81 0.26
C SER D 176 35.82 -20.91 0.48
N ARG D 177 36.10 -19.63 0.71
CA ARG D 177 35.08 -18.61 0.82
C ARG D 177 34.18 -18.61 -0.40
N LYS D 178 34.77 -18.74 -1.58
CA LYS D 178 33.99 -18.90 -2.79
C LYS D 178 32.97 -20.03 -2.65
N ASP D 179 33.43 -21.20 -2.24
CA ASP D 179 32.58 -22.40 -2.27
C ASP D 179 31.60 -22.42 -1.09
N TYR D 180 32.02 -21.80 0.00
CA TYR D 180 31.24 -21.71 1.22
C TYR D 180 30.06 -20.76 1.08
N GLN D 181 30.34 -19.56 0.58
CA GLN D 181 29.30 -18.66 0.13
C GLN D 181 28.34 -19.33 -0.83
N ARG D 182 28.91 -20.09 -1.75
CA ARG D 182 28.16 -20.76 -2.80
C ARG D 182 27.21 -21.77 -2.18
N MET D 183 27.68 -22.45 -1.14
CA MET D 183 26.86 -23.42 -0.47
CA MET D 183 26.89 -23.42 -0.39
C MET D 183 25.69 -22.71 0.21
N LEU D 184 25.99 -21.73 1.05
CA LEU D 184 24.94 -20.95 1.70
C LEU D 184 23.94 -20.38 0.73
N ASP D 185 24.40 -19.81 -0.39
CA ASP D 185 23.44 -19.26 -1.35
C ASP D 185 22.53 -20.34 -1.96
N LEU D 186 23.11 -21.47 -2.35
CA LEU D 186 22.33 -22.57 -2.95
C LEU D 186 21.34 -23.20 -1.98
N MET D 187 21.76 -23.46 -0.75
CA MET D 187 20.87 -23.95 0.28
C MET D 187 19.68 -23.07 0.51
N ARG D 188 19.90 -21.76 0.65
CA ARG D 188 18.80 -20.84 0.85
C ARG D 188 17.85 -20.85 -0.31
N ASP D 189 18.38 -20.78 -1.52
CA ASP D 189 17.53 -20.78 -2.69
C ASP D 189 16.76 -22.09 -2.89
N ILE D 190 17.39 -23.22 -2.59
CA ILE D 190 16.70 -24.51 -2.76
C ILE D 190 15.65 -24.72 -1.67
N ILE D 191 15.99 -24.51 -0.41
CA ILE D 191 14.97 -24.63 0.64
C ILE D 191 13.82 -23.65 0.39
N LEU D 192 14.12 -22.44 -0.08
CA LEU D 192 13.04 -21.48 -0.43
C LEU D 192 12.11 -21.93 -1.55
N ALA D 193 12.67 -22.66 -2.52
CA ALA D 193 11.90 -23.27 -3.62
C ALA D 193 10.96 -24.40 -3.22
N THR D 194 11.09 -24.90 -1.98
CA THR D 194 10.17 -25.89 -1.46
C THR D 194 8.78 -25.31 -1.11
N ASP D 195 8.67 -23.98 -1.04
CA ASP D 195 7.35 -23.35 -0.90
C ASP D 195 6.60 -23.59 -2.20
N LEU D 196 5.47 -24.28 -2.10
CA LEU D 196 4.60 -24.51 -3.27
C LEU D 196 4.19 -23.20 -3.98
N ALA D 197 4.09 -22.12 -3.21
CA ALA D 197 3.79 -20.78 -3.74
C ALA D 197 4.85 -20.34 -4.76
N HIS D 198 6.10 -20.61 -4.43
CA HIS D 198 7.26 -20.32 -5.27
C HIS D 198 7.33 -21.23 -6.51
N HIS D 199 7.09 -22.52 -6.33
CA HIS D 199 6.95 -23.41 -7.45
C HIS D 199 5.89 -22.96 -8.46
N LEU D 200 4.72 -22.55 -7.98
CA LEU D 200 3.62 -22.23 -8.89
C LEU D 200 3.88 -20.95 -9.66
N ARG D 201 4.73 -20.09 -9.09
CA ARG D 201 5.16 -18.79 -9.57
C ARG D 201 6.16 -18.98 -10.70
N ILE D 202 7.15 -19.83 -10.49
CA ILE D 202 8.14 -20.10 -11.53
C ILE D 202 7.76 -21.21 -12.51
N PHE D 203 6.53 -21.71 -12.43
CA PHE D 203 6.17 -22.88 -13.24
C PHE D 203 6.36 -22.64 -14.75
N LYS D 204 5.98 -21.45 -15.19
CA LYS D 204 6.18 -21.06 -16.59
C LYS D 204 7.63 -20.87 -17.07
N ASP D 205 8.52 -20.43 -16.20
CA ASP D 205 9.96 -20.44 -16.50
C ASP D 205 10.46 -21.87 -16.62
N LEU D 206 9.78 -22.79 -15.94
CA LEU D 206 10.20 -24.18 -15.90
C LEU D 206 9.92 -24.85 -17.24
N GLN D 207 8.65 -24.75 -17.66
CA GLN D 207 8.26 -25.05 -19.06
C GLN D 207 9.17 -24.40 -20.13
N LYS D 208 9.21 -23.08 -20.19
CA LYS D 208 10.10 -22.39 -21.13
C LYS D 208 11.51 -23.00 -21.21
N MET D 209 12.14 -23.29 -20.08
CA MET D 209 13.48 -23.91 -20.10
C MET D 209 13.45 -25.26 -20.80
N ALA D 210 12.29 -25.91 -20.77
CA ALA D 210 12.14 -27.23 -21.32
C ALA D 210 11.94 -27.17 -22.84
N GLU D 211 11.22 -26.15 -23.34
CA GLU D 211 11.08 -25.93 -24.79
C GLU D 211 12.42 -25.56 -25.42
N VAL D 212 12.84 -24.32 -25.22
CA VAL D 212 14.26 -23.90 -25.32
C VAL D 212 15.33 -25.02 -25.19
N GLY D 213 15.31 -25.76 -24.08
CA GLY D 213 16.23 -26.89 -23.86
C GLY D 213 17.34 -26.52 -22.91
N TYR D 214 17.62 -27.42 -21.96
CA TYR D 214 18.55 -27.10 -20.88
C TYR D 214 19.96 -26.73 -21.39
N ASP D 215 20.44 -25.58 -20.94
CA ASP D 215 21.63 -24.97 -21.53
C ASP D 215 22.73 -25.00 -20.48
N ARG D 216 23.61 -25.99 -20.57
CA ARG D 216 24.49 -26.33 -19.47
C ARG D 216 25.42 -25.16 -19.09
N ASN D 217 25.47 -24.13 -19.94
CA ASN D 217 26.35 -22.96 -19.70
C ASN D 217 25.58 -21.75 -19.15
N ASN D 218 24.26 -21.90 -19.07
CA ASN D 218 23.34 -20.83 -18.67
C ASN D 218 22.94 -20.93 -17.18
N LYS D 219 23.55 -20.09 -16.34
CA LYS D 219 23.49 -20.24 -14.88
C LYS D 219 22.09 -20.11 -14.28
N GLN D 220 21.18 -19.47 -15.01
CA GLN D 220 19.79 -19.34 -14.60
C GLN D 220 19.07 -20.67 -14.77
N HIS D 221 19.52 -21.45 -15.75
CA HIS D 221 18.96 -22.77 -16.02
C HIS D 221 19.35 -23.76 -14.93
N HIS D 222 20.57 -23.65 -14.45
CA HIS D 222 21.01 -24.36 -13.27
C HIS D 222 20.13 -24.07 -12.07
N ARG D 223 19.69 -22.82 -11.97
CA ARG D 223 18.89 -22.34 -10.85
C ARG D 223 17.48 -22.88 -10.96
N LEU D 224 16.93 -22.85 -12.17
CA LEU D 224 15.60 -23.42 -12.40
C LEU D 224 15.56 -24.92 -12.18
N LEU D 225 16.61 -25.62 -12.62
CA LEU D 225 16.65 -27.08 -12.55
C LEU D 225 16.72 -27.52 -11.09
N LEU D 226 17.59 -26.89 -10.32
CA LEU D 226 17.62 -27.20 -8.91
C LEU D 226 16.26 -27.11 -8.22
N CYS D 227 15.44 -26.13 -8.62
CA CYS D 227 14.08 -25.96 -8.09
C CYS D 227 13.16 -27.11 -8.42
N LEU D 228 13.15 -27.49 -9.69
CA LEU D 228 12.39 -28.64 -10.16
C LEU D 228 12.80 -29.94 -9.46
N LEU D 229 14.10 -30.13 -9.26
CA LEU D 229 14.60 -31.37 -8.72
C LEU D 229 14.27 -31.47 -7.26
N MET D 230 14.47 -30.36 -6.55
CA MET D 230 13.96 -30.17 -5.19
C MET D 230 12.47 -30.54 -5.03
N THR D 231 11.60 -29.94 -5.84
CA THR D 231 10.16 -30.25 -5.76
C THR D 231 9.81 -31.72 -6.08
N SER D 232 10.59 -32.33 -6.97
CA SER D 232 10.41 -33.72 -7.36
CA SER D 232 10.39 -33.72 -7.35
C SER D 232 10.78 -34.68 -6.23
N CYS D 233 11.83 -34.32 -5.47
CA CYS D 233 12.20 -35.03 -4.25
C CYS D 233 11.20 -34.82 -3.12
N ASP D 234 10.71 -33.58 -2.95
CA ASP D 234 9.69 -33.25 -1.91
C ASP D 234 8.40 -34.11 -2.12
N LEU D 235 8.04 -34.39 -3.38
CA LEU D 235 6.89 -35.26 -3.72
C LEU D 235 7.19 -36.70 -4.20
N SER D 236 8.42 -37.17 -4.02
CA SER D 236 8.84 -38.50 -4.44
C SER D 236 8.07 -39.70 -3.85
N ASP D 237 7.38 -39.53 -2.72
CA ASP D 237 6.42 -40.57 -2.25
C ASP D 237 5.38 -40.93 -3.32
N GLN D 238 5.08 -39.98 -4.19
CA GLN D 238 4.06 -40.18 -5.18
C GLN D 238 4.55 -41.13 -6.27
N THR D 239 5.84 -41.44 -6.30
CA THR D 239 6.42 -42.15 -7.42
C THR D 239 6.69 -43.63 -7.08
N LYS D 240 6.26 -44.05 -5.89
CA LYS D 240 6.38 -45.43 -5.43
C LYS D 240 5.08 -46.21 -5.71
N GLY D 241 4.81 -47.24 -4.91
CA GLY D 241 3.60 -48.04 -5.11
C GLY D 241 2.32 -47.32 -4.72
N TRP D 242 1.19 -48.02 -4.83
CA TRP D 242 -0.06 -47.57 -4.22
C TRP D 242 0.00 -47.59 -2.70
N LYS D 243 0.59 -48.61 -2.10
CA LYS D 243 0.65 -48.71 -0.66
C LYS D 243 1.17 -47.39 -0.07
N THR D 244 2.23 -46.89 -0.67
CA THR D 244 2.92 -45.65 -0.28
C THR D 244 2.09 -44.38 -0.51
N THR D 245 1.42 -44.26 -1.66
CA THR D 245 0.57 -43.08 -1.88
C THR D 245 -0.56 -43.08 -0.89
N ARG D 246 -1.07 -44.26 -0.59
CA ARG D 246 -2.18 -44.43 0.35
C ARG D 246 -1.76 -44.11 1.78
N LYS D 247 -0.58 -44.57 2.18
CA LYS D 247 -0.08 -44.31 3.51
C LYS D 247 0.19 -42.80 3.76
N ILE D 248 0.72 -42.13 2.75
CA ILE D 248 1.11 -40.71 2.85
C ILE D 248 -0.15 -39.81 2.91
N ALA D 249 -1.24 -40.25 2.26
CA ALA D 249 -2.51 -39.50 2.30
C ALA D 249 -3.03 -39.51 3.70
N GLU D 250 -3.02 -40.70 4.26
CA GLU D 250 -3.24 -40.87 5.68
C GLU D 250 -2.50 -39.86 6.54
N LEU D 251 -1.18 -39.82 6.37
CA LEU D 251 -0.32 -38.96 7.17
C LEU D 251 -0.62 -37.51 6.84
N ILE D 252 -0.73 -37.20 5.55
CA ILE D 252 -1.02 -35.83 5.13
C ILE D 252 -2.33 -35.31 5.76
N TYR D 253 -3.43 -36.03 5.55
CA TYR D 253 -4.72 -35.61 6.10
C TYR D 253 -4.86 -35.65 7.61
N LYS D 254 -4.28 -36.65 8.27
CA LYS D 254 -4.14 -36.55 9.72
CA LYS D 254 -4.11 -36.58 9.71
C LYS D 254 -3.52 -35.21 10.16
N GLU D 255 -2.45 -34.80 9.49
CA GLU D 255 -1.81 -33.51 9.78
C GLU D 255 -2.69 -32.30 9.42
N PHE D 256 -3.15 -32.25 8.18
CA PHE D 256 -4.13 -31.27 7.76
C PHE D 256 -5.30 -31.10 8.73
N PHE D 257 -5.86 -32.23 9.19
CA PHE D 257 -7.04 -32.20 10.05
C PHE D 257 -6.79 -31.69 11.47
N SER D 258 -5.65 -32.03 12.06
CA SER D 258 -5.17 -31.31 13.25
C SER D 258 -5.03 -29.82 13.09
N GLN D 259 -4.52 -29.37 11.96
CA GLN D 259 -4.58 -27.93 11.71
C GLN D 259 -6.00 -27.41 11.68
N GLY D 260 -6.86 -28.02 10.86
CA GLY D 260 -8.24 -27.56 10.74
C GLY D 260 -8.92 -27.43 12.08
N ASP D 261 -8.51 -28.25 13.04
CA ASP D 261 -9.14 -28.30 14.36
C ASP D 261 -8.68 -27.12 15.22
N LEU D 262 -7.40 -26.78 15.14
CA LEU D 262 -6.94 -25.49 15.68
C LEU D 262 -7.63 -24.30 15.03
N GLU D 263 -7.75 -24.27 13.71
CA GLU D 263 -8.40 -23.14 13.07
C GLU D 263 -9.87 -22.97 13.52
N LYS D 264 -10.62 -24.08 13.61
CA LYS D 264 -11.97 -24.10 14.26
C LYS D 264 -11.99 -23.52 15.69
N ALA D 265 -11.02 -23.92 16.53
CA ALA D 265 -10.91 -23.41 17.90
C ALA D 265 -10.49 -21.92 18.01
N MET D 266 -10.11 -21.35 16.87
CA MET D 266 -9.73 -19.94 16.80
C MET D 266 -10.89 -19.16 16.19
N GLY D 267 -12.04 -19.84 16.03
CA GLY D 267 -13.18 -19.28 15.32
C GLY D 267 -13.00 -19.16 13.81
N ASN D 268 -11.95 -19.74 13.26
CA ASN D 268 -11.67 -19.67 11.82
C ASN D 268 -12.39 -20.75 11.00
N ARG D 269 -12.53 -20.51 9.69
CA ARG D 269 -13.00 -21.55 8.78
C ARG D 269 -11.82 -22.26 8.09
N PRO D 270 -11.49 -23.50 8.54
CA PRO D 270 -10.40 -24.19 7.91
C PRO D 270 -10.67 -24.17 6.42
N MET D 271 -9.64 -24.09 5.61
CA MET D 271 -9.79 -24.52 4.22
C MET D 271 -10.35 -25.98 4.16
N GLU D 272 -11.08 -26.30 3.12
CA GLU D 272 -11.85 -27.53 3.09
C GLU D 272 -10.97 -28.80 3.20
N MET D 273 -9.86 -28.85 2.45
CA MET D 273 -8.88 -29.94 2.60
C MET D 273 -8.32 -30.13 4.02
N MET D 274 -8.53 -29.17 4.91
CA MET D 274 -8.15 -29.36 6.33
C MET D 274 -9.32 -29.55 7.27
N ASP D 275 -10.52 -29.55 6.70
CA ASP D 275 -11.75 -29.73 7.46
C ASP D 275 -12.16 -31.19 7.38
N ARG D 276 -11.94 -31.95 8.45
CA ARG D 276 -12.29 -33.36 8.43
C ARG D 276 -13.79 -33.64 8.23
N GLU D 277 -14.64 -32.63 8.44
CA GLU D 277 -16.10 -32.73 8.19
C GLU D 277 -16.50 -32.45 6.75
N LYS D 278 -15.63 -31.81 5.99
CA LYS D 278 -15.97 -31.45 4.64
C LYS D 278 -15.03 -32.10 3.65
N ALA D 279 -13.87 -32.53 4.15
CA ALA D 279 -12.82 -33.06 3.28
C ALA D 279 -13.26 -34.41 2.68
N TYR D 280 -13.21 -34.49 1.34
CA TYR D 280 -13.43 -35.73 0.60
C TYR D 280 -12.12 -36.24 -0.05
N ILE D 281 -11.49 -37.21 0.59
CA ILE D 281 -10.08 -37.41 0.36
C ILE D 281 -9.72 -37.73 -1.08
N PRO D 282 -10.43 -38.66 -1.73
CA PRO D 282 -10.08 -39.08 -3.09
C PRO D 282 -10.14 -37.99 -4.16
N GLU D 283 -11.01 -37.01 -3.96
CA GLU D 283 -11.07 -35.86 -4.83
C GLU D 283 -9.81 -35.03 -4.59
N LEU D 284 -9.47 -34.86 -3.32
CA LEU D 284 -8.32 -34.07 -2.89
C LEU D 284 -7.01 -34.64 -3.44
N GLN D 285 -6.89 -35.96 -3.43
CA GLN D 285 -5.67 -36.64 -3.86
C GLN D 285 -5.58 -36.63 -5.36
N ILE D 286 -6.72 -36.82 -5.99
CA ILE D 286 -6.72 -36.91 -7.43
C ILE D 286 -6.32 -35.56 -8.01
N SER D 287 -6.81 -34.49 -7.40
CA SER D 287 -6.52 -33.09 -7.83
C SER D 287 -5.05 -32.73 -7.62
N PHE D 288 -4.52 -33.14 -6.47
CA PHE D 288 -3.11 -32.97 -6.19
C PHE D 288 -2.23 -33.69 -7.23
N MET D 289 -2.58 -34.93 -7.55
CA MET D 289 -1.78 -35.70 -8.50
C MET D 289 -1.89 -35.02 -9.83
N GLU D 290 -3.10 -34.72 -10.24
CA GLU D 290 -3.34 -34.20 -11.57
C GLU D 290 -2.68 -32.82 -11.77
N HIS D 291 -2.85 -31.93 -10.80
CA HIS D 291 -2.52 -30.52 -11.00
C HIS D 291 -1.22 -30.04 -10.41
N ILE D 292 -0.65 -30.84 -9.52
CA ILE D 292 0.54 -30.46 -8.78
C ILE D 292 1.72 -31.45 -8.96
N ALA D 293 1.47 -32.73 -8.68
CA ALA D 293 2.51 -33.76 -8.72
C ALA D 293 2.85 -34.12 -10.16
N MET D 294 1.85 -34.38 -10.97
CA MET D 294 2.08 -34.86 -12.34
C MET D 294 2.78 -33.85 -13.24
N PRO D 295 2.33 -32.58 -13.22
CA PRO D 295 3.06 -31.53 -13.91
C PRO D 295 4.55 -31.50 -13.56
N ILE D 296 4.92 -31.64 -12.28
CA ILE D 296 6.35 -31.73 -11.89
C ILE D 296 7.13 -32.87 -12.62
N TYR D 297 6.51 -34.05 -12.68
CA TYR D 297 7.15 -35.21 -13.27
C TYR D 297 7.10 -35.22 -14.79
N LYS D 298 6.03 -34.71 -15.36
CA LYS D 298 6.00 -34.44 -16.80
C LYS D 298 7.23 -33.62 -17.14
N LEU D 299 7.35 -32.44 -16.50
CA LEU D 299 8.51 -31.58 -16.68
C LEU D 299 9.82 -32.35 -16.62
N LEU D 300 9.95 -33.18 -15.59
CA LEU D 300 11.20 -33.91 -15.34
C LEU D 300 11.45 -35.00 -16.38
N GLN D 301 10.37 -35.57 -16.90
CA GLN D 301 10.42 -36.40 -18.11
C GLN D 301 10.92 -35.59 -19.31
N ASP D 302 10.38 -34.39 -19.51
CA ASP D 302 10.82 -33.53 -20.60
C ASP D 302 12.32 -33.29 -20.66
N LEU D 303 12.98 -33.29 -19.51
CA LEU D 303 14.40 -32.89 -19.42
C LEU D 303 15.29 -34.12 -19.37
N PHE D 304 14.79 -35.17 -18.73
CA PHE D 304 15.48 -36.45 -18.64
C PHE D 304 14.52 -37.54 -19.11
N PRO D 305 14.75 -38.05 -20.31
CA PRO D 305 13.94 -39.14 -20.85
C PRO D 305 13.98 -40.39 -19.97
N LYS D 306 15.12 -40.65 -19.32
CA LYS D 306 15.24 -41.69 -18.28
C LYS D 306 14.21 -41.61 -17.12
N ALA D 307 13.56 -40.45 -16.95
CA ALA D 307 12.62 -40.23 -15.86
C ALA D 307 11.19 -40.65 -16.21
N ALA D 308 11.01 -41.24 -17.39
CA ALA D 308 9.69 -41.67 -17.87
C ALA D 308 8.89 -42.50 -16.86
N GLU D 309 9.56 -43.41 -16.15
CA GLU D 309 8.85 -44.33 -15.27
C GLU D 309 8.25 -43.66 -14.05
N LEU D 310 8.89 -42.58 -13.61
CA LEU D 310 8.40 -41.77 -12.49
C LEU D 310 7.09 -41.11 -12.85
N TYR D 311 7.06 -40.46 -14.00
CA TYR D 311 5.85 -39.85 -14.46
C TYR D 311 4.73 -40.86 -14.61
N GLU D 312 5.04 -42.00 -15.22
CA GLU D 312 4.07 -43.06 -15.45
C GLU D 312 3.54 -43.70 -14.18
N ARG D 313 4.38 -43.77 -13.13
CA ARG D 313 3.97 -44.27 -11.80
C ARG D 313 3.04 -43.32 -11.04
N VAL D 314 3.36 -42.03 -11.08
CA VAL D 314 2.48 -40.99 -10.58
C VAL D 314 1.13 -41.01 -11.31
N ALA D 315 1.13 -40.95 -12.65
CA ALA D 315 -0.12 -41.17 -13.39
C ALA D 315 -0.83 -42.47 -12.97
N SER D 316 -0.08 -43.57 -12.96
CA SER D 316 -0.59 -44.85 -12.49
C SER D 316 -1.27 -44.69 -11.14
N ASN D 317 -0.62 -43.99 -10.22
CA ASN D 317 -1.14 -43.85 -8.86
C ASN D 317 -2.41 -43.01 -8.79
N ARG D 318 -2.53 -42.00 -9.66
CA ARG D 318 -3.78 -41.24 -9.84
C ARG D 318 -4.95 -42.09 -10.31
N GLU D 319 -4.71 -42.96 -11.30
CA GLU D 319 -5.71 -43.90 -11.76
C GLU D 319 -6.18 -44.80 -10.62
N HIS D 320 -5.28 -45.14 -9.72
CA HIS D 320 -5.69 -45.97 -8.62
C HIS D 320 -6.67 -45.27 -7.70
N TRP D 321 -6.39 -44.01 -7.34
CA TRP D 321 -7.30 -43.27 -6.48
C TRP D 321 -8.67 -43.24 -7.14
N THR D 322 -8.69 -42.99 -8.44
CA THR D 322 -9.95 -42.95 -9.18
C THR D 322 -10.75 -44.25 -8.99
N LYS D 323 -10.05 -45.37 -8.97
CA LYS D 323 -10.73 -46.64 -8.93
C LYS D 323 -10.98 -47.18 -7.53
N VAL D 324 -10.51 -46.50 -6.49
CA VAL D 324 -10.97 -46.85 -5.13
C VAL D 324 -11.92 -45.82 -4.53
N SER D 325 -12.20 -44.76 -5.27
CA SER D 325 -12.99 -43.64 -4.77
CA SER D 325 -12.98 -43.65 -4.78
C SER D 325 -14.32 -44.14 -4.23
N HIS D 326 -14.89 -45.14 -4.91
CA HIS D 326 -16.22 -45.63 -4.60
C HIS D 326 -16.34 -46.20 -3.20
N LYS D 327 -15.22 -46.66 -2.65
CA LYS D 327 -15.17 -47.17 -1.28
C LYS D 327 -15.42 -46.07 -0.25
N PHE D 328 -15.54 -44.82 -0.72
CA PHE D 328 -15.75 -43.68 0.19
C PHE D 328 -17.23 -43.35 0.30
N THR D 329 -18.04 -44.02 -0.52
CA THR D 329 -19.49 -44.06 -0.32
C THR D 329 -19.89 -45.36 0.37
N ILE D 330 -20.67 -45.25 1.44
CA ILE D 330 -21.08 -46.42 2.18
C ILE D 330 -22.23 -47.11 1.46
N ARG D 331 -21.90 -48.23 0.83
CA ARG D 331 -22.87 -49.14 0.24
C ARG D 331 -23.10 -50.38 1.13
N GLY D 332 -24.26 -51.02 0.99
CA GLY D 332 -24.65 -52.00 1.98
C GLY D 332 -24.87 -51.37 3.34
N LEU D 333 -24.56 -52.15 4.38
CA LEU D 333 -24.59 -51.67 5.75
C LEU D 333 -23.16 -51.44 6.24
N PRO D 334 -22.96 -50.49 7.16
CA PRO D 334 -21.70 -50.49 7.90
C PRO D 334 -21.33 -51.91 8.34
N SER D 335 -20.06 -52.14 8.63
CA SER D 335 -19.57 -53.49 8.93
C SER D 335 -20.20 -54.12 10.16
N ASN D 336 -20.85 -53.30 10.99
CA ASN D 336 -21.52 -53.80 12.18
C ASN D 336 -23.00 -54.04 11.99
N ASN D 337 -23.46 -53.93 10.74
CA ASN D 337 -24.87 -54.17 10.41
C ASN D 337 -25.82 -53.20 11.07
N SER D 338 -25.33 -52.00 11.36
CA SER D 338 -26.19 -51.02 12.00
C SER D 338 -26.17 -49.70 11.25
N LEU D 339 -27.21 -48.90 11.44
CA LEU D 339 -27.25 -47.57 10.88
C LEU D 339 -27.25 -46.52 11.97
N ASP D 340 -26.93 -46.97 13.20
CA ASP D 340 -26.89 -46.08 14.38
C ASP D 340 -25.99 -44.87 14.16
N PHE D 341 -25.00 -45.05 13.29
CA PHE D 341 -24.08 -43.97 12.92
C PHE D 341 -24.80 -42.71 12.43
N LEU D 342 -26.08 -42.82 12.11
CA LEU D 342 -26.80 -41.69 11.56
C LEU D 342 -27.20 -40.65 12.61
#